data_1K6K
# 
_entry.id   1K6K 
# 
_audit_conform.dict_name       mmcif_pdbx.dic 
_audit_conform.dict_version    5.389 
_audit_conform.dict_location   http://mmcif.pdb.org/dictionaries/ascii/mmcif_pdbx.dic 
# 
loop_
_database_2.database_id 
_database_2.database_code 
_database_2.pdbx_database_accession 
_database_2.pdbx_DOI 
PDB   1K6K         pdb_00001k6k 10.2210/pdb1k6k/pdb 
RCSB  RCSB014623   ?            ?                   
WWPDB D_1000014623 ?            ?                   
# 
loop_
_pdbx_audit_revision_history.ordinal 
_pdbx_audit_revision_history.data_content_type 
_pdbx_audit_revision_history.major_revision 
_pdbx_audit_revision_history.minor_revision 
_pdbx_audit_revision_history.revision_date 
1 'Structure model' 1 0 2002-09-27 
2 'Structure model' 1 1 2008-04-27 
3 'Structure model' 1 2 2011-07-13 
4 'Structure model' 1 3 2024-02-07 
5 'Structure model' 1 4 2024-04-03 
# 
_pdbx_audit_revision_details.ordinal             1 
_pdbx_audit_revision_details.revision_ordinal    1 
_pdbx_audit_revision_details.data_content_type   'Structure model' 
_pdbx_audit_revision_details.provider            repository 
_pdbx_audit_revision_details.type                'Initial release' 
_pdbx_audit_revision_details.description         ? 
_pdbx_audit_revision_details.details             ? 
# 
loop_
_pdbx_audit_revision_group.ordinal 
_pdbx_audit_revision_group.revision_ordinal 
_pdbx_audit_revision_group.data_content_type 
_pdbx_audit_revision_group.group 
1 2 'Structure model' 'Version format compliance' 
2 3 'Structure model' 'Version format compliance' 
3 4 'Structure model' 'Data collection'           
4 4 'Structure model' 'Database references'       
5 5 'Structure model' 'Refinement description'    
# 
loop_
_pdbx_audit_revision_category.ordinal 
_pdbx_audit_revision_category.revision_ordinal 
_pdbx_audit_revision_category.data_content_type 
_pdbx_audit_revision_category.category 
1 4 'Structure model' chem_comp_atom                
2 4 'Structure model' chem_comp_bond                
3 4 'Structure model' database_2                    
4 5 'Structure model' pdbx_initial_refinement_model 
# 
loop_
_pdbx_audit_revision_item.ordinal 
_pdbx_audit_revision_item.revision_ordinal 
_pdbx_audit_revision_item.data_content_type 
_pdbx_audit_revision_item.item 
1 4 'Structure model' '_database_2.pdbx_DOI'                
2 4 'Structure model' '_database_2.pdbx_database_accession' 
# 
_pdbx_database_status.status_code                     REL 
_pdbx_database_status.entry_id                        1K6K 
_pdbx_database_status.recvd_initial_deposition_date   2001-10-16 
_pdbx_database_status.deposit_site                    RCSB 
_pdbx_database_status.process_site                    RCSB 
_pdbx_database_status.status_code_sf                  ? 
_pdbx_database_status.status_code_mr                  ? 
_pdbx_database_status.SG_entry                        N 
_pdbx_database_status.pdb_format_compatible           Y 
_pdbx_database_status.status_code_cs                  ? 
_pdbx_database_status.status_code_nmr_data            ? 
_pdbx_database_status.methods_development_category    ? 
# 
_pdbx_database_related.db_name        PDB 
_pdbx_database_related.db_id          1KSF 
_pdbx_database_related.details        . 
_pdbx_database_related.content_type   unspecified 
# 
loop_
_audit_author.name 
_audit_author.pdbx_ordinal 
'Guo, F.'       1 
'Maurizi, M.R.' 2 
'Esser, L.'     3 
'Xia, D.'       4 
# 
_citation.id                        primary 
_citation.title                     'Crystal structure of ClpA, an HSP100 chaperone and regulator of ClpAP protease' 
_citation.journal_abbrev            J.Biol.Chem. 
_citation.journal_volume            277 
_citation.page_first                46743 
_citation.page_last                 46752 
_citation.year                      2002 
_citation.journal_id_ASTM           JBCHA3 
_citation.country                   US 
_citation.journal_id_ISSN           0021-9258 
_citation.journal_id_CSD            0071 
_citation.book_publisher            ? 
_citation.pdbx_database_id_PubMed   12205096 
_citation.pdbx_database_id_DOI      10.1074/jbc.M207796200 
# 
loop_
_citation_author.citation_id 
_citation_author.name 
_citation_author.ordinal 
_citation_author.identifier_ORCID 
primary 'Guo, F.'       1 ? 
primary 'Maurizi, M.R.' 2 ? 
primary 'Esser, L.'     3 ? 
primary 'Xia, D.'       4 ? 
# 
loop_
_entity.id 
_entity.type 
_entity.src_method 
_entity.pdbx_description 
_entity.formula_weight 
_entity.pdbx_number_of_molecules 
_entity.pdbx_ec 
_entity.pdbx_mutation 
_entity.pdbx_fragment 
_entity.details 
1 polymer man 'ATP-DEPENDENT CLP PROTEASE ATP-BINDING SUBUNIT CLPA' 16200.268 1  ? ? 'N-terminal, residues 1-143' ? 
2 water   nat water                                                 18.015    69 ? ? ?                            ? 
# 
_entity_name_com.entity_id   1 
_entity_name_com.name        'ATP-binding component of serine protease; endopeptidase Clp ATP-binding chain A' 
# 
_entity_poly.entity_id                      1 
_entity_poly.type                           'polypeptide(L)' 
_entity_poly.nstd_linkage                   no 
_entity_poly.nstd_monomer                   no 
_entity_poly.pdbx_seq_one_letter_code       
;MLNQELELSLNMAFARAREHRHEFMTVEHLLLALLSNPSAREALEACSVDLVALRQELEAFIEQTTPVLPASEEERDTQP
TLSFQRVLQRAVFHVQSSGRNEVTGANVLVAIFSEQESQAAYLLRKHEVSRLDVVNFISHGTR
;
_entity_poly.pdbx_seq_one_letter_code_can   
;MLNQELELSLNMAFARAREHRHEFMTVEHLLLALLSNPSAREALEACSVDLVALRQELEAFIEQTTPVLPASEEERDTQP
TLSFQRVLQRAVFHVQSSGRNEVTGANVLVAIFSEQESQAAYLLRKHEVSRLDVVNFISHGTR
;
_entity_poly.pdbx_strand_id                 A 
_entity_poly.pdbx_target_identifier         ? 
# 
_pdbx_entity_nonpoly.entity_id   2 
_pdbx_entity_nonpoly.name        water 
_pdbx_entity_nonpoly.comp_id     HOH 
# 
loop_
_entity_poly_seq.entity_id 
_entity_poly_seq.num 
_entity_poly_seq.mon_id 
_entity_poly_seq.hetero 
1 1   MET n 
1 2   LEU n 
1 3   ASN n 
1 4   GLN n 
1 5   GLU n 
1 6   LEU n 
1 7   GLU n 
1 8   LEU n 
1 9   SER n 
1 10  LEU n 
1 11  ASN n 
1 12  MET n 
1 13  ALA n 
1 14  PHE n 
1 15  ALA n 
1 16  ARG n 
1 17  ALA n 
1 18  ARG n 
1 19  GLU n 
1 20  HIS n 
1 21  ARG n 
1 22  HIS n 
1 23  GLU n 
1 24  PHE n 
1 25  MET n 
1 26  THR n 
1 27  VAL n 
1 28  GLU n 
1 29  HIS n 
1 30  LEU n 
1 31  LEU n 
1 32  LEU n 
1 33  ALA n 
1 34  LEU n 
1 35  LEU n 
1 36  SER n 
1 37  ASN n 
1 38  PRO n 
1 39  SER n 
1 40  ALA n 
1 41  ARG n 
1 42  GLU n 
1 43  ALA n 
1 44  LEU n 
1 45  GLU n 
1 46  ALA n 
1 47  CYS n 
1 48  SER n 
1 49  VAL n 
1 50  ASP n 
1 51  LEU n 
1 52  VAL n 
1 53  ALA n 
1 54  LEU n 
1 55  ARG n 
1 56  GLN n 
1 57  GLU n 
1 58  LEU n 
1 59  GLU n 
1 60  ALA n 
1 61  PHE n 
1 62  ILE n 
1 63  GLU n 
1 64  GLN n 
1 65  THR n 
1 66  THR n 
1 67  PRO n 
1 68  VAL n 
1 69  LEU n 
1 70  PRO n 
1 71  ALA n 
1 72  SER n 
1 73  GLU n 
1 74  GLU n 
1 75  GLU n 
1 76  ARG n 
1 77  ASP n 
1 78  THR n 
1 79  GLN n 
1 80  PRO n 
1 81  THR n 
1 82  LEU n 
1 83  SER n 
1 84  PHE n 
1 85  GLN n 
1 86  ARG n 
1 87  VAL n 
1 88  LEU n 
1 89  GLN n 
1 90  ARG n 
1 91  ALA n 
1 92  VAL n 
1 93  PHE n 
1 94  HIS n 
1 95  VAL n 
1 96  GLN n 
1 97  SER n 
1 98  SER n 
1 99  GLY n 
1 100 ARG n 
1 101 ASN n 
1 102 GLU n 
1 103 VAL n 
1 104 THR n 
1 105 GLY n 
1 106 ALA n 
1 107 ASN n 
1 108 VAL n 
1 109 LEU n 
1 110 VAL n 
1 111 ALA n 
1 112 ILE n 
1 113 PHE n 
1 114 SER n 
1 115 GLU n 
1 116 GLN n 
1 117 GLU n 
1 118 SER n 
1 119 GLN n 
1 120 ALA n 
1 121 ALA n 
1 122 TYR n 
1 123 LEU n 
1 124 LEU n 
1 125 ARG n 
1 126 LYS n 
1 127 HIS n 
1 128 GLU n 
1 129 VAL n 
1 130 SER n 
1 131 ARG n 
1 132 LEU n 
1 133 ASP n 
1 134 VAL n 
1 135 VAL n 
1 136 ASN n 
1 137 PHE n 
1 138 ILE n 
1 139 SER n 
1 140 HIS n 
1 141 GLY n 
1 142 THR n 
1 143 ARG n 
# 
_entity_src_gen.entity_id                          1 
_entity_src_gen.pdbx_src_id                        1 
_entity_src_gen.pdbx_alt_source_flag               sample 
_entity_src_gen.pdbx_seq_type                      ? 
_entity_src_gen.pdbx_beg_seq_num                   ? 
_entity_src_gen.pdbx_end_seq_num                   ? 
_entity_src_gen.gene_src_common_name               ? 
_entity_src_gen.gene_src_genus                     Escherichia 
_entity_src_gen.pdbx_gene_src_gene                 ? 
_entity_src_gen.gene_src_species                   ? 
_entity_src_gen.gene_src_strain                    ? 
_entity_src_gen.gene_src_tissue                    ? 
_entity_src_gen.gene_src_tissue_fraction           ? 
_entity_src_gen.gene_src_details                   ? 
_entity_src_gen.pdbx_gene_src_fragment             ? 
_entity_src_gen.pdbx_gene_src_scientific_name      'Escherichia coli' 
_entity_src_gen.pdbx_gene_src_ncbi_taxonomy_id     562 
_entity_src_gen.pdbx_gene_src_variant              ? 
_entity_src_gen.pdbx_gene_src_cell_line            ? 
_entity_src_gen.pdbx_gene_src_atcc                 ? 
_entity_src_gen.pdbx_gene_src_organ                ? 
_entity_src_gen.pdbx_gene_src_organelle            ? 
_entity_src_gen.pdbx_gene_src_cell                 ? 
_entity_src_gen.pdbx_gene_src_cellular_location    ? 
_entity_src_gen.host_org_common_name               ? 
_entity_src_gen.pdbx_host_org_scientific_name      'Escherichia coli' 
_entity_src_gen.pdbx_host_org_ncbi_taxonomy_id     562 
_entity_src_gen.host_org_genus                     Escherichia 
_entity_src_gen.pdbx_host_org_gene                 ? 
_entity_src_gen.pdbx_host_org_organ                ? 
_entity_src_gen.host_org_species                   ? 
_entity_src_gen.pdbx_host_org_tissue               ? 
_entity_src_gen.pdbx_host_org_tissue_fraction      ? 
_entity_src_gen.pdbx_host_org_strain               ? 
_entity_src_gen.pdbx_host_org_variant              ? 
_entity_src_gen.pdbx_host_org_cell_line            ? 
_entity_src_gen.pdbx_host_org_atcc                 ? 
_entity_src_gen.pdbx_host_org_culture_collection   ? 
_entity_src_gen.pdbx_host_org_cell                 ? 
_entity_src_gen.pdbx_host_org_organelle            ? 
_entity_src_gen.pdbx_host_org_cellular_location    ? 
_entity_src_gen.pdbx_host_org_vector_type          ? 
_entity_src_gen.pdbx_host_org_vector               ? 
_entity_src_gen.host_org_details                   ? 
_entity_src_gen.expression_system_id               ? 
_entity_src_gen.plasmid_name                       ? 
_entity_src_gen.plasmid_details                    ? 
_entity_src_gen.pdbx_description                   ? 
# 
loop_
_chem_comp.id 
_chem_comp.type 
_chem_comp.mon_nstd_flag 
_chem_comp.name 
_chem_comp.pdbx_synonyms 
_chem_comp.formula 
_chem_comp.formula_weight 
ALA 'L-peptide linking' y ALANINE         ? 'C3 H7 N O2'     89.093  
ARG 'L-peptide linking' y ARGININE        ? 'C6 H15 N4 O2 1' 175.209 
ASN 'L-peptide linking' y ASPARAGINE      ? 'C4 H8 N2 O3'    132.118 
ASP 'L-peptide linking' y 'ASPARTIC ACID' ? 'C4 H7 N O4'     133.103 
CYS 'L-peptide linking' y CYSTEINE        ? 'C3 H7 N O2 S'   121.158 
GLN 'L-peptide linking' y GLUTAMINE       ? 'C5 H10 N2 O3'   146.144 
GLU 'L-peptide linking' y 'GLUTAMIC ACID' ? 'C5 H9 N O4'     147.129 
GLY 'peptide linking'   y GLYCINE         ? 'C2 H5 N O2'     75.067  
HIS 'L-peptide linking' y HISTIDINE       ? 'C6 H10 N3 O2 1' 156.162 
HOH non-polymer         . WATER           ? 'H2 O'           18.015  
ILE 'L-peptide linking' y ISOLEUCINE      ? 'C6 H13 N O2'    131.173 
LEU 'L-peptide linking' y LEUCINE         ? 'C6 H13 N O2'    131.173 
LYS 'L-peptide linking' y LYSINE          ? 'C6 H15 N2 O2 1' 147.195 
MET 'L-peptide linking' y METHIONINE      ? 'C5 H11 N O2 S'  149.211 
PHE 'L-peptide linking' y PHENYLALANINE   ? 'C9 H11 N O2'    165.189 
PRO 'L-peptide linking' y PROLINE         ? 'C5 H9 N O2'     115.130 
SER 'L-peptide linking' y SERINE          ? 'C3 H7 N O3'     105.093 
THR 'L-peptide linking' y THREONINE       ? 'C4 H9 N O3'     119.119 
TYR 'L-peptide linking' y TYROSINE        ? 'C9 H11 N O3'    181.189 
VAL 'L-peptide linking' y VALINE          ? 'C5 H11 N O2'    117.146 
# 
loop_
_pdbx_poly_seq_scheme.asym_id 
_pdbx_poly_seq_scheme.entity_id 
_pdbx_poly_seq_scheme.seq_id 
_pdbx_poly_seq_scheme.mon_id 
_pdbx_poly_seq_scheme.ndb_seq_num 
_pdbx_poly_seq_scheme.pdb_seq_num 
_pdbx_poly_seq_scheme.auth_seq_num 
_pdbx_poly_seq_scheme.pdb_mon_id 
_pdbx_poly_seq_scheme.auth_mon_id 
_pdbx_poly_seq_scheme.pdb_strand_id 
_pdbx_poly_seq_scheme.pdb_ins_code 
_pdbx_poly_seq_scheme.hetero 
A 1 1   MET 1   1   1   MET MET A . n 
A 1 2   LEU 2   2   2   LEU LEU A . n 
A 1 3   ASN 3   3   3   ASN ASN A . n 
A 1 4   GLN 4   4   4   GLN GLN A . n 
A 1 5   GLU 5   5   5   GLU GLU A . n 
A 1 6   LEU 6   6   6   LEU LEU A . n 
A 1 7   GLU 7   7   7   GLU GLU A . n 
A 1 8   LEU 8   8   8   LEU LEU A . n 
A 1 9   SER 9   9   9   SER SER A . n 
A 1 10  LEU 10  10  10  LEU LEU A . n 
A 1 11  ASN 11  11  11  ASN ASN A . n 
A 1 12  MET 12  12  12  MET MET A . n 
A 1 13  ALA 13  13  13  ALA ALA A . n 
A 1 14  PHE 14  14  14  PHE PHE A . n 
A 1 15  ALA 15  15  15  ALA ALA A . n 
A 1 16  ARG 16  16  16  ARG ARG A . n 
A 1 17  ALA 17  17  17  ALA ALA A . n 
A 1 18  ARG 18  18  18  ARG ARG A . n 
A 1 19  GLU 19  19  19  GLU GLU A . n 
A 1 20  HIS 20  20  20  HIS HIS A . n 
A 1 21  ARG 21  21  21  ARG ARG A . n 
A 1 22  HIS 22  22  22  HIS HIS A . n 
A 1 23  GLU 23  23  23  GLU GLU A . n 
A 1 24  PHE 24  24  24  PHE PHE A . n 
A 1 25  MET 25  25  25  MET MET A . n 
A 1 26  THR 26  26  26  THR THR A . n 
A 1 27  VAL 27  27  27  VAL VAL A . n 
A 1 28  GLU 28  28  28  GLU GLU A . n 
A 1 29  HIS 29  29  29  HIS HIS A . n 
A 1 30  LEU 30  30  30  LEU LEU A . n 
A 1 31  LEU 31  31  31  LEU LEU A . n 
A 1 32  LEU 32  32  32  LEU LEU A . n 
A 1 33  ALA 33  33  33  ALA ALA A . n 
A 1 34  LEU 34  34  34  LEU LEU A . n 
A 1 35  LEU 35  35  35  LEU LEU A . n 
A 1 36  SER 36  36  36  SER SER A . n 
A 1 37  ASN 37  37  37  ASN ASN A . n 
A 1 38  PRO 38  38  38  PRO PRO A . n 
A 1 39  SER 39  39  39  SER SER A . n 
A 1 40  ALA 40  40  40  ALA ALA A . n 
A 1 41  ARG 41  41  41  ARG ARG A . n 
A 1 42  GLU 42  42  42  GLU GLU A . n 
A 1 43  ALA 43  43  43  ALA ALA A . n 
A 1 44  LEU 44  44  44  LEU LEU A . n 
A 1 45  GLU 45  45  45  GLU GLU A . n 
A 1 46  ALA 46  46  46  ALA ALA A . n 
A 1 47  CYS 47  47  47  CYS CYS A . n 
A 1 48  SER 48  48  48  SER SER A . n 
A 1 49  VAL 49  49  49  VAL VAL A . n 
A 1 50  ASP 50  50  50  ASP ASP A . n 
A 1 51  LEU 51  51  51  LEU LEU A . n 
A 1 52  VAL 52  52  52  VAL VAL A . n 
A 1 53  ALA 53  53  53  ALA ALA A . n 
A 1 54  LEU 54  54  54  LEU LEU A . n 
A 1 55  ARG 55  55  55  ARG ARG A . n 
A 1 56  GLN 56  56  56  GLN GLN A . n 
A 1 57  GLU 57  57  57  GLU GLU A . n 
A 1 58  LEU 58  58  58  LEU LEU A . n 
A 1 59  GLU 59  59  59  GLU GLU A . n 
A 1 60  ALA 60  60  60  ALA ALA A . n 
A 1 61  PHE 61  61  61  PHE PHE A . n 
A 1 62  ILE 62  62  62  ILE ILE A . n 
A 1 63  GLU 63  63  63  GLU GLU A . n 
A 1 64  GLN 64  64  64  GLN GLN A . n 
A 1 65  THR 65  65  65  THR THR A . n 
A 1 66  THR 66  66  66  THR THR A . n 
A 1 67  PRO 67  67  67  PRO PRO A . n 
A 1 68  VAL 68  68  68  VAL VAL A . n 
A 1 69  LEU 69  69  69  LEU LEU A . n 
A 1 70  PRO 70  70  70  PRO PRO A . n 
A 1 71  ALA 71  71  71  ALA ALA A . n 
A 1 72  SER 72  72  72  SER SER A . n 
A 1 73  GLU 73  73  73  GLU GLU A . n 
A 1 74  GLU 74  74  74  GLU GLU A . n 
A 1 75  GLU 75  75  75  GLU GLU A . n 
A 1 76  ARG 76  76  76  ARG ARG A . n 
A 1 77  ASP 77  77  77  ASP ASP A . n 
A 1 78  THR 78  78  78  THR THR A . n 
A 1 79  GLN 79  79  79  GLN GLN A . n 
A 1 80  PRO 80  80  80  PRO PRO A . n 
A 1 81  THR 81  81  81  THR THR A . n 
A 1 82  LEU 82  82  82  LEU LEU A . n 
A 1 83  SER 83  83  83  SER SER A . n 
A 1 84  PHE 84  84  84  PHE PHE A . n 
A 1 85  GLN 85  85  85  GLN GLN A . n 
A 1 86  ARG 86  86  86  ARG ARG A . n 
A 1 87  VAL 87  87  87  VAL VAL A . n 
A 1 88  LEU 88  88  88  LEU LEU A . n 
A 1 89  GLN 89  89  89  GLN GLN A . n 
A 1 90  ARG 90  90  90  ARG ARG A . n 
A 1 91  ALA 91  91  91  ALA ALA A . n 
A 1 92  VAL 92  92  92  VAL VAL A . n 
A 1 93  PHE 93  93  93  PHE PHE A . n 
A 1 94  HIS 94  94  94  HIS HIS A . n 
A 1 95  VAL 95  95  95  VAL VAL A . n 
A 1 96  GLN 96  96  96  GLN GLN A . n 
A 1 97  SER 97  97  97  SER SER A . n 
A 1 98  SER 98  98  98  SER SER A . n 
A 1 99  GLY 99  99  99  GLY GLY A . n 
A 1 100 ARG 100 100 100 ARG ARG A . n 
A 1 101 ASN 101 101 101 ASN ASN A . n 
A 1 102 GLU 102 102 102 GLU GLU A . n 
A 1 103 VAL 103 103 103 VAL VAL A . n 
A 1 104 THR 104 104 104 THR THR A . n 
A 1 105 GLY 105 105 105 GLY GLY A . n 
A 1 106 ALA 106 106 106 ALA ALA A . n 
A 1 107 ASN 107 107 107 ASN ASN A . n 
A 1 108 VAL 108 108 108 VAL VAL A . n 
A 1 109 LEU 109 109 109 LEU LEU A . n 
A 1 110 VAL 110 110 110 VAL VAL A . n 
A 1 111 ALA 111 111 111 ALA ALA A . n 
A 1 112 ILE 112 112 112 ILE ILE A . n 
A 1 113 PHE 113 113 113 PHE PHE A . n 
A 1 114 SER 114 114 114 SER SER A . n 
A 1 115 GLU 115 115 115 GLU GLU A . n 
A 1 116 GLN 116 116 116 GLN GLN A . n 
A 1 117 GLU 117 117 117 GLU GLU A . n 
A 1 118 SER 118 118 118 SER SER A . n 
A 1 119 GLN 119 119 119 GLN GLN A . n 
A 1 120 ALA 120 120 120 ALA ALA A . n 
A 1 121 ALA 121 121 121 ALA ALA A . n 
A 1 122 TYR 122 122 122 TYR TYR A . n 
A 1 123 LEU 123 123 123 LEU LEU A . n 
A 1 124 LEU 124 124 124 LEU LEU A . n 
A 1 125 ARG 125 125 125 ARG ARG A . n 
A 1 126 LYS 126 126 126 LYS LYS A . n 
A 1 127 HIS 127 127 127 HIS HIS A . n 
A 1 128 GLU 128 128 128 GLU GLU A . n 
A 1 129 VAL 129 129 129 VAL VAL A . n 
A 1 130 SER 130 130 130 SER SER A . n 
A 1 131 ARG 131 131 131 ARG ARG A . n 
A 1 132 LEU 132 132 132 LEU LEU A . n 
A 1 133 ASP 133 133 133 ASP ASP A . n 
A 1 134 VAL 134 134 134 VAL VAL A . n 
A 1 135 VAL 135 135 135 VAL VAL A . n 
A 1 136 ASN 136 136 136 ASN ASN A . n 
A 1 137 PHE 137 137 137 PHE PHE A . n 
A 1 138 ILE 138 138 138 ILE ILE A . n 
A 1 139 SER 139 139 139 SER SER A . n 
A 1 140 HIS 140 140 140 HIS HIS A . n 
A 1 141 GLY 141 141 141 GLY GLY A . n 
A 1 142 THR 142 142 142 THR THR A . n 
A 1 143 ARG 143 143 ?   ?   ?   A . n 
# 
loop_
_pdbx_nonpoly_scheme.asym_id 
_pdbx_nonpoly_scheme.entity_id 
_pdbx_nonpoly_scheme.mon_id 
_pdbx_nonpoly_scheme.ndb_seq_num 
_pdbx_nonpoly_scheme.pdb_seq_num 
_pdbx_nonpoly_scheme.auth_seq_num 
_pdbx_nonpoly_scheme.pdb_mon_id 
_pdbx_nonpoly_scheme.auth_mon_id 
_pdbx_nonpoly_scheme.pdb_strand_id 
_pdbx_nonpoly_scheme.pdb_ins_code 
B 2 HOH 1  201 201 HOH HOH A . 
B 2 HOH 2  202 202 HOH HOH A . 
B 2 HOH 3  203 203 HOH HOH A . 
B 2 HOH 4  204 204 HOH HOH A . 
B 2 HOH 5  205 205 HOH HOH A . 
B 2 HOH 6  206 206 HOH HOH A . 
B 2 HOH 7  207 207 HOH HOH A . 
B 2 HOH 8  208 208 HOH HOH A . 
B 2 HOH 9  209 209 HOH HOH A . 
B 2 HOH 10 210 210 HOH HOH A . 
B 2 HOH 11 211 211 HOH HOH A . 
B 2 HOH 12 212 212 HOH HOH A . 
B 2 HOH 13 213 213 HOH HOH A . 
B 2 HOH 14 214 214 HOH HOH A . 
B 2 HOH 15 215 215 HOH HOH A . 
B 2 HOH 16 216 216 HOH HOH A . 
B 2 HOH 17 217 217 HOH HOH A . 
B 2 HOH 18 218 218 HOH HOH A . 
B 2 HOH 19 219 219 HOH HOH A . 
B 2 HOH 20 220 220 HOH HOH A . 
B 2 HOH 21 221 221 HOH HOH A . 
B 2 HOH 22 222 222 HOH HOH A . 
B 2 HOH 23 223 223 HOH HOH A . 
B 2 HOH 24 224 224 HOH HOH A . 
B 2 HOH 25 225 225 HOH HOH A . 
B 2 HOH 26 226 226 HOH HOH A . 
B 2 HOH 27 227 227 HOH HOH A . 
B 2 HOH 28 228 228 HOH HOH A . 
B 2 HOH 29 229 229 HOH HOH A . 
B 2 HOH 30 230 230 HOH HOH A . 
B 2 HOH 31 231 231 HOH HOH A . 
B 2 HOH 32 232 232 HOH HOH A . 
B 2 HOH 33 233 233 HOH HOH A . 
B 2 HOH 34 234 234 HOH HOH A . 
B 2 HOH 35 235 235 HOH HOH A . 
B 2 HOH 36 236 236 HOH HOH A . 
B 2 HOH 37 237 237 HOH HOH A . 
B 2 HOH 38 238 238 HOH HOH A . 
B 2 HOH 39 239 239 HOH HOH A . 
B 2 HOH 40 240 240 HOH HOH A . 
B 2 HOH 41 241 241 HOH HOH A . 
B 2 HOH 42 242 242 HOH HOH A . 
B 2 HOH 43 243 243 HOH HOH A . 
B 2 HOH 44 244 244 HOH HOH A . 
B 2 HOH 45 245 245 HOH HOH A . 
B 2 HOH 46 246 246 HOH HOH A . 
B 2 HOH 47 247 247 HOH HOH A . 
B 2 HOH 48 248 248 HOH HOH A . 
B 2 HOH 49 249 249 HOH HOH A . 
B 2 HOH 50 250 250 HOH HOH A . 
B 2 HOH 51 251 251 HOH HOH A . 
B 2 HOH 52 252 252 HOH HOH A . 
B 2 HOH 53 253 253 HOH HOH A . 
B 2 HOH 54 254 254 HOH HOH A . 
B 2 HOH 55 255 255 HOH HOH A . 
B 2 HOH 56 256 256 HOH HOH A . 
B 2 HOH 57 257 257 HOH HOH A . 
B 2 HOH 58 258 258 HOH HOH A . 
B 2 HOH 59 259 259 HOH HOH A . 
B 2 HOH 60 260 260 HOH HOH A . 
B 2 HOH 61 261 261 HOH HOH A . 
B 2 HOH 62 262 262 HOH HOH A . 
B 2 HOH 63 263 263 HOH HOH A . 
B 2 HOH 64 264 264 HOH HOH A . 
B 2 HOH 65 265 265 HOH HOH A . 
B 2 HOH 66 266 266 HOH HOH A . 
B 2 HOH 67 267 267 HOH HOH A . 
B 2 HOH 68 268 268 HOH HOH A . 
B 2 HOH 69 269 269 HOH HOH A . 
# 
loop_
_pdbx_unobs_or_zero_occ_atoms.id 
_pdbx_unobs_or_zero_occ_atoms.PDB_model_num 
_pdbx_unobs_or_zero_occ_atoms.polymer_flag 
_pdbx_unobs_or_zero_occ_atoms.occupancy_flag 
_pdbx_unobs_or_zero_occ_atoms.auth_asym_id 
_pdbx_unobs_or_zero_occ_atoms.auth_comp_id 
_pdbx_unobs_or_zero_occ_atoms.auth_seq_id 
_pdbx_unobs_or_zero_occ_atoms.PDB_ins_code 
_pdbx_unobs_or_zero_occ_atoms.auth_atom_id 
_pdbx_unobs_or_zero_occ_atoms.label_alt_id 
_pdbx_unobs_or_zero_occ_atoms.label_asym_id 
_pdbx_unobs_or_zero_occ_atoms.label_comp_id 
_pdbx_unobs_or_zero_occ_atoms.label_seq_id 
_pdbx_unobs_or_zero_occ_atoms.label_atom_id 
1 1 Y 1 A THR 142 ? OG1 ? A THR 142 OG1 
2 1 Y 1 A THR 142 ? CG2 ? A THR 142 CG2 
# 
loop_
_software.name 
_software.classification 
_software.version 
_software.citation_id 
_software.pdbx_ordinal 
DENZO     'data reduction' . ? 1 
SCALEPACK 'data scaling'   . ? 2 
CNS       refinement       . ? 3 
CNS       phasing          . ? 4 
# 
_cell.entry_id           1K6K 
_cell.length_a           36.021 
_cell.length_b           51.965 
_cell.length_c           65.100 
_cell.angle_alpha        90.00 
_cell.angle_beta         90.00 
_cell.angle_gamma        90.00 
_cell.Z_PDB              4 
_cell.pdbx_unique_axis   ? 
_cell.length_a_esd       ? 
_cell.length_b_esd       ? 
_cell.length_c_esd       ? 
_cell.angle_alpha_esd    ? 
_cell.angle_beta_esd     ? 
_cell.angle_gamma_esd    ? 
# 
_symmetry.entry_id                         1K6K 
_symmetry.space_group_name_H-M             'P 21 21 21' 
_symmetry.pdbx_full_space_group_name_H-M   ? 
_symmetry.cell_setting                     orthorhombic 
_symmetry.Int_Tables_number                19 
_symmetry.space_group_name_Hall            ? 
# 
_exptl.entry_id          1K6K 
_exptl.method            'X-RAY DIFFRACTION' 
_exptl.crystals_number   1 
# 
_exptl_crystal.id                    1 
_exptl_crystal.density_meas          ? 
_exptl_crystal.density_percent_sol   34.59 
_exptl_crystal.density_Matthews      1.88 
_exptl_crystal.description           ? 
_exptl_crystal.F_000                 ? 
_exptl_crystal.preparation           ? 
# 
_exptl_crystal_grow.crystal_id      1 
_exptl_crystal_grow.method          'VAPOR DIFFUSION, HANGING DROP' 
_exptl_crystal_grow.temp            294 
_exptl_crystal_grow.temp_details    ? 
_exptl_crystal_grow.pH              7.0 
_exptl_crystal_grow.pdbx_details    'VAPOR DIFFUSION, HANGING DROP, pH 7.0 at 294K' 
_exptl_crystal_grow.pdbx_pH_range   . 
# 
loop_
_diffrn.id 
_diffrn.ambient_temp 
_diffrn.ambient_temp_details 
_diffrn.crystal_id 
1 100 ? 1 
2 ?   ? 1 
3 ?   ? 1 
# 
loop_
_diffrn_detector.diffrn_id 
_diffrn_detector.detector 
_diffrn_detector.type 
_diffrn_detector.pdbx_collection_date 
_diffrn_detector.details 
1 CCD 'ADSC QUANTUM 4' ? ? 
2 CCD MARRESEARCH      ? ? 
# 
_diffrn_radiation.diffrn_id                        1 
_diffrn_radiation.wavelength_id                    1 
_diffrn_radiation.pdbx_monochromatic_or_laue_m_l   M 
_diffrn_radiation.monochromator                    ? 
_diffrn_radiation.pdbx_diffrn_protocol             'SINGLE WAVELENGTH' 
_diffrn_radiation.pdbx_scattering_type             x-ray 
# 
_diffrn_radiation_wavelength.id           1 
_diffrn_radiation_wavelength.wavelength   . 
_diffrn_radiation_wavelength.wt           1.0 
# 
loop_
_diffrn_source.diffrn_id 
_diffrn_source.source 
_diffrn_source.type 
_diffrn_source.pdbx_synchrotron_site 
_diffrn_source.pdbx_synchrotron_beamline 
_diffrn_source.pdbx_wavelength 
_diffrn_source.pdbx_wavelength_list 
1 SYNCHROTRON 'NSLS BEAMLINE X9B'  NSLS X9B   ? ? 
2 SYNCHROTRON APS                  APS  ?     ? ? 
3 SYNCHROTRON 'APS BEAMLINE 5ID-B' APS  5ID-B ? ? 
# 
_reflns.entry_id                     1K6K 
_reflns.observed_criterion_sigma_I   0.0 
_reflns.observed_criterion_sigma_F   ? 
_reflns.d_resolution_low             14 
_reflns.d_resolution_high            1.8 
_reflns.number_obs                   7959 
_reflns.number_all                   ? 
_reflns.percent_possible_obs         67.4 
_reflns.pdbx_Rmerge_I_obs            ? 
_reflns.pdbx_Rsym_value              ? 
_reflns.pdbx_netI_over_sigmaI        ? 
_reflns.B_iso_Wilson_estimate        ? 
_reflns.pdbx_redundancy              ? 
_reflns.R_free_details               ? 
_reflns.observed_criterion_F_max     ? 
_reflns.observed_criterion_F_min     ? 
_reflns.limit_h_max                  ? 
_reflns.limit_h_min                  ? 
_reflns.limit_k_max                  ? 
_reflns.limit_k_min                  ? 
_reflns.limit_l_max                  ? 
_reflns.limit_l_min                  ? 
_reflns.pdbx_chi_squared             ? 
_reflns.pdbx_scaling_rejects         ? 
_reflns.pdbx_diffrn_id               1 
_reflns.pdbx_ordinal                 1 
# 
_refine.entry_id                                 1K6K 
_refine.ls_number_reflns_obs                     ? 
_refine.ls_number_reflns_all                     ? 
_refine.pdbx_ls_sigma_I                          ? 
_refine.pdbx_ls_sigma_F                          ? 
_refine.pdbx_data_cutoff_high_absF               ? 
_refine.pdbx_data_cutoff_low_absF                ? 
_refine.ls_d_res_low                             14 
_refine.ls_d_res_high                            1.8 
_refine.ls_percent_reflns_obs                    ? 
_refine.ls_R_factor_obs                          ? 
_refine.ls_R_factor_all                          ? 
_refine.ls_R_factor_R_work                       0.2136 
_refine.ls_R_factor_R_free                       0.2626 
_refine.ls_R_factor_R_free_error                 ? 
_refine.ls_R_factor_R_free_error_details         ? 
_refine.ls_percent_reflns_R_free                 ? 
_refine.ls_number_reflns_R_free                  ? 
_refine.ls_number_parameters                     ? 
_refine.ls_number_restraints                     ? 
_refine.occupancy_min                            ? 
_refine.occupancy_max                            ? 
_refine.B_iso_mean                               ? 
_refine.aniso_B[1][1]                            ? 
_refine.aniso_B[2][2]                            ? 
_refine.aniso_B[3][3]                            ? 
_refine.aniso_B[1][2]                            ? 
_refine.aniso_B[1][3]                            ? 
_refine.aniso_B[2][3]                            ? 
_refine.solvent_model_details                    ? 
_refine.solvent_model_param_ksol                 ? 
_refine.solvent_model_param_bsol                 ? 
_refine.pdbx_ls_cross_valid_method               THROUGHOUT 
_refine.details                                  ? 
_refine.pdbx_starting_model                      'ClpA N-domain' 
_refine.pdbx_method_to_determine_struct          'MOLECULAR REPLACEMENT' 
_refine.pdbx_isotropic_thermal_model             ? 
_refine.pdbx_stereochemistry_target_values       ? 
_refine.pdbx_stereochem_target_val_spec_case     ? 
_refine.pdbx_R_Free_selection_details            random 
_refine.pdbx_overall_ESU_R_Free                  ? 
_refine.overall_SU_B                             ? 
_refine.ls_redundancy_reflns_obs                 ? 
_refine.B_iso_min                                ? 
_refine.B_iso_max                                ? 
_refine.correlation_coeff_Fo_to_Fc               ? 
_refine.overall_SU_R_Cruickshank_DPI             ? 
_refine.overall_SU_R_free                        ? 
_refine.overall_SU_ML                            ? 
_refine.pdbx_overall_ESU_R                       ? 
_refine.pdbx_data_cutoff_high_rms_absF           ? 
_refine.correlation_coeff_Fo_to_Fc_free          ? 
_refine.pdbx_solvent_vdw_probe_radii             ? 
_refine.pdbx_solvent_ion_probe_radii             ? 
_refine.pdbx_solvent_shrinkage_radii             ? 
_refine.ls_wR_factor_R_free                      ? 
_refine.ls_wR_factor_R_work                      ? 
_refine.overall_FOM_free_R_set                   ? 
_refine.overall_FOM_work_R_set                   ? 
_refine.pdbx_overall_phase_error                 ? 
_refine.pdbx_refine_id                           'X-RAY DIFFRACTION' 
_refine.pdbx_diffrn_id                           1 
_refine.pdbx_TLS_residual_ADP_flag               ? 
_refine.pdbx_overall_SU_R_free_Cruickshank_DPI   ? 
_refine.pdbx_overall_SU_R_Blow_DPI               ? 
_refine.pdbx_overall_SU_R_free_Blow_DPI          ? 
# 
_refine_hist.pdbx_refine_id                   'X-RAY DIFFRACTION' 
_refine_hist.cycle_id                         LAST 
_refine_hist.pdbx_number_atoms_protein        1124 
_refine_hist.pdbx_number_atoms_nucleic_acid   0 
_refine_hist.pdbx_number_atoms_ligand         0 
_refine_hist.number_atoms_solvent             69 
_refine_hist.number_atoms_total               1193 
_refine_hist.d_res_high                       1.8 
_refine_hist.d_res_low                        14 
# 
loop_
_refine_ls_restr.type 
_refine_ls_restr.dev_ideal 
_refine_ls_restr.dev_ideal_target 
_refine_ls_restr.number 
_refine_ls_restr.weight 
_refine_ls_restr.pdbx_refine_id 
_refine_ls_restr.pdbx_restraint_function 
x_bond_d    0.004875 ? ? ? 'X-RAY DIFFRACTION' ? 
x_angle_deg 1.00808  ? ? ? 'X-RAY DIFFRACTION' ? 
# 
_struct.entry_id                  1K6K 
_struct.title                     
;Crystal Structure of ClpA, an AAA+ Chaperone-like Regulator of ClpAP protease implication to the functional difference of two ATPase domains
;
_struct.pdbx_model_details        ? 
_struct.pdbx_CASP_flag            ? 
_struct.pdbx_model_type_details   ? 
# 
_struct_keywords.entry_id        1K6K 
_struct_keywords.pdbx_keywords   HYDROLASE 
_struct_keywords.text            'ClpA, chaperone, ATPase, adaptor binding, N-domain, HYDROLASE' 
# 
loop_
_struct_asym.id 
_struct_asym.pdbx_blank_PDB_chainid_flag 
_struct_asym.pdbx_modified 
_struct_asym.entity_id 
_struct_asym.details 
A N N 1 ? 
B N N 2 ? 
# 
_struct_ref.id                         1 
_struct_ref.entity_id                  1 
_struct_ref.db_name                    UNP 
_struct_ref.db_code                    CLPA_ECOLI 
_struct_ref.pdbx_db_accession          P0ABH9 
_struct_ref.pdbx_align_begin           1 
_struct_ref.pdbx_seq_one_letter_code   
;MLNQELELSLNMAFARAREHRHEFMTVEHLLLALLSNPSAREALEACSVDLVALRQELEAFIEQTTPVLPASEEERDTQP
TLSFQRVLQRAVFHVQSSGRNEVTGANVLVAIFSEQESQAAYLLRKHEVSRLDVVNFISHGTR
;
_struct_ref.pdbx_db_isoform            ? 
# 
_struct_ref_seq.align_id                      1 
_struct_ref_seq.ref_id                        1 
_struct_ref_seq.pdbx_PDB_id_code              1K6K 
_struct_ref_seq.pdbx_strand_id                A 
_struct_ref_seq.seq_align_beg                 1 
_struct_ref_seq.pdbx_seq_align_beg_ins_code   ? 
_struct_ref_seq.seq_align_end                 143 
_struct_ref_seq.pdbx_seq_align_end_ins_code   ? 
_struct_ref_seq.pdbx_db_accession             P0ABH9 
_struct_ref_seq.db_align_beg                  1 
_struct_ref_seq.pdbx_db_align_beg_ins_code    ? 
_struct_ref_seq.db_align_end                  143 
_struct_ref_seq.pdbx_db_align_end_ins_code    ? 
_struct_ref_seq.pdbx_auth_seq_align_beg       1 
_struct_ref_seq.pdbx_auth_seq_align_end       143 
# 
_pdbx_struct_assembly.id                   1 
_pdbx_struct_assembly.details              author_defined_assembly 
_pdbx_struct_assembly.method_details       ? 
_pdbx_struct_assembly.oligomeric_details   monomeric 
_pdbx_struct_assembly.oligomeric_count     1 
# 
_pdbx_struct_assembly_gen.assembly_id       1 
_pdbx_struct_assembly_gen.oper_expression   1 
_pdbx_struct_assembly_gen.asym_id_list      A,B 
# 
_pdbx_struct_oper_list.id                   1 
_pdbx_struct_oper_list.type                 'identity operation' 
_pdbx_struct_oper_list.name                 1_555 
_pdbx_struct_oper_list.symmetry_operation   x,y,z 
_pdbx_struct_oper_list.matrix[1][1]         1.0000000000 
_pdbx_struct_oper_list.matrix[1][2]         0.0000000000 
_pdbx_struct_oper_list.matrix[1][3]         0.0000000000 
_pdbx_struct_oper_list.vector[1]            0.0000000000 
_pdbx_struct_oper_list.matrix[2][1]         0.0000000000 
_pdbx_struct_oper_list.matrix[2][2]         1.0000000000 
_pdbx_struct_oper_list.matrix[2][3]         0.0000000000 
_pdbx_struct_oper_list.vector[2]            0.0000000000 
_pdbx_struct_oper_list.matrix[3][1]         0.0000000000 
_pdbx_struct_oper_list.matrix[3][2]         0.0000000000 
_pdbx_struct_oper_list.matrix[3][3]         1.0000000000 
_pdbx_struct_oper_list.vector[3]            0.0000000000 
# 
_struct_biol.id                    1 
_struct_biol.pdbx_parent_biol_id   ? 
_struct_biol.details               ? 
# 
loop_
_struct_conf.conf_type_id 
_struct_conf.id 
_struct_conf.pdbx_PDB_helix_id 
_struct_conf.beg_label_comp_id 
_struct_conf.beg_label_asym_id 
_struct_conf.beg_label_seq_id 
_struct_conf.pdbx_beg_PDB_ins_code 
_struct_conf.end_label_comp_id 
_struct_conf.end_label_asym_id 
_struct_conf.end_label_seq_id 
_struct_conf.pdbx_end_PDB_ins_code 
_struct_conf.beg_auth_comp_id 
_struct_conf.beg_auth_asym_id 
_struct_conf.beg_auth_seq_id 
_struct_conf.end_auth_comp_id 
_struct_conf.end_auth_asym_id 
_struct_conf.end_auth_seq_id 
_struct_conf.pdbx_PDB_helix_class 
_struct_conf.details 
_struct_conf.pdbx_PDB_helix_length 
HELX_P HELX_P1 1 ASN A 3   ? ARG A 21  ? ASN A 3   ARG A 21  1 ? 19 
HELX_P HELX_P2 2 THR A 26  ? LEU A 35  ? THR A 26  LEU A 35  1 ? 10 
HELX_P HELX_P3 3 ASN A 37  ? CYS A 47  ? ASN A 37  CYS A 47  1 ? 11 
HELX_P HELX_P4 4 ASP A 50  ? THR A 66  ? ASP A 50  THR A 66  1 ? 17 
HELX_P HELX_P5 5 THR A 81  ? SER A 97  ? THR A 81  SER A 97  1 ? 17 
HELX_P HELX_P6 6 THR A 104 ? PHE A 113 ? THR A 104 PHE A 113 1 ? 10 
HELX_P HELX_P7 7 SER A 118 ? HIS A 127 ? SER A 118 HIS A 127 1 ? 10 
HELX_P HELX_P8 8 SER A 130 ? HIS A 140 ? SER A 130 HIS A 140 1 ? 11 
# 
_struct_conf_type.id          HELX_P 
_struct_conf_type.criteria    ? 
_struct_conf_type.reference   ? 
# 
_struct_sheet.id               A 
_struct_sheet.type             ? 
_struct_sheet.number_strands   2 
_struct_sheet.details          ? 
# 
_struct_sheet_order.sheet_id     A 
_struct_sheet_order.range_id_1   1 
_struct_sheet_order.range_id_2   2 
_struct_sheet_order.offset       ? 
_struct_sheet_order.sense        parallel 
# 
loop_
_struct_sheet_range.sheet_id 
_struct_sheet_range.id 
_struct_sheet_range.beg_label_comp_id 
_struct_sheet_range.beg_label_asym_id 
_struct_sheet_range.beg_label_seq_id 
_struct_sheet_range.pdbx_beg_PDB_ins_code 
_struct_sheet_range.end_label_comp_id 
_struct_sheet_range.end_label_asym_id 
_struct_sheet_range.end_label_seq_id 
_struct_sheet_range.pdbx_end_PDB_ins_code 
_struct_sheet_range.beg_auth_comp_id 
_struct_sheet_range.beg_auth_asym_id 
_struct_sheet_range.beg_auth_seq_id 
_struct_sheet_range.end_auth_comp_id 
_struct_sheet_range.end_auth_asym_id 
_struct_sheet_range.end_auth_seq_id 
A 1 PHE A 24 ? MET A 25 ? PHE A 24 MET A 25 
A 2 GLN A 79 ? PRO A 80 ? GLN A 79 PRO A 80 
# 
_pdbx_struct_sheet_hbond.sheet_id                A 
_pdbx_struct_sheet_hbond.range_id_1              1 
_pdbx_struct_sheet_hbond.range_id_2              2 
_pdbx_struct_sheet_hbond.range_1_label_atom_id   N 
_pdbx_struct_sheet_hbond.range_1_label_comp_id   MET 
_pdbx_struct_sheet_hbond.range_1_label_asym_id   A 
_pdbx_struct_sheet_hbond.range_1_label_seq_id    25 
_pdbx_struct_sheet_hbond.range_1_PDB_ins_code    ? 
_pdbx_struct_sheet_hbond.range_1_auth_atom_id    N 
_pdbx_struct_sheet_hbond.range_1_auth_comp_id    MET 
_pdbx_struct_sheet_hbond.range_1_auth_asym_id    A 
_pdbx_struct_sheet_hbond.range_1_auth_seq_id     25 
_pdbx_struct_sheet_hbond.range_2_label_atom_id   O 
_pdbx_struct_sheet_hbond.range_2_label_comp_id   GLN 
_pdbx_struct_sheet_hbond.range_2_label_asym_id   A 
_pdbx_struct_sheet_hbond.range_2_label_seq_id    79 
_pdbx_struct_sheet_hbond.range_2_PDB_ins_code    ? 
_pdbx_struct_sheet_hbond.range_2_auth_atom_id    O 
_pdbx_struct_sheet_hbond.range_2_auth_comp_id    GLN 
_pdbx_struct_sheet_hbond.range_2_auth_asym_id    A 
_pdbx_struct_sheet_hbond.range_2_auth_seq_id     79 
# 
loop_
_pdbx_validate_torsion.id 
_pdbx_validate_torsion.PDB_model_num 
_pdbx_validate_torsion.auth_comp_id 
_pdbx_validate_torsion.auth_asym_id 
_pdbx_validate_torsion.auth_seq_id 
_pdbx_validate_torsion.PDB_ins_code 
_pdbx_validate_torsion.label_alt_id 
_pdbx_validate_torsion.phi 
_pdbx_validate_torsion.psi 
1 1 ALA A 71  ? ? -51.60  -6.66   
2 1 SER A 72  ? ? -64.62  -154.52 
3 1 GLU A 73  ? ? -111.93 -155.72 
4 1 GLU A 74  ? ? 54.72   169.82  
5 1 GLU A 75  ? ? 67.42   -72.42  
6 1 ARG A 76  ? ? 62.55   -65.91  
7 1 SER A 98  ? ? -15.90  93.11   
8 1 HIS A 140 ? ? -102.22 52.87   
# 
_pdbx_unobs_or_zero_occ_residues.id               1 
_pdbx_unobs_or_zero_occ_residues.PDB_model_num    1 
_pdbx_unobs_or_zero_occ_residues.polymer_flag     Y 
_pdbx_unobs_or_zero_occ_residues.occupancy_flag   1 
_pdbx_unobs_or_zero_occ_residues.auth_asym_id     A 
_pdbx_unobs_or_zero_occ_residues.auth_comp_id     ARG 
_pdbx_unobs_or_zero_occ_residues.auth_seq_id      143 
_pdbx_unobs_or_zero_occ_residues.PDB_ins_code     ? 
_pdbx_unobs_or_zero_occ_residues.label_asym_id    A 
_pdbx_unobs_or_zero_occ_residues.label_comp_id    ARG 
_pdbx_unobs_or_zero_occ_residues.label_seq_id     143 
# 
loop_
_chem_comp_atom.comp_id 
_chem_comp_atom.atom_id 
_chem_comp_atom.type_symbol 
_chem_comp_atom.pdbx_aromatic_flag 
_chem_comp_atom.pdbx_stereo_config 
_chem_comp_atom.pdbx_ordinal 
ALA N    N N N 1   
ALA CA   C N S 2   
ALA C    C N N 3   
ALA O    O N N 4   
ALA CB   C N N 5   
ALA OXT  O N N 6   
ALA H    H N N 7   
ALA H2   H N N 8   
ALA HA   H N N 9   
ALA HB1  H N N 10  
ALA HB2  H N N 11  
ALA HB3  H N N 12  
ALA HXT  H N N 13  
ARG N    N N N 14  
ARG CA   C N S 15  
ARG C    C N N 16  
ARG O    O N N 17  
ARG CB   C N N 18  
ARG CG   C N N 19  
ARG CD   C N N 20  
ARG NE   N N N 21  
ARG CZ   C N N 22  
ARG NH1  N N N 23  
ARG NH2  N N N 24  
ARG OXT  O N N 25  
ARG H    H N N 26  
ARG H2   H N N 27  
ARG HA   H N N 28  
ARG HB2  H N N 29  
ARG HB3  H N N 30  
ARG HG2  H N N 31  
ARG HG3  H N N 32  
ARG HD2  H N N 33  
ARG HD3  H N N 34  
ARG HE   H N N 35  
ARG HH11 H N N 36  
ARG HH12 H N N 37  
ARG HH21 H N N 38  
ARG HH22 H N N 39  
ARG HXT  H N N 40  
ASN N    N N N 41  
ASN CA   C N S 42  
ASN C    C N N 43  
ASN O    O N N 44  
ASN CB   C N N 45  
ASN CG   C N N 46  
ASN OD1  O N N 47  
ASN ND2  N N N 48  
ASN OXT  O N N 49  
ASN H    H N N 50  
ASN H2   H N N 51  
ASN HA   H N N 52  
ASN HB2  H N N 53  
ASN HB3  H N N 54  
ASN HD21 H N N 55  
ASN HD22 H N N 56  
ASN HXT  H N N 57  
ASP N    N N N 58  
ASP CA   C N S 59  
ASP C    C N N 60  
ASP O    O N N 61  
ASP CB   C N N 62  
ASP CG   C N N 63  
ASP OD1  O N N 64  
ASP OD2  O N N 65  
ASP OXT  O N N 66  
ASP H    H N N 67  
ASP H2   H N N 68  
ASP HA   H N N 69  
ASP HB2  H N N 70  
ASP HB3  H N N 71  
ASP HD2  H N N 72  
ASP HXT  H N N 73  
CYS N    N N N 74  
CYS CA   C N R 75  
CYS C    C N N 76  
CYS O    O N N 77  
CYS CB   C N N 78  
CYS SG   S N N 79  
CYS OXT  O N N 80  
CYS H    H N N 81  
CYS H2   H N N 82  
CYS HA   H N N 83  
CYS HB2  H N N 84  
CYS HB3  H N N 85  
CYS HG   H N N 86  
CYS HXT  H N N 87  
GLN N    N N N 88  
GLN CA   C N S 89  
GLN C    C N N 90  
GLN O    O N N 91  
GLN CB   C N N 92  
GLN CG   C N N 93  
GLN CD   C N N 94  
GLN OE1  O N N 95  
GLN NE2  N N N 96  
GLN OXT  O N N 97  
GLN H    H N N 98  
GLN H2   H N N 99  
GLN HA   H N N 100 
GLN HB2  H N N 101 
GLN HB3  H N N 102 
GLN HG2  H N N 103 
GLN HG3  H N N 104 
GLN HE21 H N N 105 
GLN HE22 H N N 106 
GLN HXT  H N N 107 
GLU N    N N N 108 
GLU CA   C N S 109 
GLU C    C N N 110 
GLU O    O N N 111 
GLU CB   C N N 112 
GLU CG   C N N 113 
GLU CD   C N N 114 
GLU OE1  O N N 115 
GLU OE2  O N N 116 
GLU OXT  O N N 117 
GLU H    H N N 118 
GLU H2   H N N 119 
GLU HA   H N N 120 
GLU HB2  H N N 121 
GLU HB3  H N N 122 
GLU HG2  H N N 123 
GLU HG3  H N N 124 
GLU HE2  H N N 125 
GLU HXT  H N N 126 
GLY N    N N N 127 
GLY CA   C N N 128 
GLY C    C N N 129 
GLY O    O N N 130 
GLY OXT  O N N 131 
GLY H    H N N 132 
GLY H2   H N N 133 
GLY HA2  H N N 134 
GLY HA3  H N N 135 
GLY HXT  H N N 136 
HIS N    N N N 137 
HIS CA   C N S 138 
HIS C    C N N 139 
HIS O    O N N 140 
HIS CB   C N N 141 
HIS CG   C Y N 142 
HIS ND1  N Y N 143 
HIS CD2  C Y N 144 
HIS CE1  C Y N 145 
HIS NE2  N Y N 146 
HIS OXT  O N N 147 
HIS H    H N N 148 
HIS H2   H N N 149 
HIS HA   H N N 150 
HIS HB2  H N N 151 
HIS HB3  H N N 152 
HIS HD1  H N N 153 
HIS HD2  H N N 154 
HIS HE1  H N N 155 
HIS HE2  H N N 156 
HIS HXT  H N N 157 
HOH O    O N N 158 
HOH H1   H N N 159 
HOH H2   H N N 160 
ILE N    N N N 161 
ILE CA   C N S 162 
ILE C    C N N 163 
ILE O    O N N 164 
ILE CB   C N S 165 
ILE CG1  C N N 166 
ILE CG2  C N N 167 
ILE CD1  C N N 168 
ILE OXT  O N N 169 
ILE H    H N N 170 
ILE H2   H N N 171 
ILE HA   H N N 172 
ILE HB   H N N 173 
ILE HG12 H N N 174 
ILE HG13 H N N 175 
ILE HG21 H N N 176 
ILE HG22 H N N 177 
ILE HG23 H N N 178 
ILE HD11 H N N 179 
ILE HD12 H N N 180 
ILE HD13 H N N 181 
ILE HXT  H N N 182 
LEU N    N N N 183 
LEU CA   C N S 184 
LEU C    C N N 185 
LEU O    O N N 186 
LEU CB   C N N 187 
LEU CG   C N N 188 
LEU CD1  C N N 189 
LEU CD2  C N N 190 
LEU OXT  O N N 191 
LEU H    H N N 192 
LEU H2   H N N 193 
LEU HA   H N N 194 
LEU HB2  H N N 195 
LEU HB3  H N N 196 
LEU HG   H N N 197 
LEU HD11 H N N 198 
LEU HD12 H N N 199 
LEU HD13 H N N 200 
LEU HD21 H N N 201 
LEU HD22 H N N 202 
LEU HD23 H N N 203 
LEU HXT  H N N 204 
LYS N    N N N 205 
LYS CA   C N S 206 
LYS C    C N N 207 
LYS O    O N N 208 
LYS CB   C N N 209 
LYS CG   C N N 210 
LYS CD   C N N 211 
LYS CE   C N N 212 
LYS NZ   N N N 213 
LYS OXT  O N N 214 
LYS H    H N N 215 
LYS H2   H N N 216 
LYS HA   H N N 217 
LYS HB2  H N N 218 
LYS HB3  H N N 219 
LYS HG2  H N N 220 
LYS HG3  H N N 221 
LYS HD2  H N N 222 
LYS HD3  H N N 223 
LYS HE2  H N N 224 
LYS HE3  H N N 225 
LYS HZ1  H N N 226 
LYS HZ2  H N N 227 
LYS HZ3  H N N 228 
LYS HXT  H N N 229 
MET N    N N N 230 
MET CA   C N S 231 
MET C    C N N 232 
MET O    O N N 233 
MET CB   C N N 234 
MET CG   C N N 235 
MET SD   S N N 236 
MET CE   C N N 237 
MET OXT  O N N 238 
MET H    H N N 239 
MET H2   H N N 240 
MET HA   H N N 241 
MET HB2  H N N 242 
MET HB3  H N N 243 
MET HG2  H N N 244 
MET HG3  H N N 245 
MET HE1  H N N 246 
MET HE2  H N N 247 
MET HE3  H N N 248 
MET HXT  H N N 249 
PHE N    N N N 250 
PHE CA   C N S 251 
PHE C    C N N 252 
PHE O    O N N 253 
PHE CB   C N N 254 
PHE CG   C Y N 255 
PHE CD1  C Y N 256 
PHE CD2  C Y N 257 
PHE CE1  C Y N 258 
PHE CE2  C Y N 259 
PHE CZ   C Y N 260 
PHE OXT  O N N 261 
PHE H    H N N 262 
PHE H2   H N N 263 
PHE HA   H N N 264 
PHE HB2  H N N 265 
PHE HB3  H N N 266 
PHE HD1  H N N 267 
PHE HD2  H N N 268 
PHE HE1  H N N 269 
PHE HE2  H N N 270 
PHE HZ   H N N 271 
PHE HXT  H N N 272 
PRO N    N N N 273 
PRO CA   C N S 274 
PRO C    C N N 275 
PRO O    O N N 276 
PRO CB   C N N 277 
PRO CG   C N N 278 
PRO CD   C N N 279 
PRO OXT  O N N 280 
PRO H    H N N 281 
PRO HA   H N N 282 
PRO HB2  H N N 283 
PRO HB3  H N N 284 
PRO HG2  H N N 285 
PRO HG3  H N N 286 
PRO HD2  H N N 287 
PRO HD3  H N N 288 
PRO HXT  H N N 289 
SER N    N N N 290 
SER CA   C N S 291 
SER C    C N N 292 
SER O    O N N 293 
SER CB   C N N 294 
SER OG   O N N 295 
SER OXT  O N N 296 
SER H    H N N 297 
SER H2   H N N 298 
SER HA   H N N 299 
SER HB2  H N N 300 
SER HB3  H N N 301 
SER HG   H N N 302 
SER HXT  H N N 303 
THR N    N N N 304 
THR CA   C N S 305 
THR C    C N N 306 
THR O    O N N 307 
THR CB   C N R 308 
THR OG1  O N N 309 
THR CG2  C N N 310 
THR OXT  O N N 311 
THR H    H N N 312 
THR H2   H N N 313 
THR HA   H N N 314 
THR HB   H N N 315 
THR HG1  H N N 316 
THR HG21 H N N 317 
THR HG22 H N N 318 
THR HG23 H N N 319 
THR HXT  H N N 320 
TYR N    N N N 321 
TYR CA   C N S 322 
TYR C    C N N 323 
TYR O    O N N 324 
TYR CB   C N N 325 
TYR CG   C Y N 326 
TYR CD1  C Y N 327 
TYR CD2  C Y N 328 
TYR CE1  C Y N 329 
TYR CE2  C Y N 330 
TYR CZ   C Y N 331 
TYR OH   O N N 332 
TYR OXT  O N N 333 
TYR H    H N N 334 
TYR H2   H N N 335 
TYR HA   H N N 336 
TYR HB2  H N N 337 
TYR HB3  H N N 338 
TYR HD1  H N N 339 
TYR HD2  H N N 340 
TYR HE1  H N N 341 
TYR HE2  H N N 342 
TYR HH   H N N 343 
TYR HXT  H N N 344 
VAL N    N N N 345 
VAL CA   C N S 346 
VAL C    C N N 347 
VAL O    O N N 348 
VAL CB   C N N 349 
VAL CG1  C N N 350 
VAL CG2  C N N 351 
VAL OXT  O N N 352 
VAL H    H N N 353 
VAL H2   H N N 354 
VAL HA   H N N 355 
VAL HB   H N N 356 
VAL HG11 H N N 357 
VAL HG12 H N N 358 
VAL HG13 H N N 359 
VAL HG21 H N N 360 
VAL HG22 H N N 361 
VAL HG23 H N N 362 
VAL HXT  H N N 363 
# 
loop_
_chem_comp_bond.comp_id 
_chem_comp_bond.atom_id_1 
_chem_comp_bond.atom_id_2 
_chem_comp_bond.value_order 
_chem_comp_bond.pdbx_aromatic_flag 
_chem_comp_bond.pdbx_stereo_config 
_chem_comp_bond.pdbx_ordinal 
ALA N   CA   sing N N 1   
ALA N   H    sing N N 2   
ALA N   H2   sing N N 3   
ALA CA  C    sing N N 4   
ALA CA  CB   sing N N 5   
ALA CA  HA   sing N N 6   
ALA C   O    doub N N 7   
ALA C   OXT  sing N N 8   
ALA CB  HB1  sing N N 9   
ALA CB  HB2  sing N N 10  
ALA CB  HB3  sing N N 11  
ALA OXT HXT  sing N N 12  
ARG N   CA   sing N N 13  
ARG N   H    sing N N 14  
ARG N   H2   sing N N 15  
ARG CA  C    sing N N 16  
ARG CA  CB   sing N N 17  
ARG CA  HA   sing N N 18  
ARG C   O    doub N N 19  
ARG C   OXT  sing N N 20  
ARG CB  CG   sing N N 21  
ARG CB  HB2  sing N N 22  
ARG CB  HB3  sing N N 23  
ARG CG  CD   sing N N 24  
ARG CG  HG2  sing N N 25  
ARG CG  HG3  sing N N 26  
ARG CD  NE   sing N N 27  
ARG CD  HD2  sing N N 28  
ARG CD  HD3  sing N N 29  
ARG NE  CZ   sing N N 30  
ARG NE  HE   sing N N 31  
ARG CZ  NH1  sing N N 32  
ARG CZ  NH2  doub N N 33  
ARG NH1 HH11 sing N N 34  
ARG NH1 HH12 sing N N 35  
ARG NH2 HH21 sing N N 36  
ARG NH2 HH22 sing N N 37  
ARG OXT HXT  sing N N 38  
ASN N   CA   sing N N 39  
ASN N   H    sing N N 40  
ASN N   H2   sing N N 41  
ASN CA  C    sing N N 42  
ASN CA  CB   sing N N 43  
ASN CA  HA   sing N N 44  
ASN C   O    doub N N 45  
ASN C   OXT  sing N N 46  
ASN CB  CG   sing N N 47  
ASN CB  HB2  sing N N 48  
ASN CB  HB3  sing N N 49  
ASN CG  OD1  doub N N 50  
ASN CG  ND2  sing N N 51  
ASN ND2 HD21 sing N N 52  
ASN ND2 HD22 sing N N 53  
ASN OXT HXT  sing N N 54  
ASP N   CA   sing N N 55  
ASP N   H    sing N N 56  
ASP N   H2   sing N N 57  
ASP CA  C    sing N N 58  
ASP CA  CB   sing N N 59  
ASP CA  HA   sing N N 60  
ASP C   O    doub N N 61  
ASP C   OXT  sing N N 62  
ASP CB  CG   sing N N 63  
ASP CB  HB2  sing N N 64  
ASP CB  HB3  sing N N 65  
ASP CG  OD1  doub N N 66  
ASP CG  OD2  sing N N 67  
ASP OD2 HD2  sing N N 68  
ASP OXT HXT  sing N N 69  
CYS N   CA   sing N N 70  
CYS N   H    sing N N 71  
CYS N   H2   sing N N 72  
CYS CA  C    sing N N 73  
CYS CA  CB   sing N N 74  
CYS CA  HA   sing N N 75  
CYS C   O    doub N N 76  
CYS C   OXT  sing N N 77  
CYS CB  SG   sing N N 78  
CYS CB  HB2  sing N N 79  
CYS CB  HB3  sing N N 80  
CYS SG  HG   sing N N 81  
CYS OXT HXT  sing N N 82  
GLN N   CA   sing N N 83  
GLN N   H    sing N N 84  
GLN N   H2   sing N N 85  
GLN CA  C    sing N N 86  
GLN CA  CB   sing N N 87  
GLN CA  HA   sing N N 88  
GLN C   O    doub N N 89  
GLN C   OXT  sing N N 90  
GLN CB  CG   sing N N 91  
GLN CB  HB2  sing N N 92  
GLN CB  HB3  sing N N 93  
GLN CG  CD   sing N N 94  
GLN CG  HG2  sing N N 95  
GLN CG  HG3  sing N N 96  
GLN CD  OE1  doub N N 97  
GLN CD  NE2  sing N N 98  
GLN NE2 HE21 sing N N 99  
GLN NE2 HE22 sing N N 100 
GLN OXT HXT  sing N N 101 
GLU N   CA   sing N N 102 
GLU N   H    sing N N 103 
GLU N   H2   sing N N 104 
GLU CA  C    sing N N 105 
GLU CA  CB   sing N N 106 
GLU CA  HA   sing N N 107 
GLU C   O    doub N N 108 
GLU C   OXT  sing N N 109 
GLU CB  CG   sing N N 110 
GLU CB  HB2  sing N N 111 
GLU CB  HB3  sing N N 112 
GLU CG  CD   sing N N 113 
GLU CG  HG2  sing N N 114 
GLU CG  HG3  sing N N 115 
GLU CD  OE1  doub N N 116 
GLU CD  OE2  sing N N 117 
GLU OE2 HE2  sing N N 118 
GLU OXT HXT  sing N N 119 
GLY N   CA   sing N N 120 
GLY N   H    sing N N 121 
GLY N   H2   sing N N 122 
GLY CA  C    sing N N 123 
GLY CA  HA2  sing N N 124 
GLY CA  HA3  sing N N 125 
GLY C   O    doub N N 126 
GLY C   OXT  sing N N 127 
GLY OXT HXT  sing N N 128 
HIS N   CA   sing N N 129 
HIS N   H    sing N N 130 
HIS N   H2   sing N N 131 
HIS CA  C    sing N N 132 
HIS CA  CB   sing N N 133 
HIS CA  HA   sing N N 134 
HIS C   O    doub N N 135 
HIS C   OXT  sing N N 136 
HIS CB  CG   sing N N 137 
HIS CB  HB2  sing N N 138 
HIS CB  HB3  sing N N 139 
HIS CG  ND1  sing Y N 140 
HIS CG  CD2  doub Y N 141 
HIS ND1 CE1  doub Y N 142 
HIS ND1 HD1  sing N N 143 
HIS CD2 NE2  sing Y N 144 
HIS CD2 HD2  sing N N 145 
HIS CE1 NE2  sing Y N 146 
HIS CE1 HE1  sing N N 147 
HIS NE2 HE2  sing N N 148 
HIS OXT HXT  sing N N 149 
HOH O   H1   sing N N 150 
HOH O   H2   sing N N 151 
ILE N   CA   sing N N 152 
ILE N   H    sing N N 153 
ILE N   H2   sing N N 154 
ILE CA  C    sing N N 155 
ILE CA  CB   sing N N 156 
ILE CA  HA   sing N N 157 
ILE C   O    doub N N 158 
ILE C   OXT  sing N N 159 
ILE CB  CG1  sing N N 160 
ILE CB  CG2  sing N N 161 
ILE CB  HB   sing N N 162 
ILE CG1 CD1  sing N N 163 
ILE CG1 HG12 sing N N 164 
ILE CG1 HG13 sing N N 165 
ILE CG2 HG21 sing N N 166 
ILE CG2 HG22 sing N N 167 
ILE CG2 HG23 sing N N 168 
ILE CD1 HD11 sing N N 169 
ILE CD1 HD12 sing N N 170 
ILE CD1 HD13 sing N N 171 
ILE OXT HXT  sing N N 172 
LEU N   CA   sing N N 173 
LEU N   H    sing N N 174 
LEU N   H2   sing N N 175 
LEU CA  C    sing N N 176 
LEU CA  CB   sing N N 177 
LEU CA  HA   sing N N 178 
LEU C   O    doub N N 179 
LEU C   OXT  sing N N 180 
LEU CB  CG   sing N N 181 
LEU CB  HB2  sing N N 182 
LEU CB  HB3  sing N N 183 
LEU CG  CD1  sing N N 184 
LEU CG  CD2  sing N N 185 
LEU CG  HG   sing N N 186 
LEU CD1 HD11 sing N N 187 
LEU CD1 HD12 sing N N 188 
LEU CD1 HD13 sing N N 189 
LEU CD2 HD21 sing N N 190 
LEU CD2 HD22 sing N N 191 
LEU CD2 HD23 sing N N 192 
LEU OXT HXT  sing N N 193 
LYS N   CA   sing N N 194 
LYS N   H    sing N N 195 
LYS N   H2   sing N N 196 
LYS CA  C    sing N N 197 
LYS CA  CB   sing N N 198 
LYS CA  HA   sing N N 199 
LYS C   O    doub N N 200 
LYS C   OXT  sing N N 201 
LYS CB  CG   sing N N 202 
LYS CB  HB2  sing N N 203 
LYS CB  HB3  sing N N 204 
LYS CG  CD   sing N N 205 
LYS CG  HG2  sing N N 206 
LYS CG  HG3  sing N N 207 
LYS CD  CE   sing N N 208 
LYS CD  HD2  sing N N 209 
LYS CD  HD3  sing N N 210 
LYS CE  NZ   sing N N 211 
LYS CE  HE2  sing N N 212 
LYS CE  HE3  sing N N 213 
LYS NZ  HZ1  sing N N 214 
LYS NZ  HZ2  sing N N 215 
LYS NZ  HZ3  sing N N 216 
LYS OXT HXT  sing N N 217 
MET N   CA   sing N N 218 
MET N   H    sing N N 219 
MET N   H2   sing N N 220 
MET CA  C    sing N N 221 
MET CA  CB   sing N N 222 
MET CA  HA   sing N N 223 
MET C   O    doub N N 224 
MET C   OXT  sing N N 225 
MET CB  CG   sing N N 226 
MET CB  HB2  sing N N 227 
MET CB  HB3  sing N N 228 
MET CG  SD   sing N N 229 
MET CG  HG2  sing N N 230 
MET CG  HG3  sing N N 231 
MET SD  CE   sing N N 232 
MET CE  HE1  sing N N 233 
MET CE  HE2  sing N N 234 
MET CE  HE3  sing N N 235 
MET OXT HXT  sing N N 236 
PHE N   CA   sing N N 237 
PHE N   H    sing N N 238 
PHE N   H2   sing N N 239 
PHE CA  C    sing N N 240 
PHE CA  CB   sing N N 241 
PHE CA  HA   sing N N 242 
PHE C   O    doub N N 243 
PHE C   OXT  sing N N 244 
PHE CB  CG   sing N N 245 
PHE CB  HB2  sing N N 246 
PHE CB  HB3  sing N N 247 
PHE CG  CD1  doub Y N 248 
PHE CG  CD2  sing Y N 249 
PHE CD1 CE1  sing Y N 250 
PHE CD1 HD1  sing N N 251 
PHE CD2 CE2  doub Y N 252 
PHE CD2 HD2  sing N N 253 
PHE CE1 CZ   doub Y N 254 
PHE CE1 HE1  sing N N 255 
PHE CE2 CZ   sing Y N 256 
PHE CE2 HE2  sing N N 257 
PHE CZ  HZ   sing N N 258 
PHE OXT HXT  sing N N 259 
PRO N   CA   sing N N 260 
PRO N   CD   sing N N 261 
PRO N   H    sing N N 262 
PRO CA  C    sing N N 263 
PRO CA  CB   sing N N 264 
PRO CA  HA   sing N N 265 
PRO C   O    doub N N 266 
PRO C   OXT  sing N N 267 
PRO CB  CG   sing N N 268 
PRO CB  HB2  sing N N 269 
PRO CB  HB3  sing N N 270 
PRO CG  CD   sing N N 271 
PRO CG  HG2  sing N N 272 
PRO CG  HG3  sing N N 273 
PRO CD  HD2  sing N N 274 
PRO CD  HD3  sing N N 275 
PRO OXT HXT  sing N N 276 
SER N   CA   sing N N 277 
SER N   H    sing N N 278 
SER N   H2   sing N N 279 
SER CA  C    sing N N 280 
SER CA  CB   sing N N 281 
SER CA  HA   sing N N 282 
SER C   O    doub N N 283 
SER C   OXT  sing N N 284 
SER CB  OG   sing N N 285 
SER CB  HB2  sing N N 286 
SER CB  HB3  sing N N 287 
SER OG  HG   sing N N 288 
SER OXT HXT  sing N N 289 
THR N   CA   sing N N 290 
THR N   H    sing N N 291 
THR N   H2   sing N N 292 
THR CA  C    sing N N 293 
THR CA  CB   sing N N 294 
THR CA  HA   sing N N 295 
THR C   O    doub N N 296 
THR C   OXT  sing N N 297 
THR CB  OG1  sing N N 298 
THR CB  CG2  sing N N 299 
THR CB  HB   sing N N 300 
THR OG1 HG1  sing N N 301 
THR CG2 HG21 sing N N 302 
THR CG2 HG22 sing N N 303 
THR CG2 HG23 sing N N 304 
THR OXT HXT  sing N N 305 
TYR N   CA   sing N N 306 
TYR N   H    sing N N 307 
TYR N   H2   sing N N 308 
TYR CA  C    sing N N 309 
TYR CA  CB   sing N N 310 
TYR CA  HA   sing N N 311 
TYR C   O    doub N N 312 
TYR C   OXT  sing N N 313 
TYR CB  CG   sing N N 314 
TYR CB  HB2  sing N N 315 
TYR CB  HB3  sing N N 316 
TYR CG  CD1  doub Y N 317 
TYR CG  CD2  sing Y N 318 
TYR CD1 CE1  sing Y N 319 
TYR CD1 HD1  sing N N 320 
TYR CD2 CE2  doub Y N 321 
TYR CD2 HD2  sing N N 322 
TYR CE1 CZ   doub Y N 323 
TYR CE1 HE1  sing N N 324 
TYR CE2 CZ   sing Y N 325 
TYR CE2 HE2  sing N N 326 
TYR CZ  OH   sing N N 327 
TYR OH  HH   sing N N 328 
TYR OXT HXT  sing N N 329 
VAL N   CA   sing N N 330 
VAL N   H    sing N N 331 
VAL N   H2   sing N N 332 
VAL CA  C    sing N N 333 
VAL CA  CB   sing N N 334 
VAL CA  HA   sing N N 335 
VAL C   O    doub N N 336 
VAL C   OXT  sing N N 337 
VAL CB  CG1  sing N N 338 
VAL CB  CG2  sing N N 339 
VAL CB  HB   sing N N 340 
VAL CG1 HG11 sing N N 341 
VAL CG1 HG12 sing N N 342 
VAL CG1 HG13 sing N N 343 
VAL CG2 HG21 sing N N 344 
VAL CG2 HG22 sing N N 345 
VAL CG2 HG23 sing N N 346 
VAL OXT HXT  sing N N 347 
# 
_pdbx_initial_refinement_model.accession_code   1KSF 
_pdbx_initial_refinement_model.id               1 
_pdbx_initial_refinement_model.entity_id_list   ? 
_pdbx_initial_refinement_model.type             'experimental model' 
_pdbx_initial_refinement_model.source_name      PDB 
_pdbx_initial_refinement_model.details          'polyalanine trace of 1KSF before it was fully refined' 
# 
_atom_sites.entry_id                    1K6K 
_atom_sites.fract_transf_matrix[1][1]   -0.01531087 
_atom_sites.fract_transf_matrix[1][2]   0.02037681 
_atom_sites.fract_transf_matrix[1][3]   0.01100415 
_atom_sites.fract_transf_matrix[2][1]   -0.01591351 
_atom_sites.fract_transf_matrix[2][2]   -0.01045942 
_atom_sites.fract_transf_matrix[2][3]   -0.00277349 
_atom_sites.fract_transf_matrix[3][1]   0.00168437 
_atom_sites.fract_transf_matrix[3][2]   -0.00625591 
_atom_sites.fract_transf_matrix[3][3]   0.01392791 
_atom_sites.fract_transf_vector[1]      1.245383 
_atom_sites.fract_transf_vector[2]      0.230265 
_atom_sites.fract_transf_vector[3]      2.682188 
# 
loop_
_atom_type.symbol 
C 
N 
O 
S 
# 
loop_
_atom_site.group_PDB 
_atom_site.id 
_atom_site.type_symbol 
_atom_site.label_atom_id 
_atom_site.label_alt_id 
_atom_site.label_comp_id 
_atom_site.label_asym_id 
_atom_site.label_entity_id 
_atom_site.label_seq_id 
_atom_site.pdbx_PDB_ins_code 
_atom_site.Cartn_x 
_atom_site.Cartn_y 
_atom_site.Cartn_z 
_atom_site.occupancy 
_atom_site.B_iso_or_equiv 
_atom_site.pdbx_formal_charge 
_atom_site.auth_seq_id 
_atom_site.auth_comp_id 
_atom_site.auth_asym_id 
_atom_site.auth_atom_id 
_atom_site.pdbx_PDB_model_num 
ATOM   1    N N   . MET A 1 1   ? -12.541 6.313   8.932   1.00 30.68 ? 1   MET A N   1 
ATOM   2    C CA  . MET A 1 1   ? -12.454 7.700   8.402   1.00 29.01 ? 1   MET A CA  1 
ATOM   3    C C   . MET A 1 1   ? -11.250 7.858   7.475   1.00 27.30 ? 1   MET A C   1 
ATOM   4    O O   . MET A 1 1   ? -10.221 8.412   7.864   1.00 26.02 ? 1   MET A O   1 
ATOM   5    C CB  . MET A 1 1   ? -12.351 8.695   9.561   1.00 32.83 ? 1   MET A CB  1 
ATOM   6    C CG  . MET A 1 1   ? -12.105 10.147  9.146   1.00 39.68 ? 1   MET A CG  1 
ATOM   7    S SD  . MET A 1 1   ? -13.462 10.912  8.231   1.00 45.36 ? 1   MET A SD  1 
ATOM   8    C CE  . MET A 1 1   ? -13.072 10.415  6.545   1.00 44.92 ? 1   MET A CE  1 
ATOM   9    N N   . LEU A 1 2   ? -11.388 7.367   6.247   1.00 24.26 ? 2   LEU A N   1 
ATOM   10   C CA  . LEU A 1 2   ? -10.327 7.454   5.250   1.00 24.20 ? 2   LEU A CA  1 
ATOM   11   C C   . LEU A 1 2   ? -10.323 8.849   4.618   1.00 23.88 ? 2   LEU A C   1 
ATOM   12   O O   . LEU A 1 2   ? -11.364 9.337   4.178   1.00 25.54 ? 2   LEU A O   1 
ATOM   13   C CB  . LEU A 1 2   ? -10.544 6.391   4.168   1.00 25.57 ? 2   LEU A CB  1 
ATOM   14   C CG  . LEU A 1 2   ? -10.165 4.932   4.457   1.00 26.05 ? 2   LEU A CG  1 
ATOM   15   C CD1 . LEU A 1 2   ? -10.678 4.483   5.807   1.00 28.57 ? 2   LEU A CD1 1 
ATOM   16   C CD2 . LEU A 1 2   ? -10.718 4.057   3.348   1.00 28.13 ? 2   LEU A CD2 1 
ATOM   17   N N   . ASN A 1 3   ? -9.157  9.487   4.570   1.00 22.03 ? 3   ASN A N   1 
ATOM   18   C CA  . ASN A 1 3   ? -9.059  10.825  3.994   1.00 20.18 ? 3   ASN A CA  1 
ATOM   19   C C   . ASN A 1 3   ? -9.236  10.749  2.477   1.00 19.90 ? 3   ASN A C   1 
ATOM   20   O O   . ASN A 1 3   ? -9.092  9.680   1.885   1.00 15.05 ? 3   ASN A O   1 
ATOM   21   C CB  . ASN A 1 3   ? -7.707  11.459  4.340   1.00 24.96 ? 3   ASN A CB  1 
ATOM   22   C CG  . ASN A 1 3   ? -6.613  11.050  3.383   1.00 25.22 ? 3   ASN A CG  1 
ATOM   23   O OD1 . ASN A 1 3   ? -6.385  9.866   3.160   1.00 29.58 ? 3   ASN A OD1 1 
ATOM   24   N ND2 . ASN A 1 3   ? -5.934  12.030  2.806   1.00 30.47 ? 3   ASN A ND2 1 
ATOM   25   N N   . GLN A 1 4   ? -9.554  11.882  1.855   1.00 19.47 ? 4   GLN A N   1 
ATOM   26   C CA  . GLN A 1 4   ? -9.783  11.929  0.415   1.00 20.73 ? 4   GLN A CA  1 
ATOM   27   C C   . GLN A 1 4   ? -8.684  11.302  -0.424  1.00 19.14 ? 4   GLN A C   1 
ATOM   28   O O   . GLN A 1 4   ? -8.969  10.558  -1.361  1.00 17.84 ? 4   GLN A O   1 
ATOM   29   C CB  . GLN A 1 4   ? -9.997  13.371  -0.056  1.00 24.95 ? 4   GLN A CB  1 
ATOM   30   C CG  . GLN A 1 4   ? -10.275 13.472  -1.555  1.00 30.46 ? 4   GLN A CG  1 
ATOM   31   C CD  . GLN A 1 4   ? -10.668 14.871  -2.000  1.00 34.45 ? 4   GLN A CD  1 
ATOM   32   O OE1 . GLN A 1 4   ? -9.900  15.825  -1.857  1.00 37.15 ? 4   GLN A OE1 1 
ATOM   33   N NE2 . GLN A 1 4   ? -11.871 14.996  -2.546  1.00 37.63 ? 4   GLN A NE2 1 
ATOM   34   N N   . GLU A 1 5   ? -7.432  11.608  -0.097  1.00 17.36 ? 5   GLU A N   1 
ATOM   35   C CA  . GLU A 1 5   ? -6.310  11.063  -0.849  1.00 16.32 ? 5   GLU A CA  1 
ATOM   36   C C   . GLU A 1 5   ? -6.106  9.561   -0.699  1.00 13.92 ? 5   GLU A C   1 
ATOM   37   O O   . GLU A 1 5   ? -5.604  8.910   -1.619  1.00 11.19 ? 5   GLU A O   1 
ATOM   38   C CB  . GLU A 1 5   ? -5.014  11.785  -0.482  1.00 19.53 ? 5   GLU A CB  1 
ATOM   39   C CG  . GLU A 1 5   ? -4.757  13.042  -1.300  1.00 25.61 ? 5   GLU A CG  1 
ATOM   40   C CD  . GLU A 1 5   ? -5.656  14.195  -0.913  1.00 31.85 ? 5   GLU A CD  1 
ATOM   41   O OE1 . GLU A 1 5   ? -5.597  14.617  0.261   1.00 35.88 ? 5   GLU A OE1 1 
ATOM   42   O OE2 . GLU A 1 5   ? -6.419  14.685  -1.778  1.00 35.36 ? 5   GLU A OE2 1 
ATOM   43   N N   . LEU A 1 6   ? -6.468  9.007   0.453   1.00 13.18 ? 6   LEU A N   1 
ATOM   44   C CA  . LEU A 1 6   ? -6.305  7.571   0.645   1.00 14.77 ? 6   LEU A CA  1 
ATOM   45   C C   . LEU A 1 6   ? -7.429  6.872   -0.107  1.00 15.17 ? 6   LEU A C   1 
ATOM   46   O O   . LEU A 1 6   ? -7.220  5.821   -0.713  1.00 14.80 ? 6   LEU A O   1 
ATOM   47   C CB  . LEU A 1 6   ? -6.346  7.194   2.131   1.00 16.12 ? 6   LEU A CB  1 
ATOM   48   C CG  . LEU A 1 6   ? -6.324  5.688   2.435   1.00 15.61 ? 6   LEU A CG  1 
ATOM   49   C CD1 . LEU A 1 6   ? -5.107  5.041   1.795   1.00 13.10 ? 6   LEU A CD1 1 
ATOM   50   C CD2 . LEU A 1 6   ? -6.317  5.471   3.947   1.00 17.24 ? 6   LEU A CD2 1 
ATOM   51   N N   . GLU A 1 7   ? -8.623  7.460   -0.066  1.00 14.96 ? 7   GLU A N   1 
ATOM   52   C CA  . GLU A 1 7   ? -9.760  6.889   -0.774  1.00 15.43 ? 7   GLU A CA  1 
ATOM   53   C C   . GLU A 1 7   ? -9.411  6.805   -2.259  1.00 15.28 ? 7   GLU A C   1 
ATOM   54   O O   . GLU A 1 7   ? -9.696  5.805   -2.913  1.00 14.75 ? 7   GLU A O   1 
ATOM   55   C CB  . GLU A 1 7   ? -11.005 7.764   -0.582  1.00 18.89 ? 7   GLU A CB  1 
ATOM   56   C CG  . GLU A 1 7   ? -12.270 7.157   -1.151  1.00 23.88 ? 7   GLU A CG  1 
ATOM   57   C CD  . GLU A 1 7   ? -13.481 8.063   -1.019  1.00 26.95 ? 7   GLU A CD  1 
ATOM   58   O OE1 . GLU A 1 7   ? -14.560 7.683   -1.520  1.00 29.89 ? 7   GLU A OE1 1 
ATOM   59   O OE2 . GLU A 1 7   ? -13.358 9.153   -0.424  1.00 29.47 ? 7   GLU A OE2 1 
ATOM   60   N N   . LEU A 1 8   ? -8.796  7.865   -2.783  1.00 14.55 ? 8   LEU A N   1 
ATOM   61   C CA  . LEU A 1 8   ? -8.398  7.914   -4.189  1.00 13.80 ? 8   LEU A CA  1 
ATOM   62   C C   . LEU A 1 8   ? -7.389  6.806   -4.498  1.00 14.92 ? 8   LEU A C   1 
ATOM   63   O O   . LEU A 1 8   ? -7.549  6.056   -5.458  1.00 13.34 ? 8   LEU A O   1 
ATOM   64   C CB  . LEU A 1 8   ? -7.778  9.280   -4.514  1.00 14.74 ? 8   LEU A CB  1 
ATOM   65   C CG  . LEU A 1 8   ? -7.140  9.452   -5.900  1.00 16.98 ? 8   LEU A CG  1 
ATOM   66   C CD1 . LEU A 1 8   ? -8.222  9.425   -6.965  1.00 16.53 ? 8   LEU A CD1 1 
ATOM   67   C CD2 . LEU A 1 8   ? -6.379  10.772  -5.956  1.00 16.33 ? 8   LEU A CD2 1 
ATOM   68   N N   . SER A 1 9   ? -6.350  6.705   -3.674  1.00 13.38 ? 9   SER A N   1 
ATOM   69   C CA  . SER A 1 9   ? -5.333  5.682   -3.868  1.00 15.34 ? 9   SER A CA  1 
ATOM   70   C C   . SER A 1 9   ? -5.989  4.297   -3.933  1.00 14.17 ? 9   SER A C   1 
ATOM   71   O O   . SER A 1 9   ? -5.722  3.521   -4.850  1.00 13.28 ? 9   SER A O   1 
ATOM   72   C CB  . SER A 1 9   ? -4.314  5.747   -2.726  1.00 17.50 ? 9   SER A CB  1 
ATOM   73   O OG  . SER A 1 9   ? -3.420  4.653   -2.780  1.00 26.81 ? 9   SER A OG  1 
ATOM   74   N N   . LEU A 1 10  ? -6.858  4.001   -2.971  1.00 14.86 ? 10  LEU A N   1 
ATOM   75   C CA  . LEU A 1 10  ? -7.552  2.715   -2.939  1.00 14.94 ? 10  LEU A CA  1 
ATOM   76   C C   . LEU A 1 10  ? -8.447  2.501   -4.164  1.00 14.22 ? 10  LEU A C   1 
ATOM   77   O O   . LEU A 1 10  ? -8.523  1.393   -4.692  1.00 15.26 ? 10  LEU A O   1 
ATOM   78   C CB  . LEU A 1 10  ? -8.384  2.596   -1.660  1.00 17.46 ? 10  LEU A CB  1 
ATOM   79   C CG  . LEU A 1 10  ? -7.606  2.604   -0.344  1.00 17.05 ? 10  LEU A CG  1 
ATOM   80   C CD1 . LEU A 1 10  ? -8.550  2.295   0.803   1.00 19.06 ? 10  LEU A CD1 1 
ATOM   81   C CD2 . LEU A 1 10  ? -6.485  1.567   -0.397  1.00 20.58 ? 10  LEU A CD2 1 
ATOM   82   N N   . ASN A 1 11  ? -9.122  3.552   -4.623  1.00 14.43 ? 11  ASN A N   1 
ATOM   83   C CA  . ASN A 1 11  ? -9.980  3.422   -5.800  1.00 14.88 ? 11  ASN A CA  1 
ATOM   84   C C   . ASN A 1 11  ? -9.122  3.192   -7.038  1.00 16.26 ? 11  ASN A C   1 
ATOM   85   O O   . ASN A 1 11  ? -9.510  2.454   -7.940  1.00 14.78 ? 11  ASN A O   1 
ATOM   86   C CB  . ASN A 1 11  ? -10.839 4.674   -6.014  1.00 17.32 ? 11  ASN A CB  1 
ATOM   87   C CG  . ASN A 1 11  ? -11.941 4.808   -4.985  1.00 19.76 ? 11  ASN A CG  1 
ATOM   88   O OD1 . ASN A 1 11  ? -12.551 3.819   -4.582  1.00 23.42 ? 11  ASN A OD1 1 
ATOM   89   N ND2 . ASN A 1 11  ? -12.215 6.038   -4.567  1.00 24.89 ? 11  ASN A ND2 1 
ATOM   90   N N   . MET A 1 12  ? -7.957  3.837   -7.071  1.00 15.30 ? 12  MET A N   1 
ATOM   91   C CA  . MET A 1 12  ? -7.036  3.696   -8.193  1.00 16.34 ? 12  MET A CA  1 
ATOM   92   C C   . MET A 1 12  ? -6.444  2.299   -8.206  1.00 15.10 ? 12  MET A C   1 
ATOM   93   O O   . MET A 1 12  ? -6.159  1.751   -9.271  1.00 16.19 ? 12  MET A O   1 
ATOM   94   C CB  . MET A 1 12  ? -5.911  4.729   -8.100  1.00 20.15 ? 12  MET A CB  1 
ATOM   95   C CG  . MET A 1 12  ? -6.370  6.148   -8.333  1.00 26.98 ? 12  MET A CG  1 
ATOM   96   S SD  . MET A 1 12  ? -6.974  6.348   -10.016 1.00 34.03 ? 12  MET A SD  1 
ATOM   97   C CE  . MET A 1 12  ? -5.478  6.903   -10.819 1.00 33.56 ? 12  MET A CE  1 
ATOM   98   N N   . ALA A 1 13  ? -6.239  1.734   -7.021  1.00 11.77 ? 13  ALA A N   1 
ATOM   99   C CA  . ALA A 1 13  ? -5.699  0.383   -6.912  1.00 11.68 ? 13  ALA A CA  1 
ATOM   100  C C   . ALA A 1 13  ? -6.714  -0.591  -7.521  1.00 10.04 ? 13  ALA A C   1 
ATOM   101  O O   . ALA A 1 13  ? -6.358  -1.443  -8.340  1.00 13.59 ? 13  ALA A O   1 
ATOM   102  C CB  . ALA A 1 13  ? -5.437  0.039   -5.450  1.00 12.51 ? 13  ALA A CB  1 
ATOM   103  N N   . PHE A 1 14  ? -7.980  -0.466  -7.127  1.00 10.94 ? 14  PHE A N   1 
ATOM   104  C CA  . PHE A 1 14  ? -9.027  -1.328  -7.670  1.00 12.23 ? 14  PHE A CA  1 
ATOM   105  C C   . PHE A 1 14  ? -9.162  -1.124  -9.179  1.00 13.73 ? 14  PHE A C   1 
ATOM   106  O O   . PHE A 1 14  ? -9.293  -2.091  -9.935  1.00 14.01 ? 14  PHE A O   1 
ATOM   107  C CB  . PHE A 1 14  ? -10.379 -1.041  -6.997  1.00 15.05 ? 14  PHE A CB  1 
ATOM   108  C CG  . PHE A 1 14  ? -10.588 -1.787  -5.710  1.00 16.64 ? 14  PHE A CG  1 
ATOM   109  C CD1 . PHE A 1 14  ? -9.970  -1.371  -4.537  1.00 20.89 ? 14  PHE A CD1 1 
ATOM   110  C CD2 . PHE A 1 14  ? -11.399 -2.921  -5.676  1.00 19.86 ? 14  PHE A CD2 1 
ATOM   111  C CE1 . PHE A 1 14  ? -10.155 -2.078  -3.340  1.00 21.14 ? 14  PHE A CE1 1 
ATOM   112  C CE2 . PHE A 1 14  ? -11.590 -3.632  -4.490  1.00 19.69 ? 14  PHE A CE2 1 
ATOM   113  C CZ  . PHE A 1 14  ? -10.965 -3.206  -3.320  1.00 20.64 ? 14  PHE A CZ  1 
ATOM   114  N N   . ALA A 1 15  ? -9.137  0.136   -9.609  1.00 14.44 ? 15  ALA A N   1 
ATOM   115  C CA  . ALA A 1 15  ? -9.254  0.469   -11.027 1.00 14.90 ? 15  ALA A CA  1 
ATOM   116  C C   . ALA A 1 15  ? -8.138  -0.191  -11.830 1.00 17.53 ? 15  ALA A C   1 
ATOM   117  O O   . ALA A 1 15  ? -8.379  -0.749  -12.902 1.00 16.75 ? 15  ALA A O   1 
ATOM   118  C CB  . ALA A 1 15  ? -9.209  1.988   -11.220 1.00 17.98 ? 15  ALA A CB  1 
ATOM   119  N N   . ARG A 1 16  ? -6.920  -0.119  -11.301 1.00 16.09 ? 16  ARG A N   1 
ATOM   120  C CA  . ARG A 1 16  ? -5.754  -0.709  -11.946 1.00 17.24 ? 16  ARG A CA  1 
ATOM   121  C C   . ARG A 1 16  ? -5.901  -2.227  -12.073 1.00 15.72 ? 16  ARG A C   1 
ATOM   122  O O   . ARG A 1 16  ? -5.654  -2.793  -13.138 1.00 12.79 ? 16  ARG A O   1 
ATOM   123  C CB  . ARG A 1 16  ? -4.492  -0.369  -11.145 1.00 19.78 ? 16  ARG A CB  1 
ATOM   124  C CG  . ARG A 1 16  ? -3.199  -0.986  -11.685 1.00 23.30 ? 16  ARG A CG  1 
ATOM   125  C CD  . ARG A 1 16  ? -2.026  -0.713  -10.740 1.00 26.08 ? 16  ARG A CD  1 
ATOM   126  N NE  . ARG A 1 16  ? -0.813  -1.434  -11.115 1.00 27.87 ? 16  ARG A NE  1 
ATOM   127  C CZ  . ARG A 1 16  ? -0.095  -1.179  -12.204 1.00 28.91 ? 16  ARG A CZ  1 
ATOM   128  N NH1 . ARG A 1 16  ? -0.468  -0.212  -13.032 1.00 31.03 ? 16  ARG A NH1 1 
ATOM   129  N NH2 . ARG A 1 16  ? 0.997   -1.889  -12.464 1.00 28.99 ? 16  ARG A NH2 1 
ATOM   130  N N   . ALA A 1 17  ? -6.312  -2.878  -10.989 1.00 12.25 ? 17  ALA A N   1 
ATOM   131  C CA  . ALA A 1 17  ? -6.478  -4.329  -10.989 1.00 12.66 ? 17  ALA A CA  1 
ATOM   132  C C   . ALA A 1 17  ? -7.543  -4.794  -11.976 1.00 12.39 ? 17  ALA A C   1 
ATOM   133  O O   . ALA A 1 17  ? -7.374  -5.812  -12.641 1.00 11.69 ? 17  ALA A O   1 
ATOM   134  C CB  . ALA A 1 17  ? -6.813  -4.813  -9.600  1.00 9.48  ? 17  ALA A CB  1 
ATOM   135  N N   . ARG A 1 18  ? -8.642  -4.049  -12.065 1.00 13.21 ? 18  ARG A N   1 
ATOM   136  C CA  . ARG A 1 18  ? -9.721  -4.396  -12.986 1.00 15.51 ? 18  ARG A CA  1 
ATOM   137  C C   . ARG A 1 18  ? -9.227  -4.284  -14.427 1.00 16.36 ? 18  ARG A C   1 
ATOM   138  O O   . ARG A 1 18  ? -9.564  -5.107  -15.277 1.00 16.43 ? 18  ARG A O   1 
ATOM   139  C CB  . ARG A 1 18  ? -10.911 -3.462  -12.767 1.00 18.42 ? 18  ARG A CB  1 
ATOM   140  C CG  . ARG A 1 18  ? -11.490 -3.571  -11.367 1.00 21.05 ? 18  ARG A CG  1 
ATOM   141  C CD  . ARG A 1 18  ? -12.488 -2.469  -11.069 1.00 26.57 ? 18  ARG A CD  1 
ATOM   142  N NE  . ARG A 1 18  ? -13.100 -2.643  -9.753  1.00 28.57 ? 18  ARG A NE  1 
ATOM   143  C CZ  . ARG A 1 18  ? -13.866 -1.734  -9.160  1.00 32.04 ? 18  ARG A CZ  1 
ATOM   144  N NH1 . ARG A 1 18  ? -14.114 -0.577  -9.759  1.00 34.17 ? 18  ARG A NH1 1 
ATOM   145  N NH2 . ARG A 1 18  ? -14.391 -1.982  -7.969  1.00 33.29 ? 18  ARG A NH2 1 
ATOM   146  N N   . GLU A 1 19  ? -8.423  -3.260  -14.688 1.00 17.24 ? 19  GLU A N   1 
ATOM   147  C CA  . GLU A 1 19  ? -7.866  -3.031  -16.017 1.00 18.86 ? 19  GLU A CA  1 
ATOM   148  C C   . GLU A 1 19  ? -7.003  -4.222  -16.435 1.00 18.22 ? 19  GLU A C   1 
ATOM   149  O O   . GLU A 1 19  ? -7.113  -4.721  -17.558 1.00 18.13 ? 19  GLU A O   1 
ATOM   150  C CB  . GLU A 1 19  ? -7.018  -1.754  -16.009 1.00 23.49 ? 19  GLU A CB  1 
ATOM   151  C CG  . GLU A 1 19  ? -6.746  -1.168  -17.384 1.00 30.08 ? 19  GLU A CG  1 
ATOM   152  C CD  . GLU A 1 19  ? -7.977  -0.514  -17.988 1.00 33.88 ? 19  GLU A CD  1 
ATOM   153  O OE1 . GLU A 1 19  ? -8.496  0.452   -17.386 1.00 36.68 ? 19  GLU A OE1 1 
ATOM   154  O OE2 . GLU A 1 19  ? -8.430  -0.967  -19.060 1.00 36.91 ? 19  GLU A OE2 1 
ATOM   155  N N   . HIS A 1 20  ? -6.144  -4.676  -15.522 1.00 17.52 ? 20  HIS A N   1 
ATOM   156  C CA  . HIS A 1 20  ? -5.250  -5.806  -15.787 1.00 16.37 ? 20  HIS A CA  1 
ATOM   157  C C   . HIS A 1 20  ? -5.930  -7.151  -15.627 1.00 15.88 ? 20  HIS A C   1 
ATOM   158  O O   . HIS A 1 20  ? -5.339  -8.187  -15.909 1.00 15.82 ? 20  HIS A O   1 
ATOM   159  C CB  . HIS A 1 20  ? -4.041  -5.771  -14.852 1.00 15.68 ? 20  HIS A CB  1 
ATOM   160  C CG  . HIS A 1 20  ? -3.030  -4.732  -15.213 1.00 17.03 ? 20  HIS A CG  1 
ATOM   161  N ND1 . HIS A 1 20  ? -3.237  -3.385  -15.004 1.00 16.71 ? 20  HIS A ND1 1 
ATOM   162  C CD2 . HIS A 1 20  ? -1.814  -4.841  -15.797 1.00 15.75 ? 20  HIS A CD2 1 
ATOM   163  C CE1 . HIS A 1 20  ? -2.191  -2.708  -15.444 1.00 16.60 ? 20  HIS A CE1 1 
ATOM   164  N NE2 . HIS A 1 20  ? -1.312  -3.568  -15.930 1.00 19.24 ? 20  HIS A NE2 1 
ATOM   165  N N   . ARG A 1 21  ? -7.173  -7.136  -15.165 1.00 16.11 ? 21  ARG A N   1 
ATOM   166  C CA  . ARG A 1 21  ? -7.912  -8.367  -14.959 1.00 15.36 ? 21  ARG A CA  1 
ATOM   167  C C   . ARG A 1 21  ? -7.214  -9.251  -13.926 1.00 14.79 ? 21  ARG A C   1 
ATOM   168  O O   . ARG A 1 21  ? -7.222  -10.476 -14.033 1.00 13.64 ? 21  ARG A O   1 
ATOM   169  C CB  . ARG A 1 21  ? -8.073  -9.128  -16.282 1.00 19.60 ? 21  ARG A CB  1 
ATOM   170  C CG  . ARG A 1 21  ? -8.942  -8.420  -17.302 1.00 21.75 ? 21  ARG A CG  1 
ATOM   171  C CD  . ARG A 1 21  ? -9.169  -9.295  -18.528 1.00 28.27 ? 21  ARG A CD  1 
ATOM   172  N NE  . ARG A 1 21  ? -10.054 -10.423 -18.244 1.00 32.47 ? 21  ARG A NE  1 
ATOM   173  C CZ  . ARG A 1 21  ? -10.383 -11.358 -19.131 1.00 35.80 ? 21  ARG A CZ  1 
ATOM   174  N NH1 . ARG A 1 21  ? -9.895  -11.309 -20.365 1.00 37.23 ? 21  ARG A NH1 1 
ATOM   175  N NH2 . ARG A 1 21  ? -11.214 -12.336 -18.793 1.00 34.36 ? 21  ARG A NH2 1 
ATOM   176  N N   . HIS A 1 22  ? -6.600  -8.620  -12.927 1.00 11.62 ? 22  HIS A N   1 
ATOM   177  C CA  . HIS A 1 22  ? -5.935  -9.356  -11.855 1.00 10.76 ? 22  HIS A CA  1 
ATOM   178  C C   . HIS A 1 22  ? -7.027  -9.975  -10.975 1.00 12.11 ? 22  HIS A C   1 
ATOM   179  O O   . HIS A 1 22  ? -7.973  -9.287  -10.600 1.00 9.87  ? 22  HIS A O   1 
ATOM   180  C CB  . HIS A 1 22  ? -5.077  -8.401  -11.020 1.00 10.72 ? 22  HIS A CB  1 
ATOM   181  C CG  . HIS A 1 22  ? -3.792  -8.002  -11.681 1.00 12.94 ? 22  HIS A CG  1 
ATOM   182  N ND1 . HIS A 1 22  ? -3.114  -6.847  -11.353 1.00 12.41 ? 22  HIS A ND1 1 
ATOM   183  C CD2 . HIS A 1 22  ? -3.046  -8.623  -12.625 1.00 13.70 ? 22  HIS A CD2 1 
ATOM   184  C CE1 . HIS A 1 22  ? -2.005  -6.772  -12.068 1.00 11.74 ? 22  HIS A CE1 1 
ATOM   185  N NE2 . HIS A 1 22  ? -1.939  -7.837  -12.847 1.00 13.40 ? 22  HIS A NE2 1 
ATOM   186  N N   . GLU A 1 23  ? -6.890  -11.255 -10.627 1.00 11.39 ? 23  GLU A N   1 
ATOM   187  C CA  . GLU A 1 23  ? -7.897  -11.937 -9.812  1.00 14.26 ? 23  GLU A CA  1 
ATOM   188  C C   . GLU A 1 23  ? -7.960  -11.467 -8.355  1.00 14.84 ? 23  GLU A C   1 
ATOM   189  O O   . GLU A 1 23  ? -9.025  -11.490 -7.733  1.00 15.13 ? 23  GLU A O   1 
ATOM   190  C CB  . GLU A 1 23  ? -7.687  -13.455 -9.870  1.00 16.76 ? 23  GLU A CB  1 
ATOM   191  C CG  . GLU A 1 23  ? -7.805  -14.035 -11.274 1.00 21.90 ? 23  GLU A CG  1 
ATOM   192  C CD  . GLU A 1 23  ? -7.704  -15.557 -11.301 1.00 24.91 ? 23  GLU A CD  1 
ATOM   193  O OE1 . GLU A 1 23  ? -7.711  -16.134 -12.409 1.00 27.31 ? 23  GLU A OE1 1 
ATOM   194  O OE2 . GLU A 1 23  ? -7.619  -16.176 -10.219 1.00 27.59 ? 23  GLU A OE2 1 
ATOM   195  N N   . PHE A 1 24  ? -6.825  -11.050 -7.805  1.00 13.88 ? 24  PHE A N   1 
ATOM   196  C CA  . PHE A 1 24  ? -6.804  -10.552 -6.438  1.00 11.62 ? 24  PHE A CA  1 
ATOM   197  C C   . PHE A 1 24  ? -5.792  -9.440  -6.249  1.00 12.86 ? 24  PHE A C   1 
ATOM   198  O O   . PHE A 1 24  ? -4.933  -9.202  -7.104  1.00 10.09 ? 24  PHE A O   1 
ATOM   199  C CB  . PHE A 1 24  ? -6.561  -11.680 -5.414  1.00 10.45 ? 24  PHE A CB  1 
ATOM   200  C CG  . PHE A 1 24  ? -5.360  -12.557 -5.705  1.00 11.08 ? 24  PHE A CG  1 
ATOM   201  C CD1 . PHE A 1 24  ? -5.530  -13.836 -6.235  1.00 11.58 ? 24  PHE A CD1 1 
ATOM   202  C CD2 . PHE A 1 24  ? -4.074  -12.123 -5.408  1.00 9.30  ? 24  PHE A CD2 1 
ATOM   203  C CE1 . PHE A 1 24  ? -4.429  -14.677 -6.462  1.00 14.49 ? 24  PHE A CE1 1 
ATOM   204  C CE2 . PHE A 1 24  ? -2.954  -12.958 -5.633  1.00 11.38 ? 24  PHE A CE2 1 
ATOM   205  C CZ  . PHE A 1 24  ? -3.139  -14.235 -6.159  1.00 11.29 ? 24  PHE A CZ  1 
ATOM   206  N N   . MET A 1 25  ? -5.937  -8.737  -5.130  1.00 10.46 ? 25  MET A N   1 
ATOM   207  C CA  . MET A 1 25  ? -5.058  -7.637  -4.773  1.00 10.88 ? 25  MET A CA  1 
ATOM   208  C C   . MET A 1 25  ? -4.438  -7.935  -3.424  1.00 11.31 ? 25  MET A C   1 
ATOM   209  O O   . MET A 1 25  ? -5.144  -8.205  -2.452  1.00 12.29 ? 25  MET A O   1 
ATOM   210  C CB  . MET A 1 25  ? -5.846  -6.329  -4.697  1.00 13.97 ? 25  MET A CB  1 
ATOM   211  C CG  . MET A 1 25  ? -6.280  -5.799  -6.034  1.00 17.87 ? 25  MET A CG  1 
ATOM   212  S SD  . MET A 1 25  ? -7.023  -4.180  -5.827  1.00 18.16 ? 25  MET A SD  1 
ATOM   213  C CE  . MET A 1 25  ? -5.593  -3.190  -5.541  1.00 22.64 ? 25  MET A CE  1 
ATOM   214  N N   . THR A 1 26  ? -3.113  -7.904  -3.372  1.00 9.67  ? 26  THR A N   1 
ATOM   215  C CA  . THR A 1 26  ? -2.399  -8.172  -2.135  1.00 10.89 ? 26  THR A CA  1 
ATOM   216  C C   . THR A 1 26  ? -1.851  -6.878  -1.572  1.00 10.42 ? 26  THR A C   1 
ATOM   217  O O   . THR A 1 26  ? -2.105  -5.802  -2.108  1.00 10.62 ? 26  THR A O   1 
ATOM   218  C CB  . THR A 1 26  ? -1.218  -9.090  -2.382  1.00 11.60 ? 26  THR A CB  1 
ATOM   219  O OG1 . THR A 1 26  ? -0.300  -8.432  -3.265  1.00 10.54 ? 26  THR A OG1 1 
ATOM   220  C CG2 . THR A 1 26  ? -1.688  -10.388 -3.019  1.00 12.06 ? 26  THR A CG2 1 
ATOM   221  N N   . VAL A 1 27  ? -1.093  -6.995  -0.490  1.00 8.38  ? 27  VAL A N   1 
ATOM   222  C CA  . VAL A 1 27  ? -0.484  -5.832  0.127   1.00 9.63  ? 27  VAL A CA  1 
ATOM   223  C C   . VAL A 1 27  ? 0.519   -5.176  -0.845  1.00 8.67  ? 27  VAL A C   1 
ATOM   224  O O   . VAL A 1 27  ? 0.804   -3.977  -0.746  1.00 9.47  ? 27  VAL A O   1 
ATOM   225  C CB  . VAL A 1 27  ? 0.199   -6.224  1.472   1.00 8.18  ? 27  VAL A CB  1 
ATOM   226  C CG1 . VAL A 1 27  ? 1.253   -7.291  1.242   1.00 9.93  ? 27  VAL A CG1 1 
ATOM   227  C CG2 . VAL A 1 27  ? 0.809   -4.993  2.127   1.00 11.87 ? 27  VAL A CG2 1 
ATOM   228  N N   . GLU A 1 28  ? 1.034   -5.948  -1.801  1.00 9.49  ? 28  GLU A N   1 
ATOM   229  C CA  . GLU A 1 28  ? 1.964   -5.391  -2.776  1.00 8.38  ? 28  GLU A CA  1 
ATOM   230  C C   . GLU A 1 28  ? 1.249   -4.374  -3.664  1.00 9.36  ? 28  GLU A C   1 
ATOM   231  O O   . GLU A 1 28  ? 1.800   -3.307  -3.957  1.00 8.95  ? 28  GLU A O   1 
ATOM   232  C CB  . GLU A 1 28  ? 2.598   -6.503  -3.625  1.00 12.46 ? 28  GLU A CB  1 
ATOM   233  C CG  . GLU A 1 28  ? 3.696   -7.265  -2.881  1.00 9.21  ? 28  GLU A CG  1 
ATOM   234  C CD  . GLU A 1 28  ? 3.164   -8.276  -1.879  1.00 14.14 ? 28  GLU A CD  1 
ATOM   235  O OE1 . GLU A 1 28  ? 3.796   -8.438  -0.808  1.00 12.54 ? 28  GLU A OE1 1 
ATOM   236  O OE2 . GLU A 1 28  ? 2.133   -8.924  -2.169  1.00 12.48 ? 28  GLU A OE2 1 
ATOM   237  N N   . HIS A 1 29  ? 0.030   -4.708  -4.095  1.00 7.89  ? 29  HIS A N   1 
ATOM   238  C CA  . HIS A 1 29  ? -0.782  -3.799  -4.907  1.00 6.86  ? 29  HIS A CA  1 
ATOM   239  C C   . HIS A 1 29  ? -1.031  -2.536  -4.096  1.00 7.07  ? 29  HIS A C   1 
ATOM   240  O O   . HIS A 1 29  ? -1.080  -1.428  -4.635  1.00 9.33  ? 29  HIS A O   1 
ATOM   241  C CB  . HIS A 1 29  ? -2.150  -4.408  -5.229  1.00 8.37  ? 29  HIS A CB  1 
ATOM   242  C CG  . HIS A 1 29  ? -2.109  -5.512  -6.239  1.00 10.05 ? 29  HIS A CG  1 
ATOM   243  N ND1 . HIS A 1 29  ? -1.527  -6.734  -5.984  1.00 10.99 ? 29  HIS A ND1 1 
ATOM   244  C CD2 . HIS A 1 29  ? -2.585  -5.578  -7.505  1.00 11.37 ? 29  HIS A CD2 1 
ATOM   245  C CE1 . HIS A 1 29  ? -1.644  -7.506  -7.047  1.00 12.30 ? 29  HIS A CE1 1 
ATOM   246  N NE2 . HIS A 1 29  ? -2.281  -6.829  -7.985  1.00 13.94 ? 29  HIS A NE2 1 
ATOM   247  N N   . LEU A 1 30  ? -1.233  -2.715  -2.796  1.00 6.68  ? 30  LEU A N   1 
ATOM   248  C CA  . LEU A 1 30  ? -1.496  -1.587  -1.907  1.00 8.37  ? 30  LEU A CA  1 
ATOM   249  C C   . LEU A 1 30  ? -0.298  -0.645  -1.821  1.00 7.55  ? 30  LEU A C   1 
ATOM   250  O O   . LEU A 1 30  ? -0.438  0.567   -1.973  1.00 7.82  ? 30  LEU A O   1 
ATOM   251  C CB  . LEU A 1 30  ? -1.868  -2.104  -0.514  1.00 11.59 ? 30  LEU A CB  1 
ATOM   252  C CG  . LEU A 1 30  ? -2.263  -1.092  0.563   1.00 13.94 ? 30  LEU A CG  1 
ATOM   253  C CD1 . LEU A 1 30  ? -3.402  -0.215  0.072   1.00 14.83 ? 30  LEU A CD1 1 
ATOM   254  C CD2 . LEU A 1 30  ? -2.668  -1.856  1.826   1.00 13.95 ? 30  LEU A CD2 1 
ATOM   255  N N   . LEU A 1 31  ? 0.889   -1.197  -1.582  1.00 8.48  ? 31  LEU A N   1 
ATOM   256  C CA  . LEU A 1 31  ? 2.079   -0.364  -1.493  1.00 7.05  ? 31  LEU A CA  1 
ATOM   257  C C   . LEU A 1 31  ? 2.307   0.388   -2.810  1.00 8.60  ? 31  LEU A C   1 
ATOM   258  O O   . LEU A 1 31  ? 2.664   1.560   -2.807  1.00 7.29  ? 31  LEU A O   1 
ATOM   259  C CB  . LEU A 1 31  ? 3.301   -1.224  -1.159  1.00 9.16  ? 31  LEU A CB  1 
ATOM   260  C CG  . LEU A 1 31  ? 4.649   -0.503  -1.081  1.00 8.79  ? 31  LEU A CG  1 
ATOM   261  C CD1 . LEU A 1 31  ? 4.598   0.611   -0.037  1.00 9.00  ? 31  LEU A CD1 1 
ATOM   262  C CD2 . LEU A 1 31  ? 5.718   -1.514  -0.722  1.00 12.81 ? 31  LEU A CD2 1 
ATOM   263  N N   . LEU A 1 32  ? 2.086   -0.283  -3.937  1.00 7.93  ? 32  LEU A N   1 
ATOM   264  C CA  . LEU A 1 32  ? 2.266   0.363   -5.235  1.00 10.00 ? 32  LEU A CA  1 
ATOM   265  C C   . LEU A 1 32  ? 1.355   1.581   -5.327  1.00 9.23  ? 32  LEU A C   1 
ATOM   266  O O   . LEU A 1 32  ? 1.792   2.679   -5.703  1.00 9.55  ? 32  LEU A O   1 
ATOM   267  C CB  . LEU A 1 32  ? 1.945   -0.614  -6.380  1.00 9.35  ? 32  LEU A CB  1 
ATOM   268  C CG  . LEU A 1 32  ? 2.044   0.029   -7.771  1.00 15.24 ? 32  LEU A CG  1 
ATOM   269  C CD1 . LEU A 1 32  ? 3.465   0.527   -7.994  1.00 13.78 ? 32  LEU A CD1 1 
ATOM   270  C CD2 . LEU A 1 32  ? 1.652   -0.967  -8.854  1.00 15.16 ? 32  LEU A CD2 1 
ATOM   271  N N   . ALA A 1 33  ? 0.091   1.390   -4.964  1.00 9.06  ? 33  ALA A N   1 
ATOM   272  C CA  . ALA A 1 33  ? -0.884  2.478   -4.995  1.00 10.82 ? 33  ALA A CA  1 
ATOM   273  C C   . ALA A 1 33  ? -0.417  3.660   -4.155  1.00 12.20 ? 33  ALA A C   1 
ATOM   274  O O   . ALA A 1 33  ? -0.581  4.818   -4.548  1.00 12.49 ? 33  ALA A O   1 
ATOM   275  C CB  . ALA A 1 33  ? -2.227  1.987   -4.482  1.00 11.79 ? 33  ALA A CB  1 
ATOM   276  N N   . LEU A 1 34  ? 0.159   3.356   -2.997  1.00 10.08 ? 34  LEU A N   1 
ATOM   277  C CA  . LEU A 1 34  ? 0.645   4.376   -2.072  1.00 10.83 ? 34  LEU A CA  1 
ATOM   278  C C   . LEU A 1 34  ? 1.854   5.188   -2.558  1.00 11.18 ? 34  LEU A C   1 
ATOM   279  O O   . LEU A 1 34  ? 2.092   6.287   -2.062  1.00 10.00 ? 34  LEU A O   1 
ATOM   280  C CB  . LEU A 1 34  ? 0.989   3.731   -0.727  1.00 9.94  ? 34  LEU A CB  1 
ATOM   281  C CG  . LEU A 1 34  ? -0.146  3.036   0.025   1.00 11.64 ? 34  LEU A CG  1 
ATOM   282  C CD1 . LEU A 1 34  ? 0.403   2.411   1.300   1.00 12.21 ? 34  LEU A CD1 1 
ATOM   283  C CD2 . LEU A 1 34  ? -1.241  4.039   0.350   1.00 12.28 ? 34  LEU A CD2 1 
ATOM   284  N N   . LEU A 1 35  ? 2.626   4.664   -3.507  1.00 13.00 ? 35  LEU A N   1 
ATOM   285  C CA  . LEU A 1 35  ? 3.787   5.407   -3.995  1.00 13.55 ? 35  LEU A CA  1 
ATOM   286  C C   . LEU A 1 35  ? 3.351   6.716   -4.655  1.00 15.70 ? 35  LEU A C   1 
ATOM   287  O O   . LEU A 1 35  ? 4.161   7.631   -4.833  1.00 15.62 ? 35  LEU A O   1 
ATOM   288  C CB  . LEU A 1 35  ? 4.605   4.570   -4.990  1.00 13.61 ? 35  LEU A CB  1 
ATOM   289  C CG  . LEU A 1 35  ? 5.186   3.250   -4.465  1.00 12.58 ? 35  LEU A CG  1 
ATOM   290  C CD1 . LEU A 1 35  ? 6.100   2.635   -5.520  1.00 15.28 ? 35  LEU A CD1 1 
ATOM   291  C CD2 . LEU A 1 35  ? 5.955   3.499   -3.177  1.00 16.95 ? 35  LEU A CD2 1 
ATOM   292  N N   . SER A 1 36  ? 2.069   6.794   -5.007  1.00 14.62 ? 36  SER A N   1 
ATOM   293  C CA  . SER A 1 36  ? 1.493   7.985   -5.636  1.00 16.81 ? 36  SER A CA  1 
ATOM   294  C C   . SER A 1 36  ? 0.611   8.759   -4.658  1.00 15.59 ? 36  SER A C   1 
ATOM   295  O O   . SER A 1 36  ? 0.016   9.775   -5.012  1.00 16.97 ? 36  SER A O   1 
ATOM   296  C CB  . SER A 1 36  ? 0.655   7.595   -6.858  1.00 16.53 ? 36  SER A CB  1 
ATOM   297  O OG  . SER A 1 36  ? 1.487   7.142   -7.911  1.00 25.10 ? 36  SER A OG  1 
ATOM   298  N N   . ASN A 1 37  ? 0.517   8.264   -3.431  1.00 13.30 ? 37  ASN A N   1 
ATOM   299  C CA  . ASN A 1 37  ? -0.285  8.924   -2.413  1.00 13.00 ? 37  ASN A CA  1 
ATOM   300  C C   . ASN A 1 37  ? 0.582   10.021  -1.798  1.00 13.20 ? 37  ASN A C   1 
ATOM   301  O O   . ASN A 1 37  ? 1.687   9.753   -1.329  1.00 10.60 ? 37  ASN A O   1 
ATOM   302  C CB  . ASN A 1 37  ? -0.723  7.911   -1.357  1.00 10.41 ? 37  ASN A CB  1 
ATOM   303  C CG  . ASN A 1 37  ? -1.439  8.561   -0.191  1.00 12.41 ? 37  ASN A CG  1 
ATOM   304  O OD1 . ASN A 1 37  ? -0.808  9.073   0.724   1.00 11.03 ? 37  ASN A OD1 1 
ATOM   305  N ND2 . ASN A 1 37  ? -2.766  8.557   -0.231  1.00 12.62 ? 37  ASN A ND2 1 
ATOM   306  N N   . PRO A 1 38  ? 0.096   11.276  -1.807  1.00 15.05 ? 38  PRO A N   1 
ATOM   307  C CA  . PRO A 1 38  ? 0.833   12.418  -1.255  1.00 13.97 ? 38  PRO A CA  1 
ATOM   308  C C   . PRO A 1 38  ? 1.383   12.224  0.154   1.00 13.95 ? 38  PRO A C   1 
ATOM   309  O O   . PRO A 1 38  ? 2.538   12.548  0.425   1.00 12.60 ? 38  PRO A O   1 
ATOM   310  C CB  . PRO A 1 38  ? -0.185  13.552  -1.332  1.00 17.51 ? 38  PRO A CB  1 
ATOM   311  C CG  . PRO A 1 38  ? -0.944  13.214  -2.565  1.00 17.13 ? 38  PRO A CG  1 
ATOM   312  C CD  . PRO A 1 38  ? -1.174  11.726  -2.406  1.00 17.56 ? 38  PRO A CD  1 
ATOM   313  N N   . SER A 1 39  ? 0.553   11.701  1.050   1.00 12.02 ? 39  SER A N   1 
ATOM   314  C CA  . SER A 1 39  ? 0.961   11.474  2.431   1.00 13.60 ? 39  SER A CA  1 
ATOM   315  C C   . SER A 1 39  ? 2.086   10.440  2.552   1.00 12.67 ? 39  SER A C   1 
ATOM   316  O O   . SER A 1 39  ? 3.098   10.684  3.205   1.00 13.16 ? 39  SER A O   1 
ATOM   317  C CB  . SER A 1 39  ? -0.245  11.025  3.261   1.00 16.38 ? 39  SER A CB  1 
ATOM   318  O OG  . SER A 1 39  ? 0.139   10.738  4.591   1.00 22.28 ? 39  SER A OG  1 
ATOM   319  N N   . ALA A 1 40  ? 1.907   9.285   1.920   1.00 11.71 ? 40  ALA A N   1 
ATOM   320  C CA  . ALA A 1 40  ? 2.923   8.231   1.963   1.00 12.77 ? 40  ALA A CA  1 
ATOM   321  C C   . ALA A 1 40  ? 4.189   8.604   1.187   1.00 11.79 ? 40  ALA A C   1 
ATOM   322  O O   . ALA A 1 40  ? 5.297   8.302   1.626   1.00 11.52 ? 40  ALA A O   1 
ATOM   323  C CB  . ALA A 1 40  ? 2.340   6.919   1.414   1.00 9.52  ? 40  ALA A CB  1 
ATOM   324  N N   . ARG A 1 41  ? 4.028   9.260   0.040   1.00 13.46 ? 41  ARG A N   1 
ATOM   325  C CA  . ARG A 1 41  ? 5.174   9.657   -0.782  1.00 14.22 ? 41  ARG A CA  1 
ATOM   326  C C   . ARG A 1 41  ? 6.078   10.637  -0.041  1.00 15.63 ? 41  ARG A C   1 
ATOM   327  O O   . ARG A 1 41  ? 7.309   10.510  -0.060  1.00 12.27 ? 41  ARG A O   1 
ATOM   328  C CB  . ARG A 1 41  ? 4.692   10.306  -2.079  1.00 18.48 ? 41  ARG A CB  1 
ATOM   329  C CG  . ARG A 1 41  ? 5.811   10.873  -2.943  1.00 21.50 ? 41  ARG A CG  1 
ATOM   330  C CD  . ARG A 1 41  ? 5.283   11.944  -3.876  1.00 26.26 ? 41  ARG A CD  1 
ATOM   331  N NE  . ARG A 1 41  ? 4.278   11.427  -4.800  1.00 29.64 ? 41  ARG A NE  1 
ATOM   332  C CZ  . ARG A 1 41  ? 3.199   12.105  -5.179  1.00 30.20 ? 41  ARG A CZ  1 
ATOM   333  N NH1 . ARG A 1 41  ? 2.982   13.328  -4.708  1.00 31.70 ? 41  ARG A NH1 1 
ATOM   334  N NH2 . ARG A 1 41  ? 2.339   11.563  -6.031  1.00 31.46 ? 41  ARG A NH2 1 
ATOM   335  N N   . GLU A 1 42  ? 5.454   11.620  0.601   1.00 15.78 ? 42  GLU A N   1 
ATOM   336  C CA  . GLU A 1 42  ? 6.179   12.628  1.356   1.00 16.93 ? 42  GLU A CA  1 
ATOM   337  C C   . GLU A 1 42  ? 7.002   11.946  2.439   1.00 17.00 ? 42  GLU A C   1 
ATOM   338  O O   . GLU A 1 42  ? 8.124   12.351  2.711   1.00 15.90 ? 42  GLU A O   1 
ATOM   339  C CB  . GLU A 1 42  ? 5.207   13.611  2.008   1.00 19.30 ? 42  GLU A CB  1 
ATOM   340  C CG  . GLU A 1 42  ? 5.814   14.979  2.255   1.00 24.67 ? 42  GLU A CG  1 
ATOM   341  C CD  . GLU A 1 42  ? 5.221   15.685  3.455   1.00 26.57 ? 42  GLU A CD  1 
ATOM   342  O OE1 . GLU A 1 42  ? 3.984   15.657  3.625   1.00 27.10 ? 42  GLU A OE1 1 
ATOM   343  O OE2 . GLU A 1 42  ? 6.001   16.281  4.229   1.00 28.77 ? 42  GLU A OE2 1 
ATOM   344  N N   . ALA A 1 43  ? 6.437   10.913  3.055   1.00 13.51 ? 43  ALA A N   1 
ATOM   345  C CA  . ALA A 1 43  ? 7.151   10.197  4.105   1.00 14.09 ? 43  ALA A CA  1 
ATOM   346  C C   . ALA A 1 43  ? 8.343   9.439   3.532   1.00 14.41 ? 43  ALA A C   1 
ATOM   347  O O   . ALA A 1 43  ? 9.399   9.374   4.155   1.00 15.33 ? 43  ALA A O   1 
ATOM   348  C CB  . ALA A 1 43  ? 6.209   9.241   4.834   1.00 12.55 ? 43  ALA A CB  1 
ATOM   349  N N   . LEU A 1 44  ? 8.185   8.869   2.343   1.00 14.66 ? 44  LEU A N   1 
ATOM   350  C CA  . LEU A 1 44  ? 9.284   8.128   1.726   1.00 15.62 ? 44  LEU A CA  1 
ATOM   351  C C   . LEU A 1 44  ? 10.387  9.069   1.245   1.00 17.65 ? 44  LEU A C   1 
ATOM   352  O O   . LEU A 1 44  ? 11.574  8.753   1.358   1.00 18.64 ? 44  LEU A O   1 
ATOM   353  C CB  . LEU A 1 44  ? 8.761   7.283   0.566   1.00 16.24 ? 44  LEU A CB  1 
ATOM   354  C CG  . LEU A 1 44  ? 7.835   6.140   1.000   1.00 17.56 ? 44  LEU A CG  1 
ATOM   355  C CD1 . LEU A 1 44  ? 7.183   5.517   -0.217  1.00 16.08 ? 44  LEU A CD1 1 
ATOM   356  C CD2 . LEU A 1 44  ? 8.635   5.095   1.779   1.00 16.83 ? 44  LEU A CD2 1 
ATOM   357  N N   . GLU A 1 45  ? 9.995   10.224  0.712   1.00 17.46 ? 45  GLU A N   1 
ATOM   358  C CA  . GLU A 1 45  ? 10.965  11.205  0.236   1.00 20.45 ? 45  GLU A CA  1 
ATOM   359  C C   . GLU A 1 45  ? 11.805  11.714  1.396   1.00 21.07 ? 45  GLU A C   1 
ATOM   360  O O   . GLU A 1 45  ? 13.005  11.934  1.250   1.00 22.68 ? 45  GLU A O   1 
ATOM   361  C CB  . GLU A 1 45  ? 10.253  12.372  -0.451  1.00 21.66 ? 45  GLU A CB  1 
ATOM   362  C CG  . GLU A 1 45  ? 9.798   12.044  -1.861  1.00 25.24 ? 45  GLU A CG  1 
ATOM   363  C CD  . GLU A 1 45  ? 8.846   13.077  -2.416  1.00 27.34 ? 45  GLU A CD  1 
ATOM   364  O OE1 . GLU A 1 45  ? 8.661   13.112  -3.647  1.00 30.12 ? 45  GLU A OE1 1 
ATOM   365  O OE2 . GLU A 1 45  ? 8.277   13.846  -1.613  1.00 29.44 ? 45  GLU A OE2 1 
ATOM   366  N N   . ALA A 1 46  ? 11.174  11.887  2.553   1.00 21.48 ? 46  ALA A N   1 
ATOM   367  C CA  . ALA A 1 46  ? 11.883  12.349  3.738   1.00 24.25 ? 46  ALA A CA  1 
ATOM   368  C C   . ALA A 1 46  ? 12.976  11.345  4.100   1.00 26.82 ? 46  ALA A C   1 
ATOM   369  O O   . ALA A 1 46  ? 13.987  11.706  4.702   1.00 28.06 ? 46  ALA A O   1 
ATOM   370  C CB  . ALA A 1 46  ? 10.909  12.511  4.902   1.00 23.00 ? 46  ALA A CB  1 
ATOM   371  N N   . CYS A 1 47  ? 12.769  10.085  3.726   1.00 27.75 ? 47  CYS A N   1 
ATOM   372  C CA  . CYS A 1 47  ? 13.737  9.025   4.005   1.00 30.68 ? 47  CYS A CA  1 
ATOM   373  C C   . CYS A 1 47  ? 14.711  8.815   2.842   1.00 30.59 ? 47  CYS A C   1 
ATOM   374  O O   . CYS A 1 47  ? 15.430  7.816   2.802   1.00 30.47 ? 47  CYS A O   1 
ATOM   375  C CB  . CYS A 1 47  ? 13.013  7.709   4.297   1.00 32.01 ? 47  CYS A CB  1 
ATOM   376  S SG  . CYS A 1 47  ? 11.887  7.751   5.712   1.00 38.23 ? 47  CYS A SG  1 
ATOM   377  N N   . SER A 1 48  ? 14.722  9.754   1.900   1.00 30.33 ? 48  SER A N   1 
ATOM   378  C CA  . SER A 1 48  ? 15.602  9.693   0.732   1.00 31.73 ? 48  SER A CA  1 
ATOM   379  C C   . SER A 1 48  ? 15.526  8.363   -0.018  1.00 30.68 ? 48  SER A C   1 
ATOM   380  O O   . SER A 1 48  ? 16.533  7.864   -0.520  1.00 31.40 ? 48  SER A O   1 
ATOM   381  C CB  . SER A 1 48  ? 17.052  9.958   1.153   1.00 33.02 ? 48  SER A CB  1 
ATOM   382  O OG  . SER A 1 48  ? 17.898  10.055  0.020   1.00 36.32 ? 48  SER A OG  1 
ATOM   383  N N   . VAL A 1 49  ? 14.326  7.801   -0.103  1.00 30.11 ? 49  VAL A N   1 
ATOM   384  C CA  . VAL A 1 49  ? 14.109  6.529   -0.787  1.00 28.87 ? 49  VAL A CA  1 
ATOM   385  C C   . VAL A 1 49  ? 14.014  6.713   -2.300  1.00 28.26 ? 49  VAL A C   1 
ATOM   386  O O   . VAL A 1 49  ? 13.386  7.656   -2.778  1.00 28.23 ? 49  VAL A O   1 
ATOM   387  C CB  . VAL A 1 49  ? 12.800  5.859   -0.302  1.00 28.03 ? 49  VAL A CB  1 
ATOM   388  C CG1 . VAL A 1 49  ? 12.553  4.571   -1.065  1.00 29.21 ? 49  VAL A CG1 1 
ATOM   389  C CG2 . VAL A 1 49  ? 12.877  5.591   1.191   1.00 28.40 ? 49  VAL A CG2 1 
ATOM   390  N N   . ASP A 1 50  ? 14.644  5.813   -3.050  1.00 26.98 ? 50  ASP A N   1 
ATOM   391  C CA  . ASP A 1 50  ? 14.585  5.882   -4.504  1.00 26.58 ? 50  ASP A CA  1 
ATOM   392  C C   . ASP A 1 50  ? 13.235  5.291   -4.913  1.00 25.32 ? 50  ASP A C   1 
ATOM   393  O O   . ASP A 1 50  ? 13.107  4.081   -5.099  1.00 23.52 ? 50  ASP A O   1 
ATOM   394  C CB  . ASP A 1 50  ? 15.716  5.069   -5.137  1.00 28.76 ? 50  ASP A CB  1 
ATOM   395  C CG  . ASP A 1 50  ? 15.791  5.250   -6.646  1.00 30.47 ? 50  ASP A CG  1 
ATOM   396  O OD1 . ASP A 1 50  ? 14.784  5.684   -7.243  1.00 30.72 ? 50  ASP A OD1 1 
ATOM   397  O OD2 . ASP A 1 50  ? 16.853  4.950   -7.235  1.00 31.19 ? 50  ASP A OD2 1 
ATOM   398  N N   . LEU A 1 51  ? 12.229  6.149   -5.041  1.00 25.24 ? 51  LEU A N   1 
ATOM   399  C CA  . LEU A 1 51  ? 10.892  5.699   -5.410  1.00 26.62 ? 51  LEU A CA  1 
ATOM   400  C C   . LEU A 1 51  ? 10.814  5.101   -6.810  1.00 25.89 ? 51  LEU A C   1 
ATOM   401  O O   . LEU A 1 51  ? 9.973   4.245   -7.075  1.00 25.00 ? 51  LEU A O   1 
ATOM   402  C CB  . LEU A 1 51  ? 9.896   6.854   -5.289  1.00 27.46 ? 51  LEU A CB  1 
ATOM   403  C CG  . LEU A 1 51  ? 9.660   7.346   -3.861  1.00 29.27 ? 51  LEU A CG  1 
ATOM   404  C CD1 . LEU A 1 51  ? 8.673   8.500   -3.873  1.00 32.14 ? 51  LEU A CD1 1 
ATOM   405  C CD2 . LEU A 1 51  ? 9.143   6.196   -3.009  1.00 30.15 ? 51  LEU A CD2 1 
ATOM   406  N N   . VAL A 1 52  ? 11.686  5.560   -7.702  1.00 25.93 ? 52  VAL A N   1 
ATOM   407  C CA  . VAL A 1 52  ? 11.716  5.061   -9.072  1.00 24.45 ? 52  VAL A CA  1 
ATOM   408  C C   . VAL A 1 52  ? 12.096  3.586   -9.073  1.00 22.97 ? 52  VAL A C   1 
ATOM   409  O O   . VAL A 1 52  ? 11.428  2.758   -9.692  1.00 20.69 ? 52  VAL A O   1 
ATOM   410  C CB  . VAL A 1 52  ? 12.749  5.835   -9.928  1.00 26.02 ? 52  VAL A CB  1 
ATOM   411  C CG1 . VAL A 1 52  ? 12.802  5.257   -11.332 1.00 26.92 ? 52  VAL A CG1 1 
ATOM   412  C CG2 . VAL A 1 52  ? 12.385  7.311   -9.971  1.00 27.04 ? 52  VAL A CG2 1 
ATOM   413  N N   . ALA A 1 53  ? 13.180  3.273   -8.372  1.00 21.23 ? 53  ALA A N   1 
ATOM   414  C CA  . ALA A 1 53  ? 13.669  1.906   -8.279  1.00 21.25 ? 53  ALA A CA  1 
ATOM   415  C C   . ALA A 1 53  ? 12.675  1.015   -7.548  1.00 20.78 ? 53  ALA A C   1 
ATOM   416  O O   . ALA A 1 53  ? 12.421  -0.116  -7.961  1.00 19.11 ? 53  ALA A O   1 
ATOM   417  C CB  . ALA A 1 53  ? 15.016  1.885   -7.560  1.00 21.35 ? 53  ALA A CB  1 
ATOM   418  N N   . LEU A 1 54  ? 12.116  1.527   -6.456  1.00 18.16 ? 54  LEU A N   1 
ATOM   419  C CA  . LEU A 1 54  ? 11.156  0.759   -5.669  1.00 18.88 ? 54  LEU A CA  1 
ATOM   420  C C   . LEU A 1 54  ? 9.902   0.425   -6.473  1.00 17.22 ? 54  LEU A C   1 
ATOM   421  O O   . LEU A 1 54  ? 9.413   -0.704  -6.437  1.00 16.11 ? 54  LEU A O   1 
ATOM   422  C CB  . LEU A 1 54  ? 10.773  1.534   -4.405  1.00 17.03 ? 54  LEU A CB  1 
ATOM   423  C CG  . LEU A 1 54  ? 9.638   0.969   -3.541  1.00 17.85 ? 54  LEU A CG  1 
ATOM   424  C CD1 . LEU A 1 54  ? 9.970   -0.444  -3.083  1.00 17.14 ? 54  LEU A CD1 1 
ATOM   425  C CD2 . LEU A 1 54  ? 9.417   1.880   -2.350  1.00 17.42 ? 54  LEU A CD2 1 
ATOM   426  N N   . ARG A 1 55  ? 9.385   1.402   -7.204  1.00 17.33 ? 55  ARG A N   1 
ATOM   427  C CA  . ARG A 1 55  ? 8.187   1.177   -8.000  1.00 18.62 ? 55  ARG A CA  1 
ATOM   428  C C   . ARG A 1 55  ? 8.406   0.140   -9.100  1.00 19.29 ? 55  ARG A C   1 
ATOM   429  O O   . ARG A 1 55  ? 7.580   -0.744  -9.298  1.00 16.75 ? 55  ARG A O   1 
ATOM   430  C CB  . ARG A 1 55  ? 7.700   2.492   -8.614  1.00 22.90 ? 55  ARG A CB  1 
ATOM   431  C CG  . ARG A 1 55  ? 6.430   2.337   -9.422  1.00 27.51 ? 55  ARG A CG  1 
ATOM   432  C CD  . ARG A 1 55  ? 5.702   3.660   -9.597  1.00 31.89 ? 55  ARG A CD  1 
ATOM   433  N NE  . ARG A 1 55  ? 4.377   3.457   -10.181 1.00 37.86 ? 55  ARG A NE  1 
ATOM   434  C CZ  . ARG A 1 55  ? 3.421   4.380   -10.211 1.00 39.58 ? 55  ARG A CZ  1 
ATOM   435  N NH1 . ARG A 1 55  ? 3.638   5.580   -9.689  1.00 40.74 ? 55  ARG A NH1 1 
ATOM   436  N NH2 . ARG A 1 55  ? 2.246   4.101   -10.759 1.00 40.53 ? 55  ARG A NH2 1 
ATOM   437  N N   . GLN A 1 56  ? 9.525   0.241   -9.806  1.00 20.01 ? 56  GLN A N   1 
ATOM   438  C CA  . GLN A 1 56  ? 9.816   -0.693  -10.886 1.00 21.70 ? 56  GLN A CA  1 
ATOM   439  C C   . GLN A 1 56  ? 9.887   -2.142  -10.409 1.00 20.06 ? 56  GLN A C   1 
ATOM   440  O O   . GLN A 1 56  ? 9.338   -3.040  -11.045 1.00 19.62 ? 56  GLN A O   1 
ATOM   441  C CB  . GLN A 1 56  ? 11.126  -0.306  -11.574 1.00 24.44 ? 56  GLN A CB  1 
ATOM   442  C CG  . GLN A 1 56  ? 11.393  -1.053  -12.866 1.00 31.10 ? 56  GLN A CG  1 
ATOM   443  C CD  . GLN A 1 56  ? 12.618  -0.532  -13.595 1.00 32.99 ? 56  GLN A CD  1 
ATOM   444  O OE1 . GLN A 1 56  ? 13.752  -0.734  -13.155 1.00 34.85 ? 56  GLN A OE1 1 
ATOM   445  N NE2 . GLN A 1 56  ? 12.393  0.152   -14.712 1.00 35.29 ? 56  GLN A NE2 1 
ATOM   446  N N   . GLU A 1 57  ? 10.555  -2.379  -9.287  1.00 19.32 ? 57  GLU A N   1 
ATOM   447  C CA  . GLU A 1 57  ? 10.664  -3.742  -8.778  1.00 18.76 ? 57  GLU A CA  1 
ATOM   448  C C   . GLU A 1 57  ? 9.296   -4.212  -8.296  1.00 17.30 ? 57  GLU A C   1 
ATOM   449  O O   . GLU A 1 57  ? 8.922   -5.369  -8.472  1.00 13.87 ? 57  GLU A O   1 
ATOM   450  C CB  . GLU A 1 57  ? 11.699  -3.813  -7.644  1.00 20.14 ? 57  GLU A CB  1 
ATOM   451  C CG  . GLU A 1 57  ? 12.092  -5.232  -7.258  1.00 23.86 ? 57  GLU A CG  1 
ATOM   452  C CD  . GLU A 1 57  ? 13.357  -5.298  -6.413  1.00 25.40 ? 57  GLU A CD  1 
ATOM   453  O OE1 . GLU A 1 57  ? 13.719  -6.416  -5.988  1.00 30.40 ? 57  GLU A OE1 1 
ATOM   454  O OE2 . GLU A 1 57  ? 13.989  -4.248  -6.177  1.00 25.85 ? 57  GLU A OE2 1 
ATOM   455  N N   . LEU A 1 58  ? 8.537   -3.296  -7.708  1.00 15.15 ? 58  LEU A N   1 
ATOM   456  C CA  . LEU A 1 58  ? 7.205   -3.614  -7.208  1.00 16.80 ? 58  LEU A CA  1 
ATOM   457  C C   . LEU A 1 58  ? 6.262   -3.955  -8.373  1.00 16.23 ? 58  LEU A C   1 
ATOM   458  O O   . LEU A 1 58  ? 5.533   -4.944  -8.333  1.00 15.42 ? 58  LEU A O   1 
ATOM   459  C CB  . LEU A 1 58  ? 6.674   -2.422  -6.404  1.00 17.44 ? 58  LEU A CB  1 
ATOM   460  C CG  . LEU A 1 58  ? 5.533   -2.626  -5.409  1.00 17.82 ? 58  LEU A CG  1 
ATOM   461  C CD1 . LEU A 1 58  ? 5.808   -3.818  -4.491  1.00 17.43 ? 58  LEU A CD1 1 
ATOM   462  C CD2 . LEU A 1 58  ? 5.380   -1.353  -4.597  1.00 18.13 ? 58  LEU A CD2 1 
ATOM   463  N N   . GLU A 1 59  ? 6.293   -3.148  -9.421  1.00 18.14 ? 59  GLU A N   1 
ATOM   464  C CA  . GLU A 1 59  ? 5.441   -3.396  -10.580 1.00 17.76 ? 59  GLU A CA  1 
ATOM   465  C C   . GLU A 1 59  ? 5.776   -4.725  -11.233 1.00 15.40 ? 59  GLU A C   1 
ATOM   466  O O   . GLU A 1 59  ? 4.893   -5.434  -11.702 1.00 12.74 ? 59  GLU A O   1 
ATOM   467  C CB  . GLU A 1 59  ? 5.605   -2.282  -11.607 1.00 20.78 ? 59  GLU A CB  1 
ATOM   468  C CG  . GLU A 1 59  ? 5.091   -0.957  -11.137 1.00 22.78 ? 59  GLU A CG  1 
ATOM   469  C CD  . GLU A 1 59  ? 5.260   0.130   -12.173 1.00 26.43 ? 59  GLU A CD  1 
ATOM   470  O OE1 . GLU A 1 59  ? 6.379   0.281   -12.713 1.00 28.31 ? 59  GLU A OE1 1 
ATOM   471  O OE2 . GLU A 1 59  ? 4.270   0.835   -12.438 1.00 27.99 ? 59  GLU A OE2 1 
ATOM   472  N N   . ALA A 1 60  ? 7.063   -5.053  -11.262 1.00 15.81 ? 60  ALA A N   1 
ATOM   473  C CA  . ALA A 1 60  ? 7.525   -6.295  -11.869 1.00 16.91 ? 60  ALA A CA  1 
ATOM   474  C C   . ALA A 1 60  ? 7.041   -7.522  -11.104 1.00 15.93 ? 60  ALA A C   1 
ATOM   475  O O   . ALA A 1 60  ? 6.566   -8.493  -11.693 1.00 15.85 ? 60  ALA A O   1 
ATOM   476  C CB  . ALA A 1 60  ? 9.052   -6.297  -11.950 1.00 17.75 ? 60  ALA A CB  1 
ATOM   477  N N   . PHE A 1 61  ? 7.170   -7.476  -9.785  1.00 13.02 ? 61  PHE A N   1 
ATOM   478  C CA  . PHE A 1 61  ? 6.753   -8.587  -8.942  1.00 13.35 ? 61  PHE A CA  1 
ATOM   479  C C   . PHE A 1 61  ? 5.253   -8.846  -9.060  1.00 13.08 ? 61  PHE A C   1 
ATOM   480  O O   . PHE A 1 61  ? 4.799   -9.988  -9.051  1.00 13.73 ? 61  PHE A O   1 
ATOM   481  C CB  . PHE A 1 61  ? 7.092   -8.284  -7.482  1.00 12.83 ? 61  PHE A CB  1 
ATOM   482  C CG  . PHE A 1 61  ? 6.631   -9.338  -6.533  1.00 14.02 ? 61  PHE A CG  1 
ATOM   483  C CD1 . PHE A 1 61  ? 7.408   -10.468 -6.295  1.00 17.99 ? 61  PHE A CD1 1 
ATOM   484  C CD2 . PHE A 1 61  ? 5.397   -9.228  -5.905  1.00 15.06 ? 61  PHE A CD2 1 
ATOM   485  C CE1 . PHE A 1 61  ? 6.955   -11.474 -5.446  1.00 18.40 ? 61  PHE A CE1 1 
ATOM   486  C CE2 . PHE A 1 61  ? 4.939   -10.227 -5.056  1.00 16.66 ? 61  PHE A CE2 1 
ATOM   487  C CZ  . PHE A 1 61  ? 5.717   -11.352 -4.827  1.00 15.21 ? 61  PHE A CZ  1 
ATOM   488  N N   . ILE A 1 62  ? 4.481   -7.775  -9.149  1.00 14.95 ? 62  ILE A N   1 
ATOM   489  C CA  . ILE A 1 62  ? 3.035   -7.909  -9.251  1.00 15.95 ? 62  ILE A CA  1 
ATOM   490  C C   . ILE A 1 62  ? 2.623   -8.603  -10.542 1.00 17.09 ? 62  ILE A C   1 
ATOM   491  O O   . ILE A 1 62  ? 1.812   -9.533  -10.525 1.00 17.23 ? 62  ILE A O   1 
ATOM   492  C CB  . ILE A 1 62  ? 2.361   -6.519  -9.136  1.00 15.68 ? 62  ILE A CB  1 
ATOM   493  C CG1 . ILE A 1 62  ? 2.400   -6.066  -7.670  1.00 15.73 ? 62  ILE A CG1 1 
ATOM   494  C CG2 . ILE A 1 62  ? 0.922   -6.573  -9.664  1.00 16.54 ? 62  ILE A CG2 1 
ATOM   495  C CD1 . ILE A 1 62  ? 1.943   -4.628  -7.428  1.00 11.75 ? 62  ILE A CD1 1 
ATOM   496  N N   . GLU A 1 63  ? 3.190   -8.161  -11.658 1.00 19.94 ? 63  GLU A N   1 
ATOM   497  C CA  . GLU A 1 63  ? 2.876   -8.743  -12.959 1.00 23.45 ? 63  GLU A CA  1 
ATOM   498  C C   . GLU A 1 63  ? 3.249   -10.219 -13.056 1.00 24.50 ? 63  GLU A C   1 
ATOM   499  O O   . GLU A 1 63  ? 2.478   -11.047 -13.548 1.00 24.44 ? 63  GLU A O   1 
ATOM   500  C CB  . GLU A 1 63  ? 3.602   -7.970  -14.062 1.00 26.14 ? 63  GLU A CB  1 
ATOM   501  C CG  . GLU A 1 63  ? 3.083   -6.561  -14.293 1.00 30.78 ? 63  GLU A CG  1 
ATOM   502  C CD  . GLU A 1 63  ? 1.672   -6.544  -14.847 1.00 33.49 ? 63  GLU A CD  1 
ATOM   503  O OE1 . GLU A 1 63  ? 1.459   -7.122  -15.935 1.00 37.16 ? 63  GLU A OE1 1 
ATOM   504  O OE2 . GLU A 1 63  ? 0.778   -5.956  -14.200 1.00 34.44 ? 63  GLU A OE2 1 
ATOM   505  N N   . GLN A 1 64  ? 4.437   -10.548 -12.574 1.00 24.91 ? 64  GLN A N   1 
ATOM   506  C CA  . GLN A 1 64  ? 4.931   -11.910 -12.637 1.00 25.31 ? 64  GLN A CA  1 
ATOM   507  C C   . GLN A 1 64  ? 4.257   -12.878 -11.665 1.00 25.02 ? 64  GLN A C   1 
ATOM   508  O O   . GLN A 1 64  ? 4.355   -14.094 -11.834 1.00 26.82 ? 64  GLN A O   1 
ATOM   509  C CB  . GLN A 1 64  ? 6.444   -11.892 -12.399 1.00 25.65 ? 64  GLN A CB  1 
ATOM   510  C CG  . GLN A 1 64  ? 7.170   -10.872 -13.273 1.00 28.56 ? 64  GLN A CG  1 
ATOM   511  C CD  . GLN A 1 64  ? 8.597   -10.616 -12.828 1.00 30.88 ? 64  GLN A CD  1 
ATOM   512  O OE1 . GLN A 1 64  ? 9.311   -9.811  -13.428 1.00 32.82 ? 64  GLN A OE1 1 
ATOM   513  N NE2 . GLN A 1 64  ? 9.021   -11.300 -11.772 1.00 32.85 ? 64  GLN A NE2 1 
ATOM   514  N N   . THR A 1 65  ? 3.548   -12.349 -10.671 1.00 22.63 ? 65  THR A N   1 
ATOM   515  C CA  . THR A 1 65  ? 2.912   -13.196 -9.668  1.00 22.02 ? 65  THR A CA  1 
ATOM   516  C C   . THR A 1 65  ? 1.392   -13.139 -9.543  1.00 20.22 ? 65  THR A C   1 
ATOM   517  O O   . THR A 1 65  ? 0.792   -14.012 -8.915  1.00 21.30 ? 65  THR A O   1 
ATOM   518  C CB  . THR A 1 65  ? 3.502   -12.911 -8.273  1.00 23.89 ? 65  THR A CB  1 
ATOM   519  O OG1 . THR A 1 65  ? 3.169   -11.575 -7.883  1.00 24.57 ? 65  THR A OG1 1 
ATOM   520  C CG2 . THR A 1 65  ? 5.022   -13.060 -8.295  1.00 24.33 ? 65  THR A CG2 1 
ATOM   521  N N   . THR A 1 66  ? 0.757   -12.123 -10.116 1.00 18.34 ? 66  THR A N   1 
ATOM   522  C CA  . THR A 1 66  ? -0.697  -12.029 -10.010 1.00 15.55 ? 66  THR A CA  1 
ATOM   523  C C   . THR A 1 66  ? -1.405  -12.658 -11.205 1.00 16.26 ? 66  THR A C   1 
ATOM   524  O O   . THR A 1 66  ? -1.117  -12.318 -12.347 1.00 15.09 ? 66  THR A O   1 
ATOM   525  C CB  . THR A 1 66  ? -1.162  -10.572 -9.897  1.00 15.56 ? 66  THR A CB  1 
ATOM   526  O OG1 . THR A 1 66  ? -0.451  -9.929  -8.834  1.00 14.15 ? 66  THR A OG1 1 
ATOM   527  C CG2 . THR A 1 66  ? -2.661  -10.520 -9.592  1.00 13.82 ? 66  THR A CG2 1 
ATOM   528  N N   . PRO A 1 67  ? -2.339  -13.590 -10.947 1.00 14.72 ? 67  PRO A N   1 
ATOM   529  C CA  . PRO A 1 67  ? -3.110  -14.286 -11.984 1.00 17.36 ? 67  PRO A CA  1 
ATOM   530  C C   . PRO A 1 67  ? -4.030  -13.344 -12.761 1.00 19.05 ? 67  PRO A C   1 
ATOM   531  O O   . PRO A 1 67  ? -4.680  -12.475 -12.178 1.00 17.78 ? 67  PRO A O   1 
ATOM   532  C CB  . PRO A 1 67  ? -3.913  -15.318 -11.192 1.00 15.89 ? 67  PRO A CB  1 
ATOM   533  C CG  . PRO A 1 67  ? -3.052  -15.577 -9.992  1.00 18.27 ? 67  PRO A CG  1 
ATOM   534  C CD  . PRO A 1 67  ? -2.604  -14.182 -9.623  1.00 13.09 ? 67  PRO A CD  1 
ATOM   535  N N   . VAL A 1 68  ? -4.088  -13.533 -14.075 1.00 20.97 ? 68  VAL A N   1 
ATOM   536  C CA  . VAL A 1 68  ? -4.929  -12.717 -14.937 1.00 22.89 ? 68  VAL A CA  1 
ATOM   537  C C   . VAL A 1 68  ? -6.169  -13.512 -15.321 1.00 26.76 ? 68  VAL A C   1 
ATOM   538  O O   . VAL A 1 68  ? -6.067  -14.606 -15.876 1.00 24.60 ? 68  VAL A O   1 
ATOM   539  C CB  . VAL A 1 68  ? -4.171  -12.301 -16.217 1.00 23.70 ? 68  VAL A CB  1 
ATOM   540  C CG1 . VAL A 1 68  ? -5.108  -11.570 -17.174 1.00 23.55 ? 68  VAL A CG1 1 
ATOM   541  C CG2 . VAL A 1 68  ? -2.995  -11.414 -15.848 1.00 24.57 ? 68  VAL A CG2 1 
ATOM   542  N N   . LEU A 1 69  ? -7.339  -12.957 -15.024 1.00 28.72 ? 69  LEU A N   1 
ATOM   543  C CA  . LEU A 1 69  ? -8.595  -13.625 -15.324 1.00 32.98 ? 69  LEU A CA  1 
ATOM   544  C C   . LEU A 1 69  ? -8.648  -14.071 -16.780 1.00 36.12 ? 69  LEU A C   1 
ATOM   545  O O   . LEU A 1 69  ? -8.486  -13.262 -17.695 1.00 36.18 ? 69  LEU A O   1 
ATOM   546  C CB  . LEU A 1 69  ? -9.769  -12.689 -15.025 1.00 33.24 ? 69  LEU A CB  1 
ATOM   547  C CG  . LEU A 1 69  ? -11.083 -13.344 -14.597 1.00 34.88 ? 69  LEU A CG  1 
ATOM   548  C CD1 . LEU A 1 69  ? -11.690 -14.126 -15.749 1.00 36.04 ? 69  LEU A CD1 1 
ATOM   549  C CD2 . LEU A 1 69  ? -10.815 -14.251 -13.408 1.00 34.22 ? 69  LEU A CD2 1 
ATOM   550  N N   . PRO A 1 70  ? -8.876  -15.372 -17.013 1.00 39.78 ? 70  PRO A N   1 
ATOM   551  C CA  . PRO A 1 70  ? -8.947  -15.901 -18.377 1.00 42.56 ? 70  PRO A CA  1 
ATOM   552  C C   . PRO A 1 70  ? -10.064 -15.225 -19.155 1.00 44.75 ? 70  PRO A C   1 
ATOM   553  O O   . PRO A 1 70  ? -11.016 -14.720 -18.569 1.00 45.65 ? 70  PRO A O   1 
ATOM   554  C CB  . PRO A 1 70  ? -9.199  -17.391 -18.153 1.00 41.87 ? 70  PRO A CB  1 
ATOM   555  C CG  . PRO A 1 70  ? -9.978  -17.407 -16.869 1.00 41.41 ? 70  PRO A CG  1 
ATOM   556  C CD  . PRO A 1 70  ? -9.213  -16.416 -16.028 1.00 40.00 ? 70  PRO A CD  1 
ATOM   557  N N   . ALA A 1 71  ? -9.945  -15.213 -20.477 1.00 47.98 ? 71  ALA A N   1 
ATOM   558  C CA  . ALA A 1 71  ? -10.950 -14.587 -21.328 1.00 50.70 ? 71  ALA A CA  1 
ATOM   559  C C   . ALA A 1 71  ? -12.366 -15.071 -21.018 1.00 52.33 ? 71  ALA A C   1 
ATOM   560  O O   . ALA A 1 71  ? -13.336 -14.541 -21.559 1.00 52.73 ? 71  ALA A O   1 
ATOM   561  C CB  . ALA A 1 71  ? -10.620 -14.842 -22.796 1.00 50.36 ? 71  ALA A CB  1 
ATOM   562  N N   . SER A 1 72  ? -12.478 -16.069 -20.142 1.00 54.49 ? 72  SER A N   1 
ATOM   563  C CA  . SER A 1 72  ? -13.774 -16.634 -19.763 1.00 55.99 ? 72  SER A CA  1 
ATOM   564  C C   . SER A 1 72  ? -14.683 -15.646 -19.028 1.00 57.28 ? 72  SER A C   1 
ATOM   565  O O   . SER A 1 72  ? -14.559 -14.430 -19.190 1.00 57.58 ? 72  SER A O   1 
ATOM   566  C CB  . SER A 1 72  ? -13.573 -17.881 -18.894 1.00 56.37 ? 72  SER A CB  1 
ATOM   567  O OG  . SER A 1 72  ? -12.991 -17.551 -17.644 1.00 56.16 ? 72  SER A OG  1 
ATOM   568  N N   . GLU A 1 73  ? -15.595 -16.182 -18.219 1.00 58.54 ? 73  GLU A N   1 
ATOM   569  C CA  . GLU A 1 73  ? -16.549 -15.369 -17.465 1.00 59.45 ? 73  GLU A CA  1 
ATOM   570  C C   . GLU A 1 73  ? -16.314 -15.399 -15.960 1.00 59.79 ? 73  GLU A C   1 
ATOM   571  O O   . GLU A 1 73  ? -15.207 -15.662 -15.485 1.00 60.08 ? 73  GLU A O   1 
ATOM   572  C CB  . GLU A 1 73  ? -17.982 -15.844 -17.734 1.00 59.86 ? 73  GLU A CB  1 
ATOM   573  C CG  . GLU A 1 73  ? -18.426 -15.740 -19.174 1.00 60.28 ? 73  GLU A CG  1 
ATOM   574  C CD  . GLU A 1 73  ? -17.488 -16.460 -20.112 1.00 60.83 ? 73  GLU A CD  1 
ATOM   575  O OE1 . GLU A 1 73  ? -17.270 -17.676 -19.914 1.00 60.87 ? 73  GLU A OE1 1 
ATOM   576  O OE2 . GLU A 1 73  ? -16.968 -15.810 -21.047 1.00 60.92 ? 73  GLU A OE2 1 
ATOM   577  N N   . GLU A 1 74  ? -17.387 -15.125 -15.220 1.00 59.68 ? 74  GLU A N   1 
ATOM   578  C CA  . GLU A 1 74  ? -17.372 -15.108 -13.763 1.00 59.02 ? 74  GLU A CA  1 
ATOM   579  C C   . GLU A 1 74  ? -16.313 -14.188 -13.158 1.00 58.07 ? 74  GLU A C   1 
ATOM   580  O O   . GLU A 1 74  ? -15.444 -13.669 -13.862 1.00 58.39 ? 74  GLU A O   1 
ATOM   581  C CB  . GLU A 1 74  ? -17.217 -16.536 -13.222 1.00 58.88 ? 74  GLU A CB  1 
ATOM   582  C CG  . GLU A 1 74  ? -18.489 -17.381 -13.347 1.00 57.97 ? 74  GLU A CG  1 
ATOM   583  C CD  . GLU A 1 74  ? -18.463 -18.358 -14.510 1.00 58.19 ? 74  GLU A CD  1 
ATOM   584  O OE1 . GLU A 1 74  ? -17.630 -19.293 -14.486 1.00 57.62 ? 74  GLU A OE1 1 
ATOM   585  O OE2 . GLU A 1 74  ? -19.279 -18.199 -15.450 1.00 57.39 ? 74  GLU A OE2 1 
ATOM   586  N N   . GLU A 1 75  ? -16.408 -13.985 -11.846 1.00 56.86 ? 75  GLU A N   1 
ATOM   587  C CA  . GLU A 1 75  ? -15.485 -13.127 -11.107 1.00 55.40 ? 75  GLU A CA  1 
ATOM   588  C C   . GLU A 1 75  ? -15.633 -11.659 -11.488 1.00 53.76 ? 75  GLU A C   1 
ATOM   589  O O   . GLU A 1 75  ? -16.155 -10.861 -10.710 1.00 54.21 ? 75  GLU A O   1 
ATOM   590  C CB  . GLU A 1 75  ? -14.038 -13.571 -11.329 1.00 56.10 ? 75  GLU A CB  1 
ATOM   591  C CG  . GLU A 1 75  ? -13.715 -14.931 -10.733 1.00 56.70 ? 75  GLU A CG  1 
ATOM   592  C CD  . GLU A 1 75  ? -12.243 -15.260 -10.811 1.00 57.45 ? 75  GLU A CD  1 
ATOM   593  O OE1 . GLU A 1 75  ? -11.424 -14.439 -10.345 1.00 57.45 ? 75  GLU A OE1 1 
ATOM   594  O OE2 . GLU A 1 75  ? -11.893 -16.343 -11.333 1.00 58.43 ? 75  GLU A OE2 1 
ATOM   595  N N   . ARG A 1 76  ? -15.173 -11.307 -12.685 1.00 52.03 ? 76  ARG A N   1 
ATOM   596  C CA  . ARG A 1 76  ? -15.250 -9.931  -13.168 1.00 49.05 ? 76  ARG A CA  1 
ATOM   597  C C   . ARG A 1 76  ? -14.444 -8.967  -12.300 1.00 45.61 ? 76  ARG A C   1 
ATOM   598  O O   . ARG A 1 76  ? -13.452 -8.390  -12.749 1.00 46.08 ? 76  ARG A O   1 
ATOM   599  C CB  . ARG A 1 76  ? -16.710 -9.462  -13.209 1.00 50.99 ? 76  ARG A CB  1 
ATOM   600  C CG  . ARG A 1 76  ? -17.583 -10.172 -14.229 1.00 52.21 ? 76  ARG A CG  1 
ATOM   601  C CD  . ARG A 1 76  ? -17.155 -9.852  -15.653 1.00 53.67 ? 76  ARG A CD  1 
ATOM   602  N NE  . ARG A 1 76  ? -18.101 -10.381 -16.632 1.00 54.90 ? 76  ARG A NE  1 
ATOM   603  C CZ  . ARG A 1 76  ? -17.984 -10.224 -17.946 1.00 55.14 ? 76  ARG A CZ  1 
ATOM   604  N NH1 . ARG A 1 76  ? -16.957 -9.550  -18.447 1.00 55.23 ? 76  ARG A NH1 1 
ATOM   605  N NH2 . ARG A 1 76  ? -18.896 -10.736 -18.760 1.00 55.12 ? 76  ARG A NH2 1 
ATOM   606  N N   . ASP A 1 77  ? -14.872 -8.794  -11.055 1.00 41.17 ? 77  ASP A N   1 
ATOM   607  C CA  . ASP A 1 77  ? -14.198 -7.883  -10.139 1.00 36.01 ? 77  ASP A CA  1 
ATOM   608  C C   . ASP A 1 77  ? -13.084 -8.552  -9.335  1.00 31.09 ? 77  ASP A C   1 
ATOM   609  O O   . ASP A 1 77  ? -13.160 -9.739  -9.014  1.00 28.19 ? 77  ASP A O   1 
ATOM   610  C CB  . ASP A 1 77  ? -15.221 -7.256  -9.188  1.00 38.36 ? 77  ASP A CB  1 
ATOM   611  C CG  . ASP A 1 77  ? -14.595 -6.275  -8.228  1.00 41.11 ? 77  ASP A CG  1 
ATOM   612  O OD1 . ASP A 1 77  ? -13.870 -5.368  -8.690  1.00 41.97 ? 77  ASP A OD1 1 
ATOM   613  O OD2 . ASP A 1 77  ? -14.832 -6.409  -7.008  1.00 44.59 ? 77  ASP A OD2 1 
ATOM   614  N N   . THR A 1 78  ? -12.055 -7.776  -9.008  1.00 25.89 ? 78  THR A N   1 
ATOM   615  C CA  . THR A 1 78  ? -10.916 -8.283  -8.252  1.00 22.09 ? 78  THR A CA  1 
ATOM   616  C C   . THR A 1 78  ? -11.270 -8.351  -6.765  1.00 21.63 ? 78  THR A C   1 
ATOM   617  O O   . THR A 1 78  ? -12.188 -7.669  -6.305  1.00 23.17 ? 78  THR A O   1 
ATOM   618  C CB  . THR A 1 78  ? -9.675  -7.368  -8.454  1.00 21.01 ? 78  THR A CB  1 
ATOM   619  O OG1 . THR A 1 78  ? -8.517  -7.979  -7.872  1.00 17.70 ? 78  THR A OG1 1 
ATOM   620  C CG2 . THR A 1 78  ? -9.904  -6.006  -7.803  1.00 20.07 ? 78  THR A CG2 1 
ATOM   621  N N   . GLN A 1 79  ? -10.568 -9.183  -6.005  1.00 18.88 ? 79  GLN A N   1 
ATOM   622  C CA  . GLN A 1 79  ? -10.865 -9.259  -4.580  1.00 18.78 ? 79  GLN A CA  1 
ATOM   623  C C   . GLN A 1 79  ? -9.628  -9.035  -3.722  1.00 15.63 ? 79  GLN A C   1 
ATOM   624  O O   . GLN A 1 79  ? -8.565  -9.599  -3.977  1.00 14.40 ? 79  GLN A O   1 
ATOM   625  C CB  . GLN A 1 79  ? -11.526 -10.601 -4.221  1.00 21.13 ? 79  GLN A CB  1 
ATOM   626  C CG  . GLN A 1 79  ? -10.604 -11.795 -4.165  1.00 22.37 ? 79  GLN A CG  1 
ATOM   627  C CD  . GLN A 1 79  ? -11.328 -13.062 -3.724  1.00 23.99 ? 79  GLN A CD  1 
ATOM   628  O OE1 . GLN A 1 79  ? -12.073 -13.666 -4.499  1.00 22.81 ? 79  GLN A OE1 1 
ATOM   629  N NE2 . GLN A 1 79  ? -11.126 -13.459 -2.470  1.00 20.71 ? 79  GLN A NE2 1 
ATOM   630  N N   . PRO A 1 80  ? -9.747  -8.171  -2.703  1.00 16.25 ? 80  PRO A N   1 
ATOM   631  C CA  . PRO A 1 80  ? -8.610  -7.898  -1.824  1.00 14.70 ? 80  PRO A CA  1 
ATOM   632  C C   . PRO A 1 80  ? -8.317  -9.148  -1.003  1.00 13.20 ? 80  PRO A C   1 
ATOM   633  O O   . PRO A 1 80  ? -9.243  -9.826  -0.542  1.00 14.03 ? 80  PRO A O   1 
ATOM   634  C CB  . PRO A 1 80  ? -9.112  -6.730  -0.970  1.00 15.53 ? 80  PRO A CB  1 
ATOM   635  C CG  . PRO A 1 80  ? -10.585 -6.980  -0.893  1.00 17.60 ? 80  PRO A CG  1 
ATOM   636  C CD  . PRO A 1 80  ? -10.918 -7.358  -2.320  1.00 17.64 ? 80  PRO A CD  1 
ATOM   637  N N   . THR A 1 81  ? -7.039  -9.461  -0.822  1.00 11.03 ? 81  THR A N   1 
ATOM   638  C CA  . THR A 1 81  ? -6.670  -10.643 -0.053  1.00 11.46 ? 81  THR A CA  1 
ATOM   639  C C   . THR A 1 81  ? -6.574  -10.321 1.431   1.00 12.06 ? 81  THR A C   1 
ATOM   640  O O   . THR A 1 81  ? -6.742  -9.173  1.841   1.00 11.95 ? 81  THR A O   1 
ATOM   641  C CB  . THR A 1 81  ? -5.321  -11.217 -0.507  1.00 10.50 ? 81  THR A CB  1 
ATOM   642  O OG1 . THR A 1 81  ? -4.293  -10.245 -0.288  1.00 12.60 ? 81  THR A OG1 1 
ATOM   643  C CG2 . THR A 1 81  ? -5.373  -11.591 -1.993  1.00 10.90 ? 81  THR A CG2 1 
ATOM   644  N N   . LEU A 1 82  ? -6.292  -11.341 2.231   1.00 12.23 ? 82  LEU A N   1 
ATOM   645  C CA  . LEU A 1 82  ? -6.184  -11.168 3.670   1.00 14.38 ? 82  LEU A CA  1 
ATOM   646  C C   . LEU A 1 82  ? -5.098  -10.166 4.063   1.00 15.26 ? 82  LEU A C   1 
ATOM   647  O O   . LEU A 1 82  ? -5.288  -9.408  5.013   1.00 13.54 ? 82  LEU A O   1 
ATOM   648  C CB  . LEU A 1 82  ? -5.915  -12.519 4.344   1.00 17.82 ? 82  LEU A CB  1 
ATOM   649  C CG  . LEU A 1 82  ? -5.962  -12.547 5.879   1.00 23.63 ? 82  LEU A CG  1 
ATOM   650  C CD1 . LEU A 1 82  ? -7.318  -12.064 6.356   1.00 21.40 ? 82  LEU A CD1 1 
ATOM   651  C CD2 . LEU A 1 82  ? -5.700  -13.964 6.388   1.00 24.35 ? 82  LEU A CD2 1 
ATOM   652  N N   . SER A 1 83  ? -3.973  -10.158 3.341   1.00 13.64 ? 83  SER A N   1 
ATOM   653  C CA  . SER A 1 83  ? -2.884  -9.229  3.652   1.00 15.15 ? 83  SER A CA  1 
ATOM   654  C C   . SER A 1 83  ? -3.322  -7.796  3.386   1.00 14.17 ? 83  SER A C   1 
ATOM   655  O O   . SER A 1 83  ? -2.992  -6.885  4.141   1.00 15.44 ? 83  SER A O   1 
ATOM   656  C CB  . SER A 1 83  ? -1.610  -9.546  2.842   1.00 16.73 ? 83  SER A CB  1 
ATOM   657  O OG  . SER A 1 83  ? -1.772  -9.327  1.445   1.00 17.80 ? 83  SER A OG  1 
ATOM   658  N N   . PHE A 1 84  ? -4.076  -7.602  2.312   1.00 13.17 ? 84  PHE A N   1 
ATOM   659  C CA  . PHE A 1 84  ? -4.583  -6.282  1.952   1.00 12.84 ? 84  PHE A CA  1 
ATOM   660  C C   . PHE A 1 84  ? -5.533  -5.778  3.055   1.00 13.32 ? 84  PHE A C   1 
ATOM   661  O O   . PHE A 1 84  ? -5.412  -4.650  3.548   1.00 12.31 ? 84  PHE A O   1 
ATOM   662  C CB  . PHE A 1 84  ? -5.332  -6.385  0.618   1.00 11.44 ? 84  PHE A CB  1 
ATOM   663  C CG  . PHE A 1 84  ? -5.786  -5.061  0.053   1.00 13.27 ? 84  PHE A CG  1 
ATOM   664  C CD1 . PHE A 1 84  ? -5.184  -4.535  -1.086  1.00 11.93 ? 84  PHE A CD1 1 
ATOM   665  C CD2 . PHE A 1 84  ? -6.837  -4.358  0.636   1.00 15.74 ? 84  PHE A CD2 1 
ATOM   666  C CE1 . PHE A 1 84  ? -5.621  -3.337  -1.641  1.00 13.80 ? 84  PHE A CE1 1 
ATOM   667  C CE2 . PHE A 1 84  ? -7.279  -3.151  0.088   1.00 16.80 ? 84  PHE A CE2 1 
ATOM   668  C CZ  . PHE A 1 84  ? -6.668  -2.645  -1.053  1.00 16.31 ? 84  PHE A CZ  1 
ATOM   669  N N   . GLN A 1 85  ? -6.480  -6.629  3.433   1.00 13.63 ? 85  GLN A N   1 
ATOM   670  C CA  . GLN A 1 85  ? -7.465  -6.293  4.460   1.00 14.73 ? 85  GLN A CA  1 
ATOM   671  C C   . GLN A 1 85  ? -6.860  -6.071  5.856   1.00 14.04 ? 85  GLN A C   1 
ATOM   672  O O   . GLN A 1 85  ? -7.246  -5.134  6.563   1.00 12.96 ? 85  GLN A O   1 
ATOM   673  C CB  . GLN A 1 85  ? -8.529  -7.397  4.537   1.00 16.51 ? 85  GLN A CB  1 
ATOM   674  C CG  . GLN A 1 85  ? -9.165  -7.751  3.199   1.00 23.02 ? 85  GLN A CG  1 
ATOM   675  C CD  . GLN A 1 85  ? -10.138 -8.919  3.298   1.00 26.59 ? 85  GLN A CD  1 
ATOM   676  O OE1 . GLN A 1 85  ? -10.571 -9.474  2.282   1.00 30.72 ? 85  GLN A OE1 1 
ATOM   677  N NE2 . GLN A 1 85  ? -10.489 -9.294  4.520   1.00 27.05 ? 85  GLN A NE2 1 
ATOM   678  N N   . ARG A 1 86  ? -5.926  -6.928  6.258   1.00 14.09 ? 86  ARG A N   1 
ATOM   679  C CA  . ARG A 1 86  ? -5.296  -6.795  7.579   1.00 15.33 ? 86  ARG A CA  1 
ATOM   680  C C   . ARG A 1 86  ? -4.582  -5.462  7.746   1.00 14.78 ? 86  ARG A C   1 
ATOM   681  O O   . ARG A 1 86  ? -4.671  -4.812  8.795   1.00 13.36 ? 86  ARG A O   1 
ATOM   682  C CB  . ARG A 1 86  ? -4.276  -7.910  7.822   1.00 18.56 ? 86  ARG A CB  1 
ATOM   683  C CG  . ARG A 1 86  ? -4.848  -9.254  8.191   1.00 23.30 ? 86  ARG A CG  1 
ATOM   684  C CD  . ARG A 1 86  ? -3.759  -10.102 8.837   1.00 24.51 ? 86  ARG A CD  1 
ATOM   685  N NE  . ARG A 1 86  ? -2.623  -10.312 7.944   1.00 25.59 ? 86  ARG A NE  1 
ATOM   686  C CZ  . ARG A 1 86  ? -2.351  -11.467 7.347   1.00 27.35 ? 86  ARG A CZ  1 
ATOM   687  N NH1 . ARG A 1 86  ? -3.132  -12.517 7.553   1.00 30.02 ? 86  ARG A NH1 1 
ATOM   688  N NH2 . ARG A 1 86  ? -1.302  -11.573 6.542   1.00 28.30 ? 86  ARG A NH2 1 
ATOM   689  N N   . VAL A 1 87  ? -3.859  -5.064  6.707   1.00 13.57 ? 87  VAL A N   1 
ATOM   690  C CA  . VAL A 1 87  ? -3.116  -3.813  6.730   1.00 14.01 ? 87  VAL A CA  1 
ATOM   691  C C   . VAL A 1 87  ? -4.044  -2.621  6.892   1.00 14.12 ? 87  VAL A C   1 
ATOM   692  O O   . VAL A 1 87  ? -3.761  -1.704  7.665   1.00 13.02 ? 87  VAL A O   1 
ATOM   693  C CB  . VAL A 1 87  ? -2.282  -3.648  5.444   1.00 12.83 ? 87  VAL A CB  1 
ATOM   694  C CG1 . VAL A 1 87  ? -1.676  -2.269  5.389   1.00 11.88 ? 87  VAL A CG1 1 
ATOM   695  C CG2 . VAL A 1 87  ? -1.168  -4.716  5.419   1.00 12.80 ? 87  VAL A CG2 1 
ATOM   696  N N   . LEU A 1 88  ? -5.157  -2.640  6.166   1.00 12.90 ? 88  LEU A N   1 
ATOM   697  C CA  . LEU A 1 88  ? -6.127  -1.558  6.236   1.00 16.11 ? 88  LEU A CA  1 
ATOM   698  C C   . LEU A 1 88  ? -6.766  -1.504  7.622   1.00 16.13 ? 88  LEU A C   1 
ATOM   699  O O   . LEU A 1 88  ? -6.919  -0.434  8.207   1.00 15.18 ? 88  LEU A O   1 
ATOM   700  C CB  . LEU A 1 88  ? -7.216  -1.760  5.186   1.00 18.22 ? 88  LEU A CB  1 
ATOM   701  C CG  . LEU A 1 88  ? -8.186  -0.589  5.045   1.00 23.05 ? 88  LEU A CG  1 
ATOM   702  C CD1 . LEU A 1 88  ? -7.618  0.405   4.040   1.00 25.37 ? 88  LEU A CD1 1 
ATOM   703  C CD2 . LEU A 1 88  ? -9.540  -1.089  4.591   1.00 25.68 ? 88  LEU A CD2 1 
ATOM   704  N N   . GLN A 1 89  ? -7.144  -2.666  8.146   1.00 16.34 ? 89  GLN A N   1 
ATOM   705  C CA  . GLN A 1 89  ? -7.760  -2.729  9.468   1.00 18.61 ? 89  GLN A CA  1 
ATOM   706  C C   . GLN A 1 89  ? -6.760  -2.263  10.527  1.00 18.74 ? 89  GLN A C   1 
ATOM   707  O O   . GLN A 1 89  ? -7.121  -1.572  11.487  1.00 17.85 ? 89  GLN A O   1 
ATOM   708  C CB  . GLN A 1 89  ? -8.222  -4.164  9.760   1.00 22.87 ? 89  GLN A CB  1 
ATOM   709  C CG  . GLN A 1 89  ? -9.303  -4.261  10.822  1.00 30.22 ? 89  GLN A CG  1 
ATOM   710  C CD  . GLN A 1 89  ? -10.122 -5.532  10.703  1.00 32.89 ? 89  GLN A CD  1 
ATOM   711  O OE1 . GLN A 1 89  ? -10.591 -5.881  9.618   1.00 35.20 ? 89  GLN A OE1 1 
ATOM   712  N NE2 . GLN A 1 89  ? -10.312 -6.223  11.822  1.00 34.82 ? 89  GLN A NE2 1 
ATOM   713  N N   . ARG A 1 90  ? -5.496  -2.626  10.344  1.00 17.48 ? 90  ARG A N   1 
ATOM   714  C CA  . ARG A 1 90  ? -4.466  -2.234  11.294  1.00 17.74 ? 90  ARG A CA  1 
ATOM   715  C C   . ARG A 1 90  ? -4.327  -0.715  11.336  1.00 17.36 ? 90  ARG A C   1 
ATOM   716  O O   . ARG A 1 90  ? -4.275  -0.119  12.410  1.00 17.01 ? 90  ARG A O   1 
ATOM   717  C CB  . ARG A 1 90  ? -3.123  -2.870  10.920  1.00 21.08 ? 90  ARG A CB  1 
ATOM   718  C CG  . ARG A 1 90  ? -1.990  -2.481  11.851  1.00 23.29 ? 90  ARG A CG  1 
ATOM   719  C CD  . ARG A 1 90  ? -0.704  -3.224  11.510  1.00 26.61 ? 90  ARG A CD  1 
ATOM   720  N NE  . ARG A 1 90  ? -0.827  -4.673  11.671  1.00 27.70 ? 90  ARG A NE  1 
ATOM   721  C CZ  . ARG A 1 90  ? -0.859  -5.544  10.666  1.00 30.00 ? 90  ARG A CZ  1 
ATOM   722  N NH1 . ARG A 1 90  ? -0.779  -5.123  9.409   1.00 30.75 ? 90  ARG A NH1 1 
ATOM   723  N NH2 . ARG A 1 90  ? -0.956  -6.843  10.917  1.00 29.48 ? 90  ARG A NH2 1 
ATOM   724  N N   . ALA A 1 91  ? -4.269  -0.090  10.162  1.00 15.68 ? 91  ALA A N   1 
ATOM   725  C CA  . ALA A 1 91  ? -4.141  1.362   10.087  1.00 14.30 ? 91  ALA A CA  1 
ATOM   726  C C   . ALA A 1 91  ? -5.364  2.050   10.697  1.00 14.84 ? 91  ALA A C   1 
ATOM   727  O O   . ALA A 1 91  ? -5.233  2.957   11.515  1.00 11.11 ? 91  ALA A O   1 
ATOM   728  C CB  . ALA A 1 91  ? -3.971  1.793   8.645   1.00 14.64 ? 91  ALA A CB  1 
ATOM   729  N N   . VAL A 1 92  ? -6.550  1.608   10.289  1.00 15.93 ? 92  VAL A N   1 
ATOM   730  C CA  . VAL A 1 92  ? -7.792  2.189   10.778  1.00 18.88 ? 92  VAL A CA  1 
ATOM   731  C C   . VAL A 1 92  ? -7.913  2.196   12.300  1.00 21.58 ? 92  VAL A C   1 
ATOM   732  O O   . VAL A 1 92  ? -8.216  3.230   12.899  1.00 22.08 ? 92  VAL A O   1 
ATOM   733  C CB  . VAL A 1 92  ? -9.022  1.460   10.175  1.00 17.99 ? 92  VAL A CB  1 
ATOM   734  C CG1 . VAL A 1 92  ? -10.267 1.732   11.013  1.00 19.14 ? 92  VAL A CG1 1 
ATOM   735  C CG2 . VAL A 1 92  ? -9.245  1.934   8.740   1.00 19.53 ? 92  VAL A CG2 1 
ATOM   736  N N   . PHE A 1 93  ? -7.680  1.051   12.929  1.00 23.13 ? 93  PHE A N   1 
ATOM   737  C CA  . PHE A 1 93  ? -7.802  0.974   14.378  1.00 26.36 ? 93  PHE A CA  1 
ATOM   738  C C   . PHE A 1 93  ? -6.636  1.581   15.145  1.00 28.84 ? 93  PHE A C   1 
ATOM   739  O O   . PHE A 1 93  ? -6.781  1.944   16.316  1.00 28.36 ? 93  PHE A O   1 
ATOM   740  C CB  . PHE A 1 93  ? -8.058  -0.475  14.797  1.00 26.90 ? 93  PHE A CB  1 
ATOM   741  C CG  . PHE A 1 93  ? -9.444  -0.951  14.460  1.00 27.37 ? 93  PHE A CG  1 
ATOM   742  C CD1 . PHE A 1 93  ? -10.548 -0.452  15.146  1.00 29.23 ? 93  PHE A CD1 1 
ATOM   743  C CD2 . PHE A 1 93  ? -9.655  -1.860  13.425  1.00 28.27 ? 93  PHE A CD2 1 
ATOM   744  C CE1 . PHE A 1 93  ? -11.842 -0.848  14.809  1.00 29.07 ? 93  PHE A CE1 1 
ATOM   745  C CE2 . PHE A 1 93  ? -10.946 -2.262  13.079  1.00 28.40 ? 93  PHE A CE2 1 
ATOM   746  C CZ  . PHE A 1 93  ? -12.042 -1.755  13.771  1.00 28.64 ? 93  PHE A CZ  1 
ATOM   747  N N   . HIS A 1 94  ? -5.486  1.709   14.494  1.00 29.73 ? 94  HIS A N   1 
ATOM   748  C CA  . HIS A 1 94  ? -4.340  2.327   15.145  1.00 31.76 ? 94  HIS A CA  1 
ATOM   749  C C   . HIS A 1 94  ? -4.614  3.830   15.197  1.00 33.66 ? 94  HIS A C   1 
ATOM   750  O O   . HIS A 1 94  ? -4.274  4.508   16.170  1.00 32.67 ? 94  HIS A O   1 
ATOM   751  C CB  . HIS A 1 94  ? -3.057  2.061   14.358  1.00 34.05 ? 94  HIS A CB  1 
ATOM   752  C CG  . HIS A 1 94  ? -1.843  2.700   14.955  1.00 36.41 ? 94  HIS A CG  1 
ATOM   753  N ND1 . HIS A 1 94  ? -1.702  4.067   15.069  1.00 37.90 ? 94  HIS A ND1 1 
ATOM   754  C CD2 . HIS A 1 94  ? -0.719  2.161   15.484  1.00 38.49 ? 94  HIS A CD2 1 
ATOM   755  C CE1 . HIS A 1 94  ? -0.544  4.341   15.644  1.00 38.32 ? 94  HIS A CE1 1 
ATOM   756  N NE2 . HIS A 1 94  ? 0.072   3.202   15.905  1.00 39.04 ? 94  HIS A NE2 1 
ATOM   757  N N   . VAL A 1 95  ? -5.236  4.346   14.140  1.00 34.69 ? 95  VAL A N   1 
ATOM   758  C CA  . VAL A 1 95  ? -5.570  5.762   14.074  1.00 36.07 ? 95  VAL A CA  1 
ATOM   759  C C   . VAL A 1 95  ? -6.716  6.041   15.036  1.00 38.46 ? 95  VAL A C   1 
ATOM   760  O O   . VAL A 1 95  ? -6.740  7.079   15.699  1.00 38.13 ? 95  VAL A O   1 
ATOM   761  C CB  . VAL A 1 95  ? -5.981  6.180   12.645  1.00 34.53 ? 95  VAL A CB  1 
ATOM   762  C CG1 . VAL A 1 95  ? -6.577  7.582   12.656  1.00 34.79 ? 95  VAL A CG1 1 
ATOM   763  C CG2 . VAL A 1 95  ? -4.766  6.145   11.736  1.00 33.98 ? 95  VAL A CG2 1 
ATOM   764  N N   . GLN A 1 96  ? -7.662  5.107   15.108  1.00 41.28 ? 96  GLN A N   1 
ATOM   765  C CA  . GLN A 1 96  ? -8.803  5.243   16.007  1.00 45.64 ? 96  GLN A CA  1 
ATOM   766  C C   . GLN A 1 96  ? -8.267  5.499   17.409  1.00 47.50 ? 96  GLN A C   1 
ATOM   767  O O   . GLN A 1 96  ? -8.757  6.373   18.126  1.00 48.15 ? 96  GLN A O   1 
ATOM   768  C CB  . GLN A 1 96  ? -9.637  3.961   16.018  1.00 46.25 ? 96  GLN A CB  1 
ATOM   769  C CG  . GLN A 1 96  ? -10.874 4.048   16.900  1.00 48.15 ? 96  GLN A CG  1 
ATOM   770  C CD  . GLN A 1 96  ? -11.209 2.729   17.573  1.00 49.32 ? 96  GLN A CD  1 
ATOM   771  O OE1 . GLN A 1 96  ? -11.405 1.711   16.911  1.00 50.68 ? 96  GLN A OE1 1 
ATOM   772  N NE2 . GLN A 1 96  ? -11.278 2.743   18.899  1.00 50.13 ? 96  GLN A NE2 1 
ATOM   773  N N   . SER A 1 97  ? -7.258  4.723   17.790  1.00 49.12 ? 97  SER A N   1 
ATOM   774  C CA  . SER A 1 97  ? -6.636  4.854   19.099  1.00 51.31 ? 97  SER A CA  1 
ATOM   775  C C   . SER A 1 97  ? -6.187  6.294   19.312  1.00 52.56 ? 97  SER A C   1 
ATOM   776  O O   . SER A 1 97  ? -5.778  6.966   18.365  1.00 53.26 ? 97  SER A O   1 
ATOM   777  C CB  . SER A 1 97  ? -5.432  3.916   19.205  1.00 51.25 ? 97  SER A CB  1 
ATOM   778  O OG  . SER A 1 97  ? -4.760  4.090   20.439  1.00 52.84 ? 97  SER A OG  1 
ATOM   779  N N   . SER A 1 98  ? -6.270  6.755   20.558  1.00 54.04 ? 98  SER A N   1 
ATOM   780  C CA  . SER A 1 98  ? -5.885  8.118   20.925  1.00 55.02 ? 98  SER A CA  1 
ATOM   781  C C   . SER A 1 98  ? -5.041  8.799   19.853  1.00 54.38 ? 98  SER A C   1 
ATOM   782  O O   . SER A 1 98  ? -3.816  8.660   19.828  1.00 54.91 ? 98  SER A O   1 
ATOM   783  C CB  . SER A 1 98  ? -5.117  8.106   22.251  1.00 56.11 ? 98  SER A CB  1 
ATOM   784  O OG  . SER A 1 98  ? -4.746  9.420   22.636  1.00 58.40 ? 98  SER A OG  1 
ATOM   785  N N   . GLY A 1 99  ? -5.704  9.533   18.965  1.00 52.64 ? 99  GLY A N   1 
ATOM   786  C CA  . GLY A 1 99  ? -4.992  10.219  17.904  1.00 50.90 ? 99  GLY A CA  1 
ATOM   787  C C   . GLY A 1 99  ? -5.872  11.161  17.108  1.00 49.52 ? 99  GLY A C   1 
ATOM   788  O O   . GLY A 1 99  ? -6.483  12.077  17.663  1.00 49.73 ? 99  GLY A O   1 
ATOM   789  N N   . ARG A 1 100 ? -5.939  10.935  15.800  1.00 47.03 ? 100 ARG A N   1 
ATOM   790  C CA  . ARG A 1 100 ? -6.741  11.775  14.921  1.00 43.92 ? 100 ARG A CA  1 
ATOM   791  C C   . ARG A 1 100 ? -8.023  11.093  14.464  1.00 40.43 ? 100 ARG A C   1 
ATOM   792  O O   . ARG A 1 100 ? -8.347  9.987   14.900  1.00 39.83 ? 100 ARG A O   1 
ATOM   793  C CB  . ARG A 1 100 ? -5.921  12.189  13.694  1.00 45.61 ? 100 ARG A CB  1 
ATOM   794  C CG  . ARG A 1 100 ? -4.779  13.148  13.992  1.00 46.86 ? 100 ARG A CG  1 
ATOM   795  C CD  . ARG A 1 100 ? -3.695  12.501  14.837  1.00 48.55 ? 100 ARG A CD  1 
ATOM   796  N NE  . ARG A 1 100 ? -2.665  13.462  15.223  1.00 50.73 ? 100 ARG A NE  1 
ATOM   797  C CZ  . ARG A 1 100 ? -1.573  13.152  15.914  1.00 51.73 ? 100 ARG A CZ  1 
ATOM   798  N NH1 . ARG A 1 100 ? -1.362  11.901  16.299  1.00 52.29 ? 100 ARG A NH1 1 
ATOM   799  N NH2 . ARG A 1 100 ? -0.691  14.096  16.221  1.00 52.36 ? 100 ARG A NH2 1 
ATOM   800  N N   . ASN A 1 101 ? -8.753  11.768  13.583  1.00 36.60 ? 101 ASN A N   1 
ATOM   801  C CA  . ASN A 1 101 ? -9.995  11.235  13.055  1.00 33.31 ? 101 ASN A CA  1 
ATOM   802  C C   . ASN A 1 101 ? -9.758  10.587  11.697  1.00 31.20 ? 101 ASN A C   1 
ATOM   803  O O   . ASN A 1 101 ? -10.330 9.542   11.397  1.00 32.29 ? 101 ASN A O   1 
ATOM   804  C CB  . ASN A 1 101 ? -11.042 12.347  12.911  1.00 33.13 ? 101 ASN A CB  1 
ATOM   805  C CG  . ASN A 1 101 ? -11.338 13.047  14.225  1.00 33.74 ? 101 ASN A CG  1 
ATOM   806  O OD1 . ASN A 1 101 ? -10.583 13.918  14.667  1.00 34.14 ? 101 ASN A OD1 1 
ATOM   807  N ND2 . ASN A 1 101 ? -12.436 12.662  14.862  1.00 32.01 ? 101 ASN A ND2 1 
ATOM   808  N N   . GLU A 1 102 ? -8.901  11.210  10.891  1.00 27.61 ? 102 GLU A N   1 
ATOM   809  C CA  . GLU A 1 102 ? -8.591  10.727  9.548   1.00 24.43 ? 102 GLU A CA  1 
ATOM   810  C C   . GLU A 1 102 ? -7.437  9.733   9.440   1.00 21.77 ? 102 GLU A C   1 
ATOM   811  O O   . GLU A 1 102 ? -6.422  9.855   10.131  1.00 17.97 ? 102 GLU A O   1 
ATOM   812  C CB  . GLU A 1 102 ? -8.277  11.910  8.626   1.00 27.11 ? 102 GLU A CB  1 
ATOM   813  C CG  . GLU A 1 102 ? -9.482  12.637  8.073   1.00 30.58 ? 102 GLU A CG  1 
ATOM   814  C CD  . GLU A 1 102 ? -9.089  13.730  7.097   1.00 32.01 ? 102 GLU A CD  1 
ATOM   815  O OE1 . GLU A 1 102 ? -9.989  14.316  6.466   1.00 36.25 ? 102 GLU A OE1 1 
ATOM   816  O OE2 . GLU A 1 102 ? -7.879  14.007  6.964   1.00 33.85 ? 102 GLU A OE2 1 
ATOM   817  N N   . VAL A 1 103 ? -7.599  8.755   8.552   1.00 19.42 ? 103 VAL A N   1 
ATOM   818  C CA  . VAL A 1 103 ? -6.551  7.770   8.302   1.00 17.20 ? 103 VAL A CA  1 
ATOM   819  C C   . VAL A 1 103 ? -5.881  8.249   7.023   1.00 15.35 ? 103 VAL A C   1 
ATOM   820  O O   . VAL A 1 103 ? -6.558  8.563   6.049   1.00 13.76 ? 103 VAL A O   1 
ATOM   821  C CB  . VAL A 1 103 ? -7.128  6.362   8.066   1.00 19.01 ? 103 VAL A CB  1 
ATOM   822  C CG1 . VAL A 1 103 ? -6.001  5.379   7.774   1.00 17.82 ? 103 VAL A CG1 1 
ATOM   823  C CG2 . VAL A 1 103 ? -7.929  5.922   9.279   1.00 19.91 ? 103 VAL A CG2 1 
ATOM   824  N N   . THR A 1 104 ? -4.556  8.327   7.023   1.00 13.05 ? 104 THR A N   1 
ATOM   825  C CA  . THR A 1 104 ? -3.853  8.794   5.829   1.00 12.77 ? 104 THR A CA  1 
ATOM   826  C C   . THR A 1 104 ? -3.048  7.675   5.188   1.00 12.09 ? 104 THR A C   1 
ATOM   827  O O   . THR A 1 104 ? -2.920  6.589   5.747   1.00 9.53  ? 104 THR A O   1 
ATOM   828  C CB  . THR A 1 104 ? -2.875  9.929   6.157   1.00 13.48 ? 104 THR A CB  1 
ATOM   829  O OG1 . THR A 1 104 ? -1.732  9.390   6.832   1.00 15.28 ? 104 THR A OG1 1 
ATOM   830  C CG2 . THR A 1 104 ? -3.542  10.971  7.042   1.00 16.61 ? 104 THR A CG2 1 
ATOM   831  N N   . GLY A 1 105 ? -2.502  7.960   4.010   1.00 10.75 ? 105 GLY A N   1 
ATOM   832  C CA  . GLY A 1 105 ? -1.686  6.985   3.328   1.00 9.24  ? 105 GLY A CA  1 
ATOM   833  C C   . GLY A 1 105 ? -0.457  6.666   4.152   1.00 10.60 ? 105 GLY A C   1 
ATOM   834  O O   . GLY A 1 105 ? 0.045   5.550   4.099   1.00 10.69 ? 105 GLY A O   1 
ATOM   835  N N   . ALA A 1 106 ? 0.033   7.637   4.918   1.00 10.50 ? 106 ALA A N   1 
ATOM   836  C CA  . ALA A 1 106 ? 1.213   7.411   5.741   1.00 10.26 ? 106 ALA A CA  1 
ATOM   837  C C   . ALA A 1 106 ? 0.922   6.388   6.834   1.00 9.69  ? 106 ALA A C   1 
ATOM   838  O O   . ALA A 1 106 ? 1.798   5.609   7.202   1.00 11.11 ? 106 ALA A O   1 
ATOM   839  C CB  . ALA A 1 106 ? 1.696   8.719   6.358   1.00 11.35 ? 106 ALA A CB  1 
ATOM   840  N N   . ASN A 1 107 ? -0.305  6.396   7.352   1.00 9.22  ? 107 ASN A N   1 
ATOM   841  C CA  . ASN A 1 107 ? -0.695  5.453   8.399   1.00 9.16  ? 107 ASN A CA  1 
ATOM   842  C C   . ASN A 1 107 ? -0.726  4.041   7.822   1.00 11.18 ? 107 ASN A C   1 
ATOM   843  O O   . ASN A 1 107 ? -0.324  3.068   8.472   1.00 10.21 ? 107 ASN A O   1 
ATOM   844  C CB  . ASN A 1 107 ? -2.080  5.820   8.941   1.00 10.08 ? 107 ASN A CB  1 
ATOM   845  C CG  . ASN A 1 107 ? -2.112  7.193   9.588   1.00 11.39 ? 107 ASN A CG  1 
ATOM   846  O OD1 . ASN A 1 107 ? -2.989  8.008   9.298   1.00 15.37 ? 107 ASN A OD1 1 
ATOM   847  N ND2 . ASN A 1 107 ? -1.164  7.453   10.476  1.00 13.78 ? 107 ASN A ND2 1 
ATOM   848  N N   . VAL A 1 108 ? -1.209  3.935   6.590   1.00 10.50 ? 108 VAL A N   1 
ATOM   849  C CA  . VAL A 1 108 ? -1.291  2.646   5.916   1.00 11.14 ? 108 VAL A CA  1 
ATOM   850  C C   . VAL A 1 108 ? 0.128   2.130   5.650   1.00 12.30 ? 108 VAL A C   1 
ATOM   851  O O   . VAL A 1 108 ? 0.412   0.947   5.822   1.00 12.73 ? 108 VAL A O   1 
ATOM   852  C CB  . VAL A 1 108 ? -2.075  2.784   4.591   1.00 12.68 ? 108 VAL A CB  1 
ATOM   853  C CG1 . VAL A 1 108 ? -2.187  1.430   3.891   1.00 11.60 ? 108 VAL A CG1 1 
ATOM   854  C CG2 . VAL A 1 108 ? -3.464  3.345   4.883   1.00 13.57 ? 108 VAL A CG2 1 
ATOM   855  N N   . LEU A 1 109 ? 1.021   3.032   5.250   1.00 12.86 ? 109 LEU A N   1 
ATOM   856  C CA  . LEU A 1 109 ? 2.411   2.661   4.983   1.00 11.91 ? 109 LEU A CA  1 
ATOM   857  C C   . LEU A 1 109 ? 3.063   2.031   6.214   1.00 13.00 ? 109 LEU A C   1 
ATOM   858  O O   . LEU A 1 109 ? 3.785   1.039   6.105   1.00 12.13 ? 109 LEU A O   1 
ATOM   859  C CB  . LEU A 1 109 ? 3.216   3.894   4.559   1.00 11.34 ? 109 LEU A CB  1 
ATOM   860  C CG  . LEU A 1 109 ? 4.716   3.699   4.296   1.00 12.33 ? 109 LEU A CG  1 
ATOM   861  C CD1 . LEU A 1 109 ? 4.914   2.661   3.201   1.00 12.71 ? 109 LEU A CD1 1 
ATOM   862  C CD2 . LEU A 1 109 ? 5.352   5.025   3.900   1.00 11.04 ? 109 LEU A CD2 1 
ATOM   863  N N   . VAL A 1 110 ? 2.811   2.614   7.384   1.00 12.43 ? 110 VAL A N   1 
ATOM   864  C CA  . VAL A 1 110 ? 3.374   2.095   8.628   1.00 12.87 ? 110 VAL A CA  1 
ATOM   865  C C   . VAL A 1 110 ? 2.855   0.683   8.907   1.00 12.92 ? 110 VAL A C   1 
ATOM   866  O O   . VAL A 1 110 ? 3.617   -0.203  9.311   1.00 14.32 ? 110 VAL A O   1 
ATOM   867  C CB  . VAL A 1 110 ? 3.026   3.022   9.824   1.00 12.83 ? 110 VAL A CB  1 
ATOM   868  C CG1 . VAL A 1 110 ? 3.403   2.359   11.141  1.00 15.88 ? 110 VAL A CG1 1 
ATOM   869  C CG2 . VAL A 1 110 ? 3.764   4.352   9.682   1.00 13.25 ? 110 VAL A CG2 1 
ATOM   870  N N   . ALA A 1 111 ? 1.562   0.478   8.672   1.00 12.02 ? 111 ALA A N   1 
ATOM   871  C CA  . ALA A 1 111 ? 0.920   -0.818  8.887   1.00 12.10 ? 111 ALA A CA  1 
ATOM   872  C C   . ALA A 1 111 ? 1.461   -1.925  7.977   1.00 12.95 ? 111 ALA A C   1 
ATOM   873  O O   . ALA A 1 111 ? 1.329   -3.105  8.293   1.00 11.81 ? 111 ALA A O   1 
ATOM   874  C CB  . ALA A 1 111 ? -0.587  -0.691  8.685   1.00 12.44 ? 111 ALA A CB  1 
ATOM   875  N N   . ILE A 1 112 ? 2.059   -1.553  6.850   1.00 13.65 ? 112 ILE A N   1 
ATOM   876  C CA  . ILE A 1 112 ? 2.583   -2.556  5.931   1.00 12.52 ? 112 ILE A CA  1 
ATOM   877  C C   . ILE A 1 112 ? 3.804   -3.262  6.513   1.00 15.44 ? 112 ILE A C   1 
ATOM   878  O O   . ILE A 1 112 ? 4.031   -4.443  6.253   1.00 13.73 ? 112 ILE A O   1 
ATOM   879  C CB  . ILE A 1 112 ? 2.942   -1.938  4.563   1.00 15.13 ? 112 ILE A CB  1 
ATOM   880  C CG1 . ILE A 1 112 ? 1.656   -1.543  3.823   1.00 13.94 ? 112 ILE A CG1 1 
ATOM   881  C CG2 . ILE A 1 112 ? 3.755   -2.933  3.733   1.00 12.89 ? 112 ILE A CG2 1 
ATOM   882  C CD1 . ILE A 1 112 ? 1.887   -0.951  2.436   1.00 16.05 ? 112 ILE A CD1 1 
ATOM   883  N N   . PHE A 1 113 ? 4.577   -2.541  7.320   1.00 13.55 ? 113 PHE A N   1 
ATOM   884  C CA  . PHE A 1 113 ? 5.760   -3.120  7.934   1.00 16.43 ? 113 PHE A CA  1 
ATOM   885  C C   . PHE A 1 113 ? 5.418   -4.297  8.839   1.00 16.92 ? 113 PHE A C   1 
ATOM   886  O O   . PHE A 1 113 ? 6.275   -5.136  9.119   1.00 15.43 ? 113 PHE A O   1 
ATOM   887  C CB  . PHE A 1 113 ? 6.527   -2.063  8.739   1.00 16.37 ? 113 PHE A CB  1 
ATOM   888  C CG  . PHE A 1 113 ? 7.189   -1.014  7.891   1.00 18.19 ? 113 PHE A CG  1 
ATOM   889  C CD1 . PHE A 1 113 ? 6.510   0.142   7.533   1.00 19.44 ? 113 PHE A CD1 1 
ATOM   890  C CD2 . PHE A 1 113 ? 8.494   -1.191  7.444   1.00 17.63 ? 113 PHE A CD2 1 
ATOM   891  C CE1 . PHE A 1 113 ? 7.125   1.121   6.735   1.00 19.77 ? 113 PHE A CE1 1 
ATOM   892  C CE2 . PHE A 1 113 ? 9.119   -0.229  6.649   1.00 17.65 ? 113 PHE A CE2 1 
ATOM   893  C CZ  . PHE A 1 113 ? 8.429   0.932   6.295   1.00 18.37 ? 113 PHE A CZ  1 
ATOM   894  N N   . SER A 1 114 ? 4.164   -4.364  9.279   1.00 17.49 ? 114 SER A N   1 
ATOM   895  C CA  . SER A 1 114 ? 3.715   -5.436  10.157  1.00 18.07 ? 114 SER A CA  1 
ATOM   896  C C   . SER A 1 114 ? 3.495   -6.754  9.429   1.00 18.00 ? 114 SER A C   1 
ATOM   897  O O   . SER A 1 114 ? 3.391   -7.803  10.056  1.00 17.30 ? 114 SER A O   1 
ATOM   898  C CB  . SER A 1 114 ? 2.439   -5.021  10.883  1.00 20.48 ? 114 SER A CB  1 
ATOM   899  O OG  . SER A 1 114 ? 2.710   -3.958  11.778  1.00 26.59 ? 114 SER A OG  1 
ATOM   900  N N   . GLU A 1 115 ? 3.397   -6.689  8.104   1.00 16.87 ? 115 GLU A N   1 
ATOM   901  C CA  . GLU A 1 115 ? 3.246   -7.890  7.295   1.00 17.78 ? 115 GLU A CA  1 
ATOM   902  C C   . GLU A 1 115 ? 4.690   -8.295  7.030   1.00 17.25 ? 115 GLU A C   1 
ATOM   903  O O   . GLU A 1 115 ? 5.187   -8.155  5.919   1.00 15.84 ? 115 GLU A O   1 
ATOM   904  C CB  . GLU A 1 115 ? 2.542   -7.562  5.978   1.00 18.06 ? 115 GLU A CB  1 
ATOM   905  C CG  . GLU A 1 115 ? 1.076   -7.180  6.138   1.00 20.30 ? 115 GLU A CG  1 
ATOM   906  C CD  . GLU A 1 115 ? 0.249   -8.292  6.749   1.00 21.10 ? 115 GLU A CD  1 
ATOM   907  O OE1 . GLU A 1 115 ? -0.195  -8.135  7.902   1.00 27.24 ? 115 GLU A OE1 1 
ATOM   908  O OE2 . GLU A 1 115 ? 0.044   -9.328  6.079   1.00 24.27 ? 115 GLU A OE2 1 
ATOM   909  N N   . GLN A 1 116 ? 5.348   -8.785  8.076   1.00 17.16 ? 116 GLN A N   1 
ATOM   910  C CA  . GLN A 1 116 ? 6.757   -9.178  8.037   1.00 18.51 ? 116 GLN A CA  1 
ATOM   911  C C   . GLN A 1 116 ? 7.259   -10.040 6.888   1.00 20.48 ? 116 GLN A C   1 
ATOM   912  O O   . GLN A 1 116 ? 8.313   -9.763  6.319   1.00 19.71 ? 116 GLN A O   1 
ATOM   913  C CB  . GLN A 1 116 ? 7.142   -9.885  9.340   1.00 25.11 ? 116 GLN A CB  1 
ATOM   914  C CG  . GLN A 1 116 ? 7.227   -8.995  10.562  1.00 28.00 ? 116 GLN A CG  1 
ATOM   915  C CD  . GLN A 1 116 ? 7.802   -9.734  11.759  1.00 31.78 ? 116 GLN A CD  1 
ATOM   916  O OE1 . GLN A 1 116 ? 8.938   -10.215 11.717  1.00 34.31 ? 116 GLN A OE1 1 
ATOM   917  N NE2 . GLN A 1 116 ? 7.022   -9.833  12.830  1.00 32.37 ? 116 GLN A NE2 1 
ATOM   918  N N   . GLU A 1 117 ? 6.527   -11.099 6.570   1.00 18.00 ? 117 GLU A N   1 
ATOM   919  C CA  . GLU A 1 117 ? 6.953   -12.015 5.518   1.00 19.72 ? 117 GLU A CA  1 
ATOM   920  C C   . GLU A 1 117 ? 6.516   -11.648 4.103   1.00 17.23 ? 117 GLU A C   1 
ATOM   921  O O   . GLU A 1 117 ? 6.777   -12.397 3.162   1.00 16.67 ? 117 GLU A O   1 
ATOM   922  C CB  . GLU A 1 117 ? 6.480   -13.430 5.863   1.00 24.02 ? 117 GLU A CB  1 
ATOM   923  C CG  . GLU A 1 117 ? 5.017   -13.499 6.283   1.00 31.10 ? 117 GLU A CG  1 
ATOM   924  C CD  . GLU A 1 117 ? 4.579   -14.896 6.686   1.00 34.76 ? 117 GLU A CD  1 
ATOM   925  O OE1 . GLU A 1 117 ? 3.405   -15.057 7.090   1.00 36.38 ? 117 GLU A OE1 1 
ATOM   926  O OE2 . GLU A 1 117 ? 5.405   -15.831 6.598   1.00 37.91 ? 117 GLU A OE2 1 
ATOM   927  N N   . SER A 1 118 ? 5.884   -10.489 3.944   1.00 15.13 ? 118 SER A N   1 
ATOM   928  C CA  . SER A 1 118 ? 5.408   -10.066 2.630   1.00 12.27 ? 118 SER A CA  1 
ATOM   929  C C   . SER A 1 118 ? 6.520   -9.522  1.740   1.00 12.23 ? 118 SER A C   1 
ATOM   930  O O   . SER A 1 118 ? 7.520   -8.993  2.226   1.00 12.46 ? 118 SER A O   1 
ATOM   931  C CB  . SER A 1 118 ? 4.312   -9.007  2.779   1.00 12.44 ? 118 SER A CB  1 
ATOM   932  O OG  . SER A 1 118 ? 4.839   -7.775  3.250   1.00 11.65 ? 118 SER A OG  1 
ATOM   933  N N   . GLN A 1 119 ? 6.346   -9.654  0.429   1.00 11.60 ? 119 GLN A N   1 
ATOM   934  C CA  . GLN A 1 119 ? 7.346   -9.148  -0.509  1.00 11.08 ? 119 GLN A CA  1 
ATOM   935  C C   . GLN A 1 119 ? 7.376   -7.627  -0.401  1.00 10.74 ? 119 GLN A C   1 
ATOM   936  O O   . GLN A 1 119 ? 8.395   -6.993  -0.664  1.00 11.66 ? 119 GLN A O   1 
ATOM   937  C CB  . GLN A 1 119 ? 7.009   -9.549  -1.943  1.00 11.77 ? 119 GLN A CB  1 
ATOM   938  C CG  . GLN A 1 119 ? 8.066   -9.113  -2.952  1.00 15.31 ? 119 GLN A CG  1 
ATOM   939  C CD  . GLN A 1 119 ? 9.355   -9.920  -2.865  1.00 17.93 ? 119 GLN A CD  1 
ATOM   940  O OE1 . GLN A 1 119 ? 9.610   -10.614 -1.875  1.00 16.34 ? 119 GLN A OE1 1 
ATOM   941  N NE2 . GLN A 1 119 ? 10.186  -9.819  -3.903  1.00 15.95 ? 119 GLN A NE2 1 
ATOM   942  N N   . ALA A 1 120 ? 6.247   -7.047  -0.014  1.00 9.61  ? 120 ALA A N   1 
ATOM   943  C CA  . ALA A 1 120 ? 6.153   -5.600  0.150   1.00 9.89  ? 120 ALA A CA  1 
ATOM   944  C C   . ALA A 1 120 ? 7.132   -5.150  1.231   1.00 9.93  ? 120 ALA A C   1 
ATOM   945  O O   . ALA A 1 120 ? 7.895   -4.204  1.030   1.00 11.68 ? 120 ALA A O   1 
ATOM   946  C CB  . ALA A 1 120 ? 4.744   -5.210  0.530   1.00 8.05  ? 120 ALA A CB  1 
ATOM   947  N N   . ALA A 1 121 ? 7.106   -5.833  2.373   1.00 10.06 ? 121 ALA A N   1 
ATOM   948  C CA  . ALA A 1 121 ? 7.994   -5.507  3.490   1.00 11.26 ? 121 ALA A CA  1 
ATOM   949  C C   . ALA A 1 121 ? 9.449   -5.820  3.140   1.00 11.19 ? 121 ALA A C   1 
ATOM   950  O O   . ALA A 1 121 ? 10.370  -5.123  3.570   1.00 13.21 ? 121 ALA A O   1 
ATOM   951  C CB  . ALA A 1 121 ? 7.578   -6.288  4.729   1.00 10.41 ? 121 ALA A CB  1 
ATOM   952  N N   . TYR A 1 122 ? 9.642   -6.881  2.367   1.00 10.32 ? 122 TYR A N   1 
ATOM   953  C CA  . TYR A 1 122 ? 10.971  -7.298  1.933   1.00 10.10 ? 122 TYR A CA  1 
ATOM   954  C C   . TYR A 1 122 ? 11.579  -6.205  1.070   1.00 10.67 ? 122 TYR A C   1 
ATOM   955  O O   . TYR A 1 122 ? 12.756  -5.857  1.213   1.00 9.86  ? 122 TYR A O   1 
ATOM   956  C CB  . TYR A 1 122 ? 10.881  -8.589  1.112   1.00 10.55 ? 122 TYR A CB  1 
ATOM   957  C CG  . TYR A 1 122 ? 12.208  -9.040  0.551   1.00 14.62 ? 122 TYR A CG  1 
ATOM   958  C CD1 . TYR A 1 122 ? 13.101  -9.772  1.328   1.00 15.91 ? 122 TYR A CD1 1 
ATOM   959  C CD2 . TYR A 1 122 ? 12.586  -8.710  -0.750  1.00 16.38 ? 122 TYR A CD2 1 
ATOM   960  C CE1 . TYR A 1 122 ? 14.339  -10.167 0.827   1.00 19.86 ? 122 TYR A CE1 1 
ATOM   961  C CE2 . TYR A 1 122 ? 13.822  -9.099  -1.263  1.00 19.50 ? 122 TYR A CE2 1 
ATOM   962  C CZ  . TYR A 1 122 ? 14.691  -9.827  -0.469  1.00 20.31 ? 122 TYR A CZ  1 
ATOM   963  O OH  . TYR A 1 122 ? 15.907  -10.225 -0.972  1.00 26.61 ? 122 TYR A OH  1 
ATOM   964  N N   . LEU A 1 123 ? 10.768  -5.654  0.172   1.00 11.78 ? 123 LEU A N   1 
ATOM   965  C CA  . LEU A 1 123 ? 11.240  -4.604  -0.719  1.00 10.17 ? 123 LEU A CA  1 
ATOM   966  C C   . LEU A 1 123 ? 11.527  -3.287  0.002   1.00 11.00 ? 123 LEU A C   1 
ATOM   967  O O   . LEU A 1 123 ? 12.421  -2.547  -0.397  1.00 9.95  ? 123 LEU A O   1 
ATOM   968  C CB  . LEU A 1 123 ? 10.230  -4.390  -1.850  1.00 12.51 ? 123 LEU A CB  1 
ATOM   969  C CG  . LEU A 1 123 ? 10.162  -5.568  -2.837  1.00 12.81 ? 123 LEU A CG  1 
ATOM   970  C CD1 . LEU A 1 123 ? 9.075   -5.326  -3.879  1.00 14.29 ? 123 LEU A CD1 1 
ATOM   971  C CD2 . LEU A 1 123 ? 11.529  -5.734  -3.499  1.00 13.06 ? 123 LEU A CD2 1 
ATOM   972  N N   . LEU A 1 124 ? 10.772  -2.982  1.055   1.00 10.14 ? 124 LEU A N   1 
ATOM   973  C CA  . LEU A 1 124 ? 11.020  -1.751  1.798   1.00 8.34  ? 124 LEU A CA  1 
ATOM   974  C C   . LEU A 1 124 ? 12.372  -1.866  2.510   1.00 8.25  ? 124 LEU A C   1 
ATOM   975  O O   . LEU A 1 124 ? 13.145  -0.912  2.542   1.00 9.93  ? 124 LEU A O   1 
ATOM   976  C CB  . LEU A 1 124 ? 9.907   -1.491  2.814   1.00 8.63  ? 124 LEU A CB  1 
ATOM   977  C CG  . LEU A 1 124 ? 8.539   -1.150  2.212   1.00 9.46  ? 124 LEU A CG  1 
ATOM   978  C CD1 . LEU A 1 124 ? 7.474   -1.232  3.288   1.00 9.45  ? 124 LEU A CD1 1 
ATOM   979  C CD2 . LEU A 1 124 ? 8.570   0.241   1.586   1.00 12.60 ? 124 LEU A CD2 1 
ATOM   980  N N   . ARG A 1 125 ? 12.669  -3.041  3.060   1.00 10.26 ? 125 ARG A N   1 
ATOM   981  C CA  . ARG A 1 125 ? 13.950  -3.235  3.739   1.00 12.05 ? 125 ARG A CA  1 
ATOM   982  C C   . ARG A 1 125 ? 15.075  -3.200  2.714   1.00 11.87 ? 125 ARG A C   1 
ATOM   983  O O   . ARG A 1 125 ? 16.146  -2.651  2.968   1.00 11.74 ? 125 ARG A O   1 
ATOM   984  C CB  . ARG A 1 125 ? 14.015  -4.586  4.456   1.00 13.95 ? 125 ARG A CB  1 
ATOM   985  C CG  . ARG A 1 125 ? 12.916  -4.857  5.446   1.00 17.27 ? 125 ARG A CG  1 
ATOM   986  C CD  . ARG A 1 125 ? 13.262  -6.069  6.307   1.00 21.91 ? 125 ARG A CD  1 
ATOM   987  N NE  . ARG A 1 125 ? 12.084  -6.592  6.985   1.00 25.92 ? 125 ARG A NE  1 
ATOM   988  C CZ  . ARG A 1 125 ? 11.279  -7.519  6.476   1.00 25.81 ? 125 ARG A CZ  1 
ATOM   989  N NH1 . ARG A 1 125 ? 11.532  -8.038  5.282   1.00 26.84 ? 125 ARG A NH1 1 
ATOM   990  N NH2 . ARG A 1 125 ? 10.214  -7.914  7.156   1.00 24.23 ? 125 ARG A NH2 1 
ATOM   991  N N   . LYS A 1 126 ? 14.830  -3.811  1.557   1.00 12.05 ? 126 LYS A N   1 
ATOM   992  C CA  . LYS A 1 126 ? 15.827  -3.858  0.495   1.00 12.02 ? 126 LYS A CA  1 
ATOM   993  C C   . LYS A 1 126 ? 16.220  -2.457  0.067   1.00 14.67 ? 126 LYS A C   1 
ATOM   994  O O   . LYS A 1 126 ? 17.403  -2.167  -0.125  1.00 13.02 ? 126 LYS A O   1 
ATOM   995  C CB  . LYS A 1 126 ? 15.293  -4.633  -0.716  1.00 12.57 ? 126 LYS A CB  1 
ATOM   996  C CG  . LYS A 1 126 ? 16.291  -4.731  -1.862  1.00 16.42 ? 126 LYS A CG  1 
ATOM   997  C CD  . LYS A 1 126 ? 15.728  -5.466  -3.069  1.00 18.74 ? 126 LYS A CD  1 
ATOM   998  C CE  . LYS A 1 126 ? 16.800  -5.618  -4.147  1.00 19.95 ? 126 LYS A CE  1 
ATOM   999  N NZ  . LYS A 1 126 ? 16.317  -6.275  -5.385  1.00 18.79 ? 126 LYS A NZ  1 
ATOM   1000 N N   . HIS A 1 127 ? 15.229  -1.582  -0.081  1.00 15.15 ? 127 HIS A N   1 
ATOM   1001 C CA  . HIS A 1 127 ? 15.508  -0.218  -0.496  1.00 17.94 ? 127 HIS A CA  1 
ATOM   1002 C C   . HIS A 1 127 ? 15.767  0.719   0.672   1.00 17.51 ? 127 HIS A C   1 
ATOM   1003 O O   . HIS A 1 127 ? 15.657  1.936   0.549   1.00 20.47 ? 127 HIS A O   1 
ATOM   1004 C CB  . HIS A 1 127 ? 14.390  0.297   -1.408  1.00 18.40 ? 127 HIS A CB  1 
ATOM   1005 C CG  . HIS A 1 127 ? 14.373  -0.369  -2.750  1.00 18.91 ? 127 HIS A CG  1 
ATOM   1006 N ND1 . HIS A 1 127 ? 13.941  -1.666  -2.929  1.00 21.13 ? 127 HIS A ND1 1 
ATOM   1007 C CD2 . HIS A 1 127 ? 14.803  0.054   -3.962  1.00 18.55 ? 127 HIS A CD2 1 
ATOM   1008 C CE1 . HIS A 1 127 ? 14.109  -2.014  -4.192  1.00 22.52 ? 127 HIS A CE1 1 
ATOM   1009 N NE2 . HIS A 1 127 ? 14.632  -0.989  -4.841  1.00 21.11 ? 127 HIS A NE2 1 
ATOM   1010 N N   . GLU A 1 128 ? 16.124  0.124   1.808   1.00 18.02 ? 128 GLU A N   1 
ATOM   1011 C CA  . GLU A 1 128 ? 16.474  0.849   3.023   1.00 18.99 ? 128 GLU A CA  1 
ATOM   1012 C C   . GLU A 1 128 ? 15.462  1.815   3.613   1.00 19.60 ? 128 GLU A C   1 
ATOM   1013 O O   . GLU A 1 128 ? 15.824  2.896   4.081   1.00 18.11 ? 128 GLU A O   1 
ATOM   1014 C CB  . GLU A 1 128 ? 17.812  1.564   2.812   1.00 22.00 ? 128 GLU A CB  1 
ATOM   1015 C CG  . GLU A 1 128 ? 18.983  0.609   2.843   1.00 22.32 ? 128 GLU A CG  1 
ATOM   1016 C CD  . GLU A 1 128 ? 20.271  1.221   2.338   1.00 22.91 ? 128 GLU A CD  1 
ATOM   1017 O OE1 . GLU A 1 128 ? 20.610  2.349   2.755   1.00 22.44 ? 128 GLU A OE1 1 
ATOM   1018 O OE2 . GLU A 1 128 ? 20.949  0.560   1.530   1.00 24.78 ? 128 GLU A OE2 1 
ATOM   1019 N N   . VAL A 1 129 ? 14.195  1.423   3.600   1.00 17.28 ? 129 VAL A N   1 
ATOM   1020 C CA  . VAL A 1 129 ? 13.154  2.256   4.181   1.00 18.09 ? 129 VAL A CA  1 
ATOM   1021 C C   . VAL A 1 129 ? 13.004  1.821   5.634   1.00 18.07 ? 129 VAL A C   1 
ATOM   1022 O O   . VAL A 1 129 ? 12.471  0.750   5.920   1.00 17.90 ? 129 VAL A O   1 
ATOM   1023 C CB  . VAL A 1 129 ? 11.805  2.069   3.461   1.00 17.28 ? 129 VAL A CB  1 
ATOM   1024 C CG1 . VAL A 1 129 ? 10.778  3.039   4.027   1.00 18.60 ? 129 VAL A CG1 1 
ATOM   1025 C CG2 . VAL A 1 129 ? 11.974  2.287   1.969   1.00 15.85 ? 129 VAL A CG2 1 
ATOM   1026 N N   . SER A 1 130 ? 13.481  2.652   6.555   1.00 18.71 ? 130 SER A N   1 
ATOM   1027 C CA  . SER A 1 130 ? 13.399  2.330   7.972   1.00 19.75 ? 130 SER A CA  1 
ATOM   1028 C C   . SER A 1 130 ? 12.049  2.709   8.576   1.00 19.92 ? 130 SER A C   1 
ATOM   1029 O O   . SER A 1 130 ? 11.638  3.867   8.506   1.00 20.94 ? 130 SER A O   1 
ATOM   1030 C CB  . SER A 1 130 ? 14.513  3.053   8.734   1.00 20.35 ? 130 SER A CB  1 
ATOM   1031 O OG  . SER A 1 130 ? 14.388  2.827   10.122  1.00 21.89 ? 130 SER A OG  1 
ATOM   1032 N N   . ARG A 1 131 ? 11.368  1.739   9.179   1.00 21.02 ? 131 ARG A N   1 
ATOM   1033 C CA  . ARG A 1 131 ? 10.073  2.008   9.794   1.00 22.39 ? 131 ARG A CA  1 
ATOM   1034 C C   . ARG A 1 131 ? 10.224  2.980   10.957  1.00 22.29 ? 131 ARG A C   1 
ATOM   1035 O O   . ARG A 1 131 ? 9.279   3.678   11.316  1.00 23.20 ? 131 ARG A O   1 
ATOM   1036 C CB  . ARG A 1 131 ? 9.421   0.714   10.288  1.00 22.98 ? 131 ARG A CB  1 
ATOM   1037 C CG  . ARG A 1 131 ? 10.213  -0.060  11.338  1.00 27.81 ? 131 ARG A CG  1 
ATOM   1038 C CD  . ARG A 1 131 ? 9.473   -1.345  11.713  1.00 30.58 ? 131 ARG A CD  1 
ATOM   1039 N NE  . ARG A 1 131 ? 10.233  -2.203  12.621  1.00 33.80 ? 131 ARG A NE  1 
ATOM   1040 C CZ  . ARG A 1 131 ? 10.462  -1.939  13.903  1.00 34.06 ? 131 ARG A CZ  1 
ATOM   1041 N NH1 . ARG A 1 131 ? 9.988   -0.830  14.455  1.00 34.75 ? 131 ARG A NH1 1 
ATOM   1042 N NH2 . ARG A 1 131 ? 11.171  -2.787  14.636  1.00 35.13 ? 131 ARG A NH2 1 
ATOM   1043 N N   . LEU A 1 132 ? 11.415  3.016   11.545  1.00 23.57 ? 132 LEU A N   1 
ATOM   1044 C CA  . LEU A 1 132 ? 11.674  3.919   12.661  1.00 25.21 ? 132 LEU A CA  1 
ATOM   1045 C C   . LEU A 1 132 ? 11.567  5.361   12.169  1.00 25.06 ? 132 LEU A C   1 
ATOM   1046 O O   . LEU A 1 132 ? 10.955  6.208   12.821  1.00 26.47 ? 132 LEU A O   1 
ATOM   1047 C CB  . LEU A 1 132 ? 13.071  3.673   13.232  1.00 24.88 ? 132 LEU A CB  1 
ATOM   1048 C CG  . LEU A 1 132 ? 13.409  2.220   13.578  1.00 26.72 ? 132 LEU A CG  1 
ATOM   1049 C CD1 . LEU A 1 132 ? 14.805  2.151   14.181  1.00 25.55 ? 132 LEU A CD1 1 
ATOM   1050 C CD2 . LEU A 1 132 ? 12.373  1.660   14.543  1.00 26.90 ? 132 LEU A CD2 1 
ATOM   1051 N N   . ASP A 1 133 ? 12.154  5.619   11.005  1.00 25.40 ? 133 ASP A N   1 
ATOM   1052 C CA  . ASP A 1 133 ? 12.145  6.949   10.408  1.00 25.04 ? 133 ASP A CA  1 
ATOM   1053 C C   . ASP A 1 133 ? 10.761  7.382   9.949   1.00 24.56 ? 133 ASP A C   1 
ATOM   1054 O O   . ASP A 1 133 ? 10.367  8.532   10.133  1.00 20.98 ? 133 ASP A O   1 
ATOM   1055 C CB  . ASP A 1 133 ? 13.120  6.997   9.230   1.00 27.53 ? 133 ASP A CB  1 
ATOM   1056 C CG  . ASP A 1 133 ? 14.560  6.828   9.668   1.00 29.39 ? 133 ASP A CG  1 
ATOM   1057 O OD1 . ASP A 1 133 ? 14.933  7.447   10.685  1.00 31.23 ? 133 ASP A OD1 1 
ATOM   1058 O OD2 . ASP A 1 133 ? 15.318  6.089   9.003   1.00 31.14 ? 133 ASP A OD2 1 
ATOM   1059 N N   . VAL A 1 134 ? 10.021  6.459   9.345   1.00 21.61 ? 134 VAL A N   1 
ATOM   1060 C CA  . VAL A 1 134 ? 8.683   6.771   8.872   1.00 21.82 ? 134 VAL A CA  1 
ATOM   1061 C C   . VAL A 1 134 ? 7.795   7.178   10.041  1.00 22.38 ? 134 VAL A C   1 
ATOM   1062 O O   . VAL A 1 134 ? 7.067   8.167   9.962   1.00 19.37 ? 134 VAL A O   1 
ATOM   1063 C CB  . VAL A 1 134 ? 8.047   5.560   8.158   1.00 19.86 ? 134 VAL A CB  1 
ATOM   1064 C CG1 . VAL A 1 134 ? 6.647   5.915   7.673   1.00 19.80 ? 134 VAL A CG1 1 
ATOM   1065 C CG2 . VAL A 1 134 ? 8.922   5.133   7.000   1.00 19.89 ? 134 VAL A CG2 1 
ATOM   1066 N N   . VAL A 1 135 ? 7.870   6.412   11.126  1.00 24.08 ? 135 VAL A N   1 
ATOM   1067 C CA  . VAL A 1 135 ? 7.073   6.672   12.318  1.00 25.24 ? 135 VAL A CA  1 
ATOM   1068 C C   . VAL A 1 135 ? 7.360   8.029   12.959  1.00 26.78 ? 135 VAL A C   1 
ATOM   1069 O O   . VAL A 1 135 ? 6.435   8.721   13.395  1.00 26.70 ? 135 VAL A O   1 
ATOM   1070 C CB  . VAL A 1 135 ? 7.292   5.564   13.378  1.00 26.23 ? 135 VAL A CB  1 
ATOM   1071 C CG1 . VAL A 1 135 ? 6.671   5.971   14.706  1.00 26.22 ? 135 VAL A CG1 1 
ATOM   1072 C CG2 . VAL A 1 135 ? 6.674   4.256   12.894  1.00 25.72 ? 135 VAL A CG2 1 
ATOM   1073 N N   . ASN A 1 136 ? 8.631   8.408   13.018  1.00 28.00 ? 136 ASN A N   1 
ATOM   1074 C CA  . ASN A 1 136 ? 9.003   9.687   13.619  1.00 30.47 ? 136 ASN A CA  1 
ATOM   1075 C C   . ASN A 1 136 ? 8.512   10.861  12.786  1.00 31.21 ? 136 ASN A C   1 
ATOM   1076 O O   . ASN A 1 136 ? 8.052   11.868  13.324  1.00 32.23 ? 136 ASN A O   1 
ATOM   1077 C CB  . ASN A 1 136 ? 10.522  9.787   13.795  1.00 30.42 ? 136 ASN A CB  1 
ATOM   1078 C CG  . ASN A 1 136 ? 11.051  8.834   14.843  1.00 31.24 ? 136 ASN A CG  1 
ATOM   1079 O OD1 . ASN A 1 136 ? 10.390  8.568   15.845  1.00 33.70 ? 136 ASN A OD1 1 
ATOM   1080 N ND2 . ASN A 1 136 ? 12.259  8.325   14.628  1.00 32.04 ? 136 ASN A ND2 1 
ATOM   1081 N N   . PHE A 1 137 ? 8.617   10.735  11.468  1.00 32.11 ? 137 PHE A N   1 
ATOM   1082 C CA  . PHE A 1 137 ? 8.167   11.798  10.578  1.00 32.10 ? 137 PHE A CA  1 
ATOM   1083 C C   . PHE A 1 137 ? 6.665   12.020  10.732  1.00 32.83 ? 137 PHE A C   1 
ATOM   1084 O O   . PHE A 1 137 ? 6.196   13.159  10.753  1.00 32.88 ? 137 PHE A O   1 
ATOM   1085 C CB  . PHE A 1 137 ? 8.483   11.445  9.124   1.00 31.03 ? 137 PHE A CB  1 
ATOM   1086 C CG  . PHE A 1 137 ? 8.099   12.519  8.148   1.00 31.33 ? 137 PHE A CG  1 
ATOM   1087 C CD1 . PHE A 1 137 ? 8.827   13.706  8.078   1.00 31.40 ? 137 PHE A CD1 1 
ATOM   1088 C CD2 . PHE A 1 137 ? 6.995   12.358  7.317   1.00 30.94 ? 137 PHE A CD2 1 
ATOM   1089 C CE1 . PHE A 1 137 ? 8.459   14.720  7.196   1.00 31.76 ? 137 PHE A CE1 1 
ATOM   1090 C CE2 . PHE A 1 137 ? 6.615   13.364  6.430   1.00 31.49 ? 137 PHE A CE2 1 
ATOM   1091 C CZ  . PHE A 1 137 ? 7.348   14.548  6.368   1.00 31.54 ? 137 PHE A CZ  1 
ATOM   1092 N N   . ILE A 1 138 ? 5.914   10.928  10.842  1.00 33.53 ? 138 ILE A N   1 
ATOM   1093 C CA  . ILE A 1 138 ? 4.462   11.007  10.987  1.00 34.47 ? 138 ILE A CA  1 
ATOM   1094 C C   . ILE A 1 138 ? 4.022   11.510  12.359  1.00 34.94 ? 138 ILE A C   1 
ATOM   1095 O O   . ILE A 1 138 ? 3.087   12.303  12.458  1.00 34.83 ? 138 ILE A O   1 
ATOM   1096 C CB  . ILE A 1 138 ? 3.792   9.629   10.708  1.00 35.59 ? 138 ILE A CB  1 
ATOM   1097 C CG1 . ILE A 1 138 ? 3.648   9.412   9.199   1.00 36.81 ? 138 ILE A CG1 1 
ATOM   1098 C CG2 . ILE A 1 138 ? 2.419   9.563   11.358  1.00 35.55 ? 138 ILE A CG2 1 
ATOM   1099 C CD1 . ILE A 1 138 ? 4.951   9.465   8.426   1.00 36.86 ? 138 ILE A CD1 1 
ATOM   1100 N N   . SER A 1 139 ? 4.688   11.050  13.412  1.00 36.05 ? 139 SER A N   1 
ATOM   1101 C CA  . SER A 1 139 ? 4.347   11.475  14.766  1.00 37.77 ? 139 SER A CA  1 
ATOM   1102 C C   . SER A 1 139 ? 4.402   12.992  14.869  1.00 39.02 ? 139 SER A C   1 
ATOM   1103 O O   . SER A 1 139 ? 3.577   13.614  15.541  1.00 39.08 ? 139 SER A O   1 
ATOM   1104 C CB  . SER A 1 139 ? 5.312   10.861  15.780  1.00 37.87 ? 139 SER A CB  1 
ATOM   1105 O OG  . SER A 1 139 ? 5.141   9.460   15.855  1.00 37.65 ? 139 SER A OG  1 
ATOM   1106 N N   . HIS A 1 140 ? 5.383   13.584  14.199  1.00 40.04 ? 140 HIS A N   1 
ATOM   1107 C CA  . HIS A 1 140 ? 5.542   15.027  14.208  1.00 42.12 ? 140 HIS A CA  1 
ATOM   1108 C C   . HIS A 1 140 ? 5.006   15.587  12.894  1.00 43.64 ? 140 HIS A C   1 
ATOM   1109 O O   . HIS A 1 140 ? 5.692   16.321  12.181  1.00 43.92 ? 140 HIS A O   1 
ATOM   1110 C CB  . HIS A 1 140 ? 7.018   15.386  14.382  1.00 42.54 ? 140 HIS A CB  1 
ATOM   1111 C CG  . HIS A 1 140 ? 7.670   14.706  15.545  1.00 43.36 ? 140 HIS A CG  1 
ATOM   1112 N ND1 . HIS A 1 140 ? 7.942   13.355  15.559  1.00 42.97 ? 140 HIS A ND1 1 
ATOM   1113 C CD2 . HIS A 1 140 ? 8.077   15.183  16.745  1.00 43.93 ? 140 HIS A CD2 1 
ATOM   1114 C CE1 . HIS A 1 140 ? 8.489   13.029  16.717  1.00 43.00 ? 140 HIS A CE1 1 
ATOM   1115 N NE2 . HIS A 1 140 ? 8.582   14.121  17.455  1.00 44.06 ? 140 HIS A NE2 1 
ATOM   1116 N N   . GLY A 1 141 ? 3.768   15.219  12.582  1.00 44.92 ? 141 GLY A N   1 
ATOM   1117 C CA  . GLY A 1 141 ? 3.133   15.676  11.363  1.00 47.04 ? 141 GLY A CA  1 
ATOM   1118 C C   . GLY A 1 141 ? 1.664   15.304  11.336  1.00 48.56 ? 141 GLY A C   1 
ATOM   1119 O O   . GLY A 1 141 ? 1.309   14.173  10.997  1.00 49.67 ? 141 GLY A O   1 
ATOM   1120 N N   . THR A 1 142 ? 0.811   16.260  11.703  1.00 50.08 ? 142 THR A N   1 
ATOM   1121 C CA  . THR A 1 142 ? -0.637  16.065  11.724  1.00 50.89 ? 142 THR A CA  1 
ATOM   1122 C C   . THR A 1 142 ? -1.092  15.210  12.905  1.00 51.31 ? 142 THR A C   1 
ATOM   1123 O O   . THR A 1 142 ? -1.509  14.057  12.672  1.00 51.56 ? 142 THR A O   1 
ATOM   1124 C CB  . THR A 1 142 ? -1.104  15.443  10.408  1.00 51.25 ? 142 THR A CB  1 
HETATM 1125 O O   . HOH B 2 .   ? 2.456   -11.850 -2.726  1.00 34.74 ? 201 HOH A O   1 
HETATM 1126 O O   . HOH B 2 .   ? -2.038  -0.876  -7.317  1.00 13.33 ? 202 HOH A O   1 
HETATM 1127 O O   . HOH B 2 .   ? -2.952  -4.126  -10.765 1.00 11.77 ? 203 HOH A O   1 
HETATM 1128 O O   . HOH B 2 .   ? -7.070  17.859  -1.717  1.00 43.06 ? 204 HOH A O   1 
HETATM 1129 O O   . HOH B 2 .   ? -3.880  9.922   -3.585  1.00 16.67 ? 205 HOH A O   1 
HETATM 1130 O O   . HOH B 2 .   ? 10.197  -15.768 3.670   1.00 38.46 ? 206 HOH A O   1 
HETATM 1131 O O   . HOH B 2 .   ? -2.397  6.870   -5.130  1.00 30.82 ? 207 HOH A O   1 
HETATM 1132 O O   . HOH B 2 .   ? -15.887 14.889  14.105  1.00 32.82 ? 208 HOH A O   1 
HETATM 1133 O O   . HOH B 2 .   ? -13.137 11.968  0.648   1.00 31.44 ? 209 HOH A O   1 
HETATM 1134 O O   . HOH B 2 .   ? -7.389  19.939  0.324   1.00 37.40 ? 210 HOH A O   1 
HETATM 1135 O O   . HOH B 2 .   ? -10.752 -11.813 -0.109  1.00 20.19 ? 211 HOH A O   1 
HETATM 1136 O O   . HOH B 2 .   ? 0.409   5.567   11.604  1.00 23.42 ? 212 HOH A O   1 
HETATM 1137 O O   . HOH B 2 .   ? -0.035  -10.976 -14.081 1.00 28.47 ? 213 HOH A O   1 
HETATM 1138 O O   . HOH B 2 .   ? -3.702  -2.648  -8.194  1.00 14.54 ? 214 HOH A O   1 
HETATM 1139 O O   . HOH B 2 .   ? -3.818  9.988   2.279   1.00 14.56 ? 215 HOH A O   1 
HETATM 1140 O O   . HOH B 2 .   ? 4.487   -14.934 -15.159 1.00 42.35 ? 216 HOH A O   1 
HETATM 1141 O O   . HOH B 2 .   ? 3.515   -1.651  11.530  1.00 32.88 ? 217 HOH A O   1 
HETATM 1142 O O   . HOH B 2 .   ? -0.744  2.762   11.275  1.00 25.72 ? 218 HOH A O   1 
HETATM 1143 O O   . HOH B 2 .   ? -9.975  -4.412  7.359   1.00 54.40 ? 219 HOH A O   1 
HETATM 1144 O O   . HOH B 2 .   ? -13.802 6.154   5.260   1.00 35.58 ? 220 HOH A O   1 
HETATM 1145 O O   . HOH B 2 .   ? -12.320 9.820   1.889   1.00 51.75 ? 221 HOH A O   1 
HETATM 1146 O O   . HOH B 2 .   ? -1.731  1.626   -8.208  1.00 27.43 ? 222 HOH A O   1 
HETATM 1147 O O   . HOH B 2 .   ? -5.223  -15.688 -18.154 1.00 35.02 ? 223 HOH A O   1 
HETATM 1148 O O   . HOH B 2 .   ? -2.443  9.777   -6.101  1.00 57.08 ? 224 HOH A O   1 
HETATM 1149 O O   . HOH B 2 .   ? 16.056  13.075  3.019   1.00 46.70 ? 225 HOH A O   1 
HETATM 1150 O O   . HOH B 2 .   ? 8.570   2.253   -12.863 1.00 42.62 ? 226 HOH A O   1 
HETATM 1151 O O   . HOH B 2 .   ? -3.830  10.192  11.231  1.00 23.36 ? 227 HOH A O   1 
HETATM 1152 O O   . HOH B 2 .   ? 9.684   -10.039 4.121   1.00 32.40 ? 228 HOH A O   1 
HETATM 1153 O O   . HOH B 2 .   ? 1.380   -10.638 4.171   1.00 33.40 ? 229 HOH A O   1 
HETATM 1154 O O   . HOH B 2 .   ? 3.513   14.497  -1.442  1.00 29.87 ? 230 HOH A O   1 
HETATM 1155 O O   . HOH B 2 .   ? -2.693  12.558  1.928   1.00 30.22 ? 231 HOH A O   1 
HETATM 1156 O O   . HOH B 2 .   ? -15.682 4.757   -5.621  1.00 46.24 ? 232 HOH A O   1 
HETATM 1157 O O   . HOH B 2 .   ? -16.045 14.262  -1.846  1.00 47.65 ? 233 HOH A O   1 
HETATM 1158 O O   . HOH B 2 .   ? 3.189   12.439  5.293   1.00 33.05 ? 234 HOH A O   1 
HETATM 1159 O O   . HOH B 2 .   ? 5.991   14.877  -2.127  1.00 70.93 ? 235 HOH A O   1 
HETATM 1160 O O   . HOH B 2 .   ? 16.139  3.790   -1.957  1.00 34.04 ? 236 HOH A O   1 
HETATM 1161 O O   . HOH B 2 .   ? -7.129  -11.813 -20.156 1.00 28.92 ? 237 HOH A O   1 
HETATM 1162 O O   . HOH B 2 .   ? -14.990 -10.501 -7.385  1.00 35.21 ? 238 HOH A O   1 
HETATM 1163 O O   . HOH B 2 .   ? -11.475 -12.009 -8.775  1.00 28.21 ? 239 HOH A O   1 
HETATM 1164 O O   . HOH B 2 .   ? -0.291  11.127  8.552   1.00 30.25 ? 240 HOH A O   1 
HETATM 1165 O O   . HOH B 2 .   ? 12.297  -1.047  8.486   1.00 25.67 ? 241 HOH A O   1 
HETATM 1166 O O   . HOH B 2 .   ? 12.652  -11.358 -4.797  1.00 45.97 ? 242 HOH A O   1 
HETATM 1167 O O   . HOH B 2 .   ? 10.957  -8.461  -6.450  1.00 28.22 ? 243 HOH A O   1 
HETATM 1168 O O   . HOH B 2 .   ? 14.537  5.213   6.427   1.00 21.19 ? 244 HOH A O   1 
HETATM 1169 O O   . HOH B 2 .   ? 16.678  5.310   4.344   1.00 39.92 ? 245 HOH A O   1 
HETATM 1170 O O   . HOH B 2 .   ? 5.992   -1.323  12.252  1.00 44.11 ? 246 HOH A O   1 
HETATM 1171 O O   . HOH B 2 .   ? 6.779   -3.874  12.762  1.00 31.10 ? 247 HOH A O   1 
HETATM 1172 O O   . HOH B 2 .   ? 10.461  5.384   15.758  1.00 38.26 ? 248 HOH A O   1 
HETATM 1173 O O   . HOH B 2 .   ? -11.896 4.228   -1.477  1.00 48.20 ? 249 HOH A O   1 
HETATM 1174 O O   . HOH B 2 .   ? -2.498  -15.316 -15.450 1.00 28.98 ? 250 HOH A O   1 
HETATM 1175 O O   . HOH B 2 .   ? 13.763  -10.611 5.402   1.00 44.33 ? 251 HOH A O   1 
HETATM 1176 O O   . HOH B 2 .   ? 11.566  -12.089 -0.770  1.00 34.32 ? 252 HOH A O   1 
HETATM 1177 O O   . HOH B 2 .   ? 2.222   -5.796  14.582  1.00 39.19 ? 253 HOH A O   1 
HETATM 1178 O O   . HOH B 2 .   ? -10.101 -8.214  -11.866 1.00 31.76 ? 254 HOH A O   1 
HETATM 1179 O O   . HOH B 2 .   ? 0.187   -10.552 -6.399  1.00 48.44 ? 255 HOH A O   1 
HETATM 1180 O O   . HOH B 2 .   ? 2.131   -4.434  -12.663 1.00 26.03 ? 256 HOH A O   1 
HETATM 1181 O O   . HOH B 2 .   ? 6.235   2.470   -14.607 1.00 45.48 ? 257 HOH A O   1 
HETATM 1182 O O   . HOH B 2 .   ? 1.922   0.975   -13.378 1.00 52.97 ? 258 HOH A O   1 
HETATM 1183 O O   . HOH B 2 .   ? 15.990  -2.039  -13.969 1.00 50.37 ? 259 HOH A O   1 
HETATM 1184 O O   . HOH B 2 .   ? 12.819  0.737   -17.224 1.00 40.57 ? 260 HOH A O   1 
HETATM 1185 O O   . HOH B 2 .   ? 7.846   5.933   -11.648 1.00 44.48 ? 261 HOH A O   1 
HETATM 1186 O O   . HOH B 2 .   ? 1.110   4.328   -7.702  1.00 23.45 ? 262 HOH A O   1 
HETATM 1187 O O   . HOH B 2 .   ? -13.159 17.197  -3.953  1.00 40.82 ? 263 HOH A O   1 
HETATM 1188 O O   . HOH B 2 .   ? -0.438  -8.456  -14.935 1.00 39.98 ? 264 HOH A O   1 
HETATM 1189 O O   . HOH B 2 .   ? -11.561 3.137   -18.330 1.00 39.52 ? 265 HOH A O   1 
HETATM 1190 O O   . HOH B 2 .   ? -9.380  1.978   -21.195 1.00 45.77 ? 266 HOH A O   1 
HETATM 1191 O O   . HOH B 2 .   ? -10.361 0.316   -14.365 1.00 26.19 ? 267 HOH A O   1 
HETATM 1192 O O   . HOH B 2 .   ? -15.801 6.419   -3.579  1.00 57.18 ? 268 HOH A O   1 
HETATM 1193 O O   . HOH B 2 .   ? -13.272 3.793   7.632   1.00 38.29 ? 269 HOH A O   1 
# 
